data_5KA5
# 
_entry.id   5KA5 
# 
_audit_conform.dict_name       mmcif_pdbx.dic 
_audit_conform.dict_version    5.379 
_audit_conform.dict_location   http://mmcif.pdb.org/dictionaries/ascii/mmcif_pdbx.dic 
# 
loop_
_database_2.database_id 
_database_2.database_code 
_database_2.pdbx_database_accession 
_database_2.pdbx_DOI 
PDB   5KA5         pdb_00005ka5 10.2210/pdb5ka5/pdb 
WWPDB D_1000221884 ?            ?                   
# 
_pdbx_database_related.db_name        PDB 
_pdbx_database_related.details        . 
_pdbx_database_related.db_id          5KA6 
_pdbx_database_related.content_type   unspecified 
# 
_pdbx_database_status.status_code                     REL 
_pdbx_database_status.status_code_sf                  REL 
_pdbx_database_status.status_code_mr                  ? 
_pdbx_database_status.entry_id                        5KA5 
_pdbx_database_status.recvd_initial_deposition_date   2016-06-01 
_pdbx_database_status.SG_entry                        N 
_pdbx_database_status.deposit_site                    RCSB 
_pdbx_database_status.process_site                    RCSB 
_pdbx_database_status.status_code_cs                  ? 
_pdbx_database_status.methods_development_category    ? 
_pdbx_database_status.pdb_format_compatible           Y 
_pdbx_database_status.status_code_nmr_data            ? 
# 
loop_
_audit_author.name 
_audit_author.pdbx_ordinal 
'Bhardwaj, A.'  1 
'Khasnis, M.D.' 2 
'Halkidis, K.'  3 
'Root, M.J.'    4 
# 
_citation.abstract                  ? 
_citation.abstract_id_CAS           ? 
_citation.book_id_ISBN              ? 
_citation.book_publisher            ? 
_citation.book_publisher_city       ? 
_citation.book_title                ? 
_citation.coordinate_linkage        ? 
_citation.country                   US 
_citation.database_id_Medline       ? 
_citation.details                   ? 
_citation.id                        primary 
_citation.journal_abbrev            'PLoS Pathog.' 
_citation.journal_id_ASTM           ? 
_citation.journal_id_CSD            ? 
_citation.journal_id_ISSN           1553-7374 
_citation.journal_full              ? 
_citation.journal_issue             ? 
_citation.journal_volume            12 
_citation.language                  ? 
_citation.page_first                e1006098 
_citation.page_last                 e1006098 
_citation.title                     'Receptor Activation of HIV-1 Env Leads to Asymmetric Exposure of the gp41 Trimer.' 
_citation.year                      2016 
_citation.database_id_CSD           ? 
_citation.pdbx_database_id_DOI      10.1371/journal.ppat.1006098 
_citation.pdbx_database_id_PubMed   27992602 
_citation.unpublished_flag          ? 
# 
loop_
_citation_author.citation_id 
_citation_author.name 
_citation_author.ordinal 
_citation_author.identifier_ORCID 
primary 'Khasnis, M.D.' 1 ? 
primary 'Halkidis, K.'  2 ? 
primary 'Bhardwaj, A.'  3 ? 
primary 'Root, M.J.'    4 ? 
# 
_cell.entry_id           5KA5 
_cell.length_a           40.716 
_cell.length_b           40.716 
_cell.length_c           115.521 
_cell.angle_alpha        90.00 
_cell.angle_beta         90.00 
_cell.angle_gamma        120.00 
_cell.Z_PDB              9 
_cell.pdbx_unique_axis   ? 
# 
_symmetry.entry_id                         5KA5 
_symmetry.space_group_name_H-M             'H 3' 
_symmetry.pdbx_full_space_group_name_H-M   ? 
_symmetry.cell_setting                     ? 
_symmetry.Int_Tables_number                146 
# 
loop_
_entity.id 
_entity.type 
_entity.src_method 
_entity.pdbx_description 
_entity.formula_weight 
_entity.pdbx_number_of_molecules 
_entity.pdbx_ec 
_entity.pdbx_mutation 
_entity.pdbx_fragment 
_entity.details 
1 polymer man 'Transmembrane glycoprotein gp41' 10615.807 1  ? V549E 'UNP residues 543-582 and 625-661 linked via GGRGG' ? 
2 water   nat water                             18.015    32 ? ?     ?                                                   ? 
# 
_entity_name_com.entity_id   1 
_entity_name_com.name        'Glycoprotein 41' 
# 
_entity_poly.entity_id                      1 
_entity_poly.type                           'polypeptide(L)' 
_entity_poly.nstd_linkage                   no 
_entity_poly.nstd_monomer                   no 
_entity_poly.pdbx_seq_one_letter_code       
;MQLLSGIEQQQNNLLRAIEAQQHLLQLTVWGIKQLQARILAGGRGGHTTWMEWDREINNYTSLIHSLIEESQNQQEKNEQ
ELLGGHHHHHH
;
_entity_poly.pdbx_seq_one_letter_code_can   
;MQLLSGIEQQQNNLLRAIEAQQHLLQLTVWGIKQLQARILAGGRGGHTTWMEWDREINNYTSLIHSLIEESQNQQEKNEQ
ELLGGHHHHHH
;
_entity_poly.pdbx_strand_id                 A 
_entity_poly.pdbx_target_identifier         ? 
# 
loop_
_entity_poly_seq.entity_id 
_entity_poly_seq.num 
_entity_poly_seq.mon_id 
_entity_poly_seq.hetero 
1 1  MET n 
1 2  GLN n 
1 3  LEU n 
1 4  LEU n 
1 5  SER n 
1 6  GLY n 
1 7  ILE n 
1 8  GLU n 
1 9  GLN n 
1 10 GLN n 
1 11 GLN n 
1 12 ASN n 
1 13 ASN n 
1 14 LEU n 
1 15 LEU n 
1 16 ARG n 
1 17 ALA n 
1 18 ILE n 
1 19 GLU n 
1 20 ALA n 
1 21 GLN n 
1 22 GLN n 
1 23 HIS n 
1 24 LEU n 
1 25 LEU n 
1 26 GLN n 
1 27 LEU n 
1 28 THR n 
1 29 VAL n 
1 30 TRP n 
1 31 GLY n 
1 32 ILE n 
1 33 LYS n 
1 34 GLN n 
1 35 LEU n 
1 36 GLN n 
1 37 ALA n 
1 38 ARG n 
1 39 ILE n 
1 40 LEU n 
1 41 ALA n 
1 42 GLY n 
1 43 GLY n 
1 44 ARG n 
1 45 GLY n 
1 46 GLY n 
1 47 HIS n 
1 48 THR n 
1 49 THR n 
1 50 TRP n 
1 51 MET n 
1 52 GLU n 
1 53 TRP n 
1 54 ASP n 
1 55 ARG n 
1 56 GLU n 
1 57 ILE n 
1 58 ASN n 
1 59 ASN n 
1 60 TYR n 
1 61 THR n 
1 62 SER n 
1 63 LEU n 
1 64 ILE n 
1 65 HIS n 
1 66 SER n 
1 67 LEU n 
1 68 ILE n 
1 69 GLU n 
1 70 GLU n 
1 71 SER n 
1 72 GLN n 
1 73 ASN n 
1 74 GLN n 
1 75 GLN n 
1 76 GLU n 
1 77 LYS n 
1 78 ASN n 
1 79 GLU n 
1 80 GLN n 
1 81 GLU n 
1 82 LEU n 
1 83 LEU n 
1 84 GLY n 
1 85 GLY n 
1 86 HIS n 
1 87 HIS n 
1 88 HIS n 
1 89 HIS n 
1 90 HIS n 
1 91 HIS n 
# 
_entity_src_gen.entity_id                          1 
_entity_src_gen.pdbx_src_id                        1 
_entity_src_gen.pdbx_alt_source_flag               sample 
_entity_src_gen.pdbx_seq_type                      'Biological sequence' 
_entity_src_gen.pdbx_beg_seq_num                   1 
_entity_src_gen.pdbx_end_seq_num                   45 
_entity_src_gen.gene_src_common_name               HIV-1 
_entity_src_gen.gene_src_genus                     ? 
_entity_src_gen.pdbx_gene_src_gene                 env 
_entity_src_gen.gene_src_species                   ? 
_entity_src_gen.gene_src_strain                    'isolate HXB2' 
_entity_src_gen.gene_src_tissue                    ? 
_entity_src_gen.gene_src_tissue_fraction           ? 
_entity_src_gen.gene_src_details                   ? 
_entity_src_gen.pdbx_gene_src_fragment             ? 
_entity_src_gen.pdbx_gene_src_scientific_name      'Human immunodeficiency virus type 1' 
_entity_src_gen.pdbx_gene_src_ncbi_taxonomy_id     11676 
_entity_src_gen.pdbx_gene_src_variant              ? 
_entity_src_gen.pdbx_gene_src_cell_line            ? 
_entity_src_gen.pdbx_gene_src_atcc                 ? 
_entity_src_gen.pdbx_gene_src_organ                ? 
_entity_src_gen.pdbx_gene_src_organelle            ? 
_entity_src_gen.pdbx_gene_src_cell                 ? 
_entity_src_gen.pdbx_gene_src_cellular_location    ? 
_entity_src_gen.host_org_common_name               ? 
_entity_src_gen.pdbx_host_org_scientific_name      'Escherichia coli' 
_entity_src_gen.pdbx_host_org_ncbi_taxonomy_id     562 
_entity_src_gen.host_org_genus                     ? 
_entity_src_gen.pdbx_host_org_gene                 ? 
_entity_src_gen.pdbx_host_org_organ                ? 
_entity_src_gen.host_org_species                   ? 
_entity_src_gen.pdbx_host_org_tissue               ? 
_entity_src_gen.pdbx_host_org_tissue_fraction      ? 
_entity_src_gen.pdbx_host_org_strain               RP3098 
_entity_src_gen.pdbx_host_org_variant              ? 
_entity_src_gen.pdbx_host_org_cell_line            ? 
_entity_src_gen.pdbx_host_org_atcc                 ? 
_entity_src_gen.pdbx_host_org_culture_collection   ? 
_entity_src_gen.pdbx_host_org_cell                 ? 
_entity_src_gen.pdbx_host_org_organelle            ? 
_entity_src_gen.pdbx_host_org_cellular_location    ? 
_entity_src_gen.pdbx_host_org_vector_type          Plasmid 
_entity_src_gen.pdbx_host_org_vector               ? 
_entity_src_gen.host_org_details                   ? 
_entity_src_gen.expression_system_id               ? 
_entity_src_gen.plasmid_name                       P4 
_entity_src_gen.plasmid_details                    ? 
_entity_src_gen.pdbx_description                   ? 
# 
loop_
_struct_ref.id 
_struct_ref.db_name 
_struct_ref.db_code 
_struct_ref.pdbx_db_accession 
_struct_ref.pdbx_db_isoform 
_struct_ref.entity_id 
_struct_ref.pdbx_seq_one_letter_code 
_struct_ref.pdbx_align_begin 
1 UNP ENV_HV1H2 P04578 ? 1 QLLSGIVQQQNNLLRAIEAQQHLLQLTVWGIKQLQARILA 543 
2 UNP ENV_HV1H2 P04578 ? 1 HTTWMEWDREINNYTSLIHSLIEESQNQQEKNEQELL    625 
# 
loop_
_struct_ref_seq.align_id 
_struct_ref_seq.ref_id 
_struct_ref_seq.pdbx_PDB_id_code 
_struct_ref_seq.pdbx_strand_id 
_struct_ref_seq.seq_align_beg 
_struct_ref_seq.pdbx_seq_align_beg_ins_code 
_struct_ref_seq.seq_align_end 
_struct_ref_seq.pdbx_seq_align_end_ins_code 
_struct_ref_seq.pdbx_db_accession 
_struct_ref_seq.db_align_beg 
_struct_ref_seq.pdbx_db_align_beg_ins_code 
_struct_ref_seq.db_align_end 
_struct_ref_seq.pdbx_db_align_end_ins_code 
_struct_ref_seq.pdbx_auth_seq_align_beg 
_struct_ref_seq.pdbx_auth_seq_align_end 
1 1 5KA5 A 2  ? 41 ? P04578 543 ? 582 ? 543 619 
2 2 5KA5 A 47 ? 83 ? P04578 625 ? 661 ? 625 661 
# 
loop_
_struct_ref_seq_dif.align_id 
_struct_ref_seq_dif.pdbx_pdb_id_code 
_struct_ref_seq_dif.mon_id 
_struct_ref_seq_dif.pdbx_pdb_strand_id 
_struct_ref_seq_dif.seq_num 
_struct_ref_seq_dif.pdbx_pdb_ins_code 
_struct_ref_seq_dif.pdbx_seq_db_name 
_struct_ref_seq_dif.pdbx_seq_db_accession_code 
_struct_ref_seq_dif.db_mon_id 
_struct_ref_seq_dif.pdbx_seq_db_seq_num 
_struct_ref_seq_dif.details 
_struct_ref_seq_dif.pdbx_auth_seq_num 
_struct_ref_seq_dif.pdbx_ordinal 
1 5KA5 MET A 1  ? UNP P04578 ?   ?   'initiating methionine' 542 1  
1 5KA5 GLU A 8  ? UNP P04578 VAL 549 'engineered mutation'   549 2  
1 5KA5 GLY A 42 ? UNP P04578 ?   ?   linker                  620 3  
1 5KA5 GLY A 43 ? UNP P04578 ?   ?   linker                  621 4  
1 5KA5 ARG A 44 ? UNP P04578 ?   ?   linker                  622 5  
1 5KA5 GLY A 45 ? UNP P04578 ?   ?   linker                  623 6  
1 5KA5 GLY A 46 ? UNP P04578 ?   ?   linker                  624 7  
2 5KA5 GLY A 84 ? UNP P04578 ?   ?   'expression tag'        662 8  
2 5KA5 GLY A 85 ? UNP P04578 ?   ?   'expression tag'        663 9  
2 5KA5 HIS A 86 ? UNP P04578 ?   ?   'expression tag'        664 10 
2 5KA5 HIS A 87 ? UNP P04578 ?   ?   'expression tag'        665 11 
2 5KA5 HIS A 88 ? UNP P04578 ?   ?   'expression tag'        666 12 
2 5KA5 HIS A 89 ? UNP P04578 ?   ?   'expression tag'        667 13 
2 5KA5 HIS A 90 ? UNP P04578 ?   ?   'expression tag'        668 14 
2 5KA5 HIS A 91 ? UNP P04578 ?   ?   'expression tag'        669 15 
# 
loop_
_chem_comp.id 
_chem_comp.type 
_chem_comp.mon_nstd_flag 
_chem_comp.name 
_chem_comp.pdbx_synonyms 
_chem_comp.formula 
_chem_comp.formula_weight 
ALA 'L-peptide linking' y ALANINE         ? 'C3 H7 N O2'     89.093  
ARG 'L-peptide linking' y ARGININE        ? 'C6 H15 N4 O2 1' 175.209 
ASN 'L-peptide linking' y ASPARAGINE      ? 'C4 H8 N2 O3'    132.118 
ASP 'L-peptide linking' y 'ASPARTIC ACID' ? 'C4 H7 N O4'     133.103 
GLN 'L-peptide linking' y GLUTAMINE       ? 'C5 H10 N2 O3'   146.144 
GLU 'L-peptide linking' y 'GLUTAMIC ACID' ? 'C5 H9 N O4'     147.129 
GLY 'peptide linking'   y GLYCINE         ? 'C2 H5 N O2'     75.067  
HIS 'L-peptide linking' y HISTIDINE       ? 'C6 H10 N3 O2 1' 156.162 
HOH non-polymer         . WATER           ? 'H2 O'           18.015  
ILE 'L-peptide linking' y ISOLEUCINE      ? 'C6 H13 N O2'    131.173 
LEU 'L-peptide linking' y LEUCINE         ? 'C6 H13 N O2'    131.173 
LYS 'L-peptide linking' y LYSINE          ? 'C6 H15 N2 O2 1' 147.195 
MET 'L-peptide linking' y METHIONINE      ? 'C5 H11 N O2 S'  149.211 
SER 'L-peptide linking' y SERINE          ? 'C3 H7 N O3'     105.093 
THR 'L-peptide linking' y THREONINE       ? 'C4 H9 N O3'     119.119 
TRP 'L-peptide linking' y TRYPTOPHAN      ? 'C11 H12 N2 O2'  204.225 
TYR 'L-peptide linking' y TYROSINE        ? 'C9 H11 N O3'    181.189 
VAL 'L-peptide linking' y VALINE          ? 'C5 H11 N O2'    117.146 
# 
_exptl.absorpt_coefficient_mu     ? 
_exptl.absorpt_correction_T_max   ? 
_exptl.absorpt_correction_T_min   ? 
_exptl.absorpt_correction_type    ? 
_exptl.absorpt_process_details    ? 
_exptl.entry_id                   5KA5 
_exptl.crystals_number            1 
_exptl.details                    ? 
_exptl.method                     'X-RAY DIFFRACTION' 
_exptl.method_details             ? 
# 
_exptl_crystal.colour                      ? 
_exptl_crystal.density_diffrn              ? 
_exptl_crystal.density_Matthews            1.8 
_exptl_crystal.density_method              ? 
_exptl_crystal.density_percent_sol         31.7 
_exptl_crystal.description                 ? 
_exptl_crystal.F_000                       ? 
_exptl_crystal.id                          1 
_exptl_crystal.preparation                 ? 
_exptl_crystal.size_max                    ? 
_exptl_crystal.size_mid                    ? 
_exptl_crystal.size_min                    ? 
_exptl_crystal.size_rad                    ? 
_exptl_crystal.colour_lustre               ? 
_exptl_crystal.colour_modifier             ? 
_exptl_crystal.colour_primary              ? 
_exptl_crystal.density_meas                ? 
_exptl_crystal.density_meas_esd            ? 
_exptl_crystal.density_meas_gt             ? 
_exptl_crystal.density_meas_lt             ? 
_exptl_crystal.density_meas_temp           ? 
_exptl_crystal.density_meas_temp_esd       ? 
_exptl_crystal.density_meas_temp_gt        ? 
_exptl_crystal.density_meas_temp_lt        ? 
_exptl_crystal.pdbx_crystal_image_url      ? 
_exptl_crystal.pdbx_crystal_image_format   ? 
_exptl_crystal.pdbx_mosaicity              ? 
_exptl_crystal.pdbx_mosaicity_esd          ? 
# 
_exptl_crystal_grow.apparatus       ? 
_exptl_crystal_grow.atmosphere      ? 
_exptl_crystal_grow.crystal_id      1 
_exptl_crystal_grow.details         ? 
_exptl_crystal_grow.method          'VAPOR DIFFUSION, HANGING DROP' 
_exptl_crystal_grow.method_ref      ? 
_exptl_crystal_grow.pH              4.5 
_exptl_crystal_grow.pressure        ? 
_exptl_crystal_grow.pressure_esd    ? 
_exptl_crystal_grow.seeding         ? 
_exptl_crystal_grow.seeding_ref     ? 
_exptl_crystal_grow.temp            291 
_exptl_crystal_grow.temp_details    ? 
_exptl_crystal_grow.temp_esd        ? 
_exptl_crystal_grow.time            ? 
_exptl_crystal_grow.pdbx_details    
;3M Sodium chloride, 0.1M Sodium Acetate
Sample concentration: 6 mg/ml
;
_exptl_crystal_grow.pdbx_pH_range   ? 
# 
_diffrn.ambient_environment    ? 
_diffrn.ambient_temp           100 
_diffrn.ambient_temp_details   ? 
_diffrn.ambient_temp_esd       ? 
_diffrn.crystal_id             1 
_diffrn.crystal_support        ? 
_diffrn.crystal_treatment      ? 
_diffrn.details                ? 
_diffrn.id                     1 
_diffrn.ambient_pressure       ? 
_diffrn.ambient_pressure_esd   ? 
_diffrn.ambient_pressure_gt    ? 
_diffrn.ambient_pressure_lt    ? 
_diffrn.ambient_temp_gt        ? 
_diffrn.ambient_temp_lt        ? 
# 
_diffrn_detector.details                      'Adjustable focus K-B pair Si plus Pt, Rh coatings' 
_diffrn_detector.detector                     CCD 
_diffrn_detector.diffrn_id                    1 
_diffrn_detector.type                         'MARMOSAIC 300 mm CCD' 
_diffrn_detector.area_resol_mean              ? 
_diffrn_detector.dtime                        ? 
_diffrn_detector.pdbx_frames_total            ? 
_diffrn_detector.pdbx_collection_time_total   ? 
_diffrn_detector.pdbx_collection_date         2012-12-10 
# 
_diffrn_radiation.collimation                      ? 
_diffrn_radiation.diffrn_id                        1 
_diffrn_radiation.filter_edge                      ? 
_diffrn_radiation.inhomogeneity                    ? 
_diffrn_radiation.monochromator                    'Double crystal cryo-cooled Si(111)' 
_diffrn_radiation.polarisn_norm                    ? 
_diffrn_radiation.polarisn_ratio                   ? 
_diffrn_radiation.probe                            ? 
_diffrn_radiation.type                             ? 
_diffrn_radiation.xray_symbol                      ? 
_diffrn_radiation.wavelength_id                    1 
_diffrn_radiation.pdbx_monochromatic_or_laue_m_l   M 
_diffrn_radiation.pdbx_wavelength_list             ? 
_diffrn_radiation.pdbx_wavelength                  ? 
_diffrn_radiation.pdbx_diffrn_protocol             'SINGLE WAVELENGTH' 
_diffrn_radiation.pdbx_analyzer                    ? 
_diffrn_radiation.pdbx_scattering_type             x-ray 
# 
_diffrn_radiation_wavelength.id           1 
_diffrn_radiation_wavelength.wavelength   1.03320 
_diffrn_radiation_wavelength.wt           1.0 
# 
_diffrn_source.current                     ? 
_diffrn_source.details                     ? 
_diffrn_source.diffrn_id                   1 
_diffrn_source.power                       ? 
_diffrn_source.size                        ? 
_diffrn_source.source                      SYNCHROTRON 
_diffrn_source.target                      ? 
_diffrn_source.type                        'APS BEAMLINE 23-ID-B' 
_diffrn_source.voltage                     ? 
_diffrn_source.take-off_angle              ? 
_diffrn_source.pdbx_wavelength_list        1.03320 
_diffrn_source.pdbx_wavelength             ? 
_diffrn_source.pdbx_synchrotron_beamline   23-ID-B 
_diffrn_source.pdbx_synchrotron_site       APS 
# 
_reflns.B_iso_Wilson_estimate            ? 
_reflns.entry_id                         5KA5 
_reflns.data_reduction_details           ? 
_reflns.data_reduction_method            ? 
_reflns.d_resolution_high                1.8 
_reflns.d_resolution_low                 18 
_reflns.details                          ? 
_reflns.limit_h_max                      ? 
_reflns.limit_h_min                      ? 
_reflns.limit_k_max                      ? 
_reflns.limit_k_min                      ? 
_reflns.limit_l_max                      ? 
_reflns.limit_l_min                      ? 
_reflns.number_all                       ? 
_reflns.number_obs                       13238 
_reflns.observed_criterion               ? 
_reflns.observed_criterion_F_max         ? 
_reflns.observed_criterion_F_min         ? 
_reflns.observed_criterion_I_max         ? 
_reflns.observed_criterion_I_min         ? 
_reflns.observed_criterion_sigma_F       ? 
_reflns.observed_criterion_sigma_I       ? 
_reflns.percent_possible_obs             99.8 
_reflns.R_free_details                   ? 
_reflns.Rmerge_F_all                     ? 
_reflns.Rmerge_F_obs                     ? 
_reflns.Friedel_coverage                 ? 
_reflns.number_gt                        ? 
_reflns.threshold_expression             ? 
_reflns.pdbx_redundancy                  2.8 
_reflns.pdbx_Rmerge_I_obs                0.064 
_reflns.pdbx_Rmerge_I_all                ? 
_reflns.pdbx_Rsym_value                  ? 
_reflns.pdbx_netI_over_av_sigmaI         ? 
_reflns.pdbx_netI_over_sigmaI            6.3 
_reflns.pdbx_res_netI_over_av_sigmaI_2   ? 
_reflns.pdbx_res_netI_over_sigmaI_2      ? 
_reflns.pdbx_chi_squared                 ? 
_reflns.pdbx_scaling_rejects             ? 
_reflns.pdbx_d_res_high_opt              ? 
_reflns.pdbx_d_res_low_opt               ? 
_reflns.pdbx_d_res_opt_method            ? 
_reflns.phase_calculation_details        ? 
_reflns.pdbx_Rrim_I_all                  ? 
_reflns.pdbx_Rpim_I_all                  ? 
_reflns.pdbx_d_opt                       ? 
_reflns.pdbx_number_measured_all         ? 
_reflns.pdbx_diffrn_id                   1 
_reflns.pdbx_ordinal                     1 
_reflns.pdbx_CC_half                     0.997 
_reflns.pdbx_R_split                     ? 
# 
_reflns_shell.d_res_high                  1.8 
_reflns_shell.d_res_low                   1.85 
_reflns_shell.meanI_over_sigI_all         ? 
_reflns_shell.meanI_over_sigI_obs         1.3 
_reflns_shell.number_measured_all         ? 
_reflns_shell.number_measured_obs         ? 
_reflns_shell.number_possible             ? 
_reflns_shell.number_unique_all           ? 
_reflns_shell.number_unique_obs           ? 
_reflns_shell.percent_possible_all        99.5 
_reflns_shell.percent_possible_obs        ? 
_reflns_shell.Rmerge_F_all                ? 
_reflns_shell.Rmerge_F_obs                ? 
_reflns_shell.Rmerge_I_all                ? 
_reflns_shell.Rmerge_I_obs                0.597 
_reflns_shell.meanI_over_sigI_gt          ? 
_reflns_shell.meanI_over_uI_all           ? 
_reflns_shell.meanI_over_uI_gt            ? 
_reflns_shell.number_measured_gt          ? 
_reflns_shell.number_unique_gt            ? 
_reflns_shell.percent_possible_gt         ? 
_reflns_shell.Rmerge_F_gt                 ? 
_reflns_shell.Rmerge_I_gt                 ? 
_reflns_shell.pdbx_redundancy             2.8 
_reflns_shell.pdbx_Rsym_value             ? 
_reflns_shell.pdbx_chi_squared            ? 
_reflns_shell.pdbx_netI_over_sigmaI_all   ? 
_reflns_shell.pdbx_netI_over_sigmaI_obs   ? 
_reflns_shell.pdbx_Rrim_I_all             ? 
_reflns_shell.pdbx_Rpim_I_all             ? 
_reflns_shell.pdbx_rejects                ? 
_reflns_shell.pdbx_ordinal                1 
_reflns_shell.pdbx_diffrn_id              1 
_reflns_shell.pdbx_CC_half                ? 
_reflns_shell.pdbx_R_split                ? 
# 
_refine.pdbx_refine_id                           'X-RAY DIFFRACTION' 
_refine.entry_id                                 5KA5 
_refine.pdbx_diffrn_id                           1 
_refine.pdbx_TLS_residual_ADP_flag               ? 
_refine.ls_number_reflns_obs                     12745 
_refine.ls_number_reflns_all                     ? 
_refine.pdbx_ls_sigma_I                          ? 
_refine.pdbx_ls_sigma_F                          1.96 
_refine.pdbx_data_cutoff_high_absF               ? 
_refine.pdbx_data_cutoff_low_absF                ? 
_refine.pdbx_data_cutoff_high_rms_absF           ? 
_refine.ls_d_res_low                             17.998 
_refine.ls_d_res_high                            1.800 
_refine.ls_percent_reflns_obs                    96.16 
_refine.ls_R_factor_obs                          0.1939 
_refine.ls_R_factor_all                          ? 
_refine.ls_R_factor_R_work                       0.1871 
_refine.ls_R_factor_R_free                       0.2225 
_refine.ls_R_factor_R_free_error                 ? 
_refine.ls_R_factor_R_free_error_details         ? 
_refine.ls_percent_reflns_R_free                 10.50 
_refine.ls_number_reflns_R_free                  1292 
_refine.ls_number_parameters                     ? 
_refine.ls_number_restraints                     ? 
_refine.occupancy_min                            ? 
_refine.occupancy_max                            ? 
_refine.correlation_coeff_Fo_to_Fc               ? 
_refine.correlation_coeff_Fo_to_Fc_free          ? 
_refine.B_iso_mean                               ? 
_refine.aniso_B[1][1]                            ? 
_refine.aniso_B[2][2]                            ? 
_refine.aniso_B[3][3]                            ? 
_refine.aniso_B[1][2]                            ? 
_refine.aniso_B[1][3]                            ? 
_refine.aniso_B[2][3]                            ? 
_refine.solvent_model_details                    'FLAT BULK SOLVENT MODEL' 
_refine.solvent_model_param_ksol                 ? 
_refine.solvent_model_param_bsol                 ? 
_refine.pdbx_solvent_vdw_probe_radii             1.11 
_refine.pdbx_solvent_ion_probe_radii             ? 
_refine.pdbx_solvent_shrinkage_radii             0.90 
_refine.pdbx_ls_cross_valid_method               'FREE R-VALUE' 
_refine.details                                  ? 
_refine.pdbx_starting_model                      1AIK 
_refine.pdbx_method_to_determine_struct          'MOLECULAR REPLACEMENT' 
_refine.pdbx_isotropic_thermal_model             ? 
_refine.pdbx_stereochemistry_target_values       TWIN_LSQ_F 
_refine.pdbx_stereochem_target_val_spec_case     ? 
_refine.pdbx_R_Free_selection_details            ? 
_refine.pdbx_overall_ESU_R                       ? 
_refine.pdbx_overall_ESU_R_Free                  ? 
_refine.overall_SU_ML                            . 
_refine.pdbx_overall_phase_error                 30.25 
_refine.overall_SU_B                             ? 
_refine.overall_SU_R_Cruickshank_DPI             ? 
_refine.pdbx_overall_SU_R_free_Cruickshank_DPI   ? 
_refine.pdbx_overall_SU_R_Blow_DPI               ? 
_refine.pdbx_overall_SU_R_free_Blow_DPI          ? 
# 
_refine_hist.pdbx_refine_id                   'X-RAY DIFFRACTION' 
_refine_hist.cycle_id                         LAST 
_refine_hist.pdbx_number_atoms_protein        647 
_refine_hist.pdbx_number_atoms_nucleic_acid   0 
_refine_hist.pdbx_number_atoms_ligand         0 
_refine_hist.number_atoms_solvent             32 
_refine_hist.number_atoms_total               679 
_refine_hist.d_res_high                       1.800 
_refine_hist.d_res_low                        17.998 
# 
loop_
_refine_ls_restr.type 
_refine_ls_restr.dev_ideal 
_refine_ls_restr.dev_ideal_target 
_refine_ls_restr.weight 
_refine_ls_restr.number 
_refine_ls_restr.pdbx_refine_id 
_refine_ls_restr.pdbx_restraint_function 
f_bond_d           0.002  ? ? 655 'X-RAY DIFFRACTION' ? 
f_angle_d          0.321  ? ? 882 'X-RAY DIFFRACTION' ? 
f_dihedral_angle_d 16.595 ? ? 392 'X-RAY DIFFRACTION' ? 
f_chiral_restr     0.028  ? ? 96  'X-RAY DIFFRACTION' ? 
f_plane_restr      0.001  ? ? 116 'X-RAY DIFFRACTION' ? 
# 
loop_
_refine_ls_shell.pdbx_refine_id 
_refine_ls_shell.pdbx_total_number_of_bins_used 
_refine_ls_shell.d_res_high 
_refine_ls_shell.d_res_low 
_refine_ls_shell.number_reflns_R_work 
_refine_ls_shell.R_factor_R_work 
_refine_ls_shell.percent_reflns_obs 
_refine_ls_shell.R_factor_R_free 
_refine_ls_shell.R_factor_R_free_error 
_refine_ls_shell.percent_reflns_R_free 
_refine_ls_shell.number_reflns_R_free 
_refine_ls_shell.number_reflns_all 
_refine_ls_shell.R_factor_all 
_refine_ls_shell.R_factor_obs 
_refine_ls_shell.number_reflns_obs 
'X-RAY DIFFRACTION' . 1.8012 1.8732  1198 0.3105 81.00 0.3320 . . 137 . . . . 
'X-RAY DIFFRACTION' . 1.8732 1.9582  1245 0.2951 84.00 0.3227 . . 144 . . . . 
'X-RAY DIFFRACTION' . 1.9582 2.0611  1228 0.2759 85.00 0.2748 . . 140 . . . . 
'X-RAY DIFFRACTION' . 2.0611 2.1898  1223 0.2528 85.00 0.2833 . . 142 . . . . 
'X-RAY DIFFRACTION' . 2.1898 2.3582  1304 0.2302 87.00 0.2405 . . 146 . . . . 
'X-RAY DIFFRACTION' . 2.3582 2.5941  1268 0.2160 87.00 0.2332 . . 150 . . . . 
'X-RAY DIFFRACTION' . 2.5941 2.9664  1295 0.1865 88.00 0.2471 . . 153 . . . . 
'X-RAY DIFFRACTION' . 2.9664 3.7256  1327 0.1606 90.00 0.1791 . . 142 . . . . 
'X-RAY DIFFRACTION' . 3.7256 13.9889 1328 0.1467 90.00 0.2200 . . 138 . . . . 
# 
_struct.entry_id                     5KA5 
_struct.title                        'HIV-1 gp41 variant V549E resistance mutation' 
_struct.pdbx_model_details           ? 
_struct.pdbx_formula_weight          ? 
_struct.pdbx_formula_weight_method   ? 
_struct.pdbx_model_type_details      ? 
_struct.pdbx_CASP_flag               N 
# 
_struct_keywords.entry_id        5KA5 
_struct_keywords.text            'Hiv-1, membrane fusion, 5-helix, C-peptide, VIRAL PROTEIN' 
_struct_keywords.pdbx_keywords   'VIRAL PROTEIN' 
# 
loop_
_struct_asym.id 
_struct_asym.pdbx_blank_PDB_chainid_flag 
_struct_asym.pdbx_modified 
_struct_asym.entity_id 
_struct_asym.details 
A N N 1 ? 
B N N 2 ? 
# 
loop_
_struct_conf.conf_type_id 
_struct_conf.id 
_struct_conf.pdbx_PDB_helix_id 
_struct_conf.beg_label_comp_id 
_struct_conf.beg_label_asym_id 
_struct_conf.beg_label_seq_id 
_struct_conf.pdbx_beg_PDB_ins_code 
_struct_conf.end_label_comp_id 
_struct_conf.end_label_asym_id 
_struct_conf.end_label_seq_id 
_struct_conf.pdbx_end_PDB_ins_code 
_struct_conf.beg_auth_comp_id 
_struct_conf.beg_auth_asym_id 
_struct_conf.beg_auth_seq_id 
_struct_conf.end_auth_comp_id 
_struct_conf.end_auth_asym_id 
_struct_conf.end_auth_seq_id 
_struct_conf.pdbx_PDB_helix_class 
_struct_conf.details 
_struct_conf.pdbx_PDB_helix_length 
HELX_P HELX_P1 AA1 MET A 1  ? ALA A 37 ? MET A 542 ALA A 578 1 ? 37 
HELX_P HELX_P2 AA2 GLY A 46 ? LEU A 83 ? GLY A 624 LEU A 661 1 ? 38 
# 
_struct_conf_type.id          HELX_P 
_struct_conf_type.criteria    ? 
_struct_conf_type.reference   ? 
# 
_atom_sites.entry_id                    5KA5 
_atom_sites.fract_transf_matrix[1][1]   0.01440234 
_atom_sites.fract_transf_matrix[1][2]   0.01718834 
_atom_sites.fract_transf_matrix[1][3]   0.01736087 
_atom_sites.fract_transf_matrix[2][1]   0.02334176 
_atom_sites.fract_transf_matrix[2][2]   -0.00938464 
_atom_sites.fract_transf_matrix[2][3]   0.01309124 
_atom_sites.fract_transf_matrix[3][1]   0.00482114 
_atom_sites.fract_transf_matrix[3][2]   0.00269289 
_atom_sites.fract_transf_matrix[3][3]   -0.00666568 
_atom_sites.fract_transf_vector[1]      0.264988 
_atom_sites.fract_transf_vector[2]      -0.180489 
_atom_sites.fract_transf_vector[3]      -0.035917 
# 
loop_
_atom_type.symbol 
C 
N 
O 
S 
# 
loop_
_atom_site.group_PDB 
_atom_site.id 
_atom_site.type_symbol 
_atom_site.label_atom_id 
_atom_site.label_alt_id 
_atom_site.label_comp_id 
_atom_site.label_asym_id 
_atom_site.label_entity_id 
_atom_site.label_seq_id 
_atom_site.pdbx_PDB_ins_code 
_atom_site.Cartn_x 
_atom_site.Cartn_y 
_atom_site.Cartn_z 
_atom_site.occupancy 
_atom_site.B_iso_or_equiv 
_atom_site.pdbx_formal_charge 
_atom_site.auth_seq_id 
_atom_site.auth_comp_id 
_atom_site.auth_asym_id 
_atom_site.auth_atom_id 
_atom_site.pdbx_PDB_model_num 
ATOM   1   N N   . MET A 1 1  ? 14.478  7.998   -22.919 1.00 68.11 ? 542 MET A N   1 
ATOM   2   C CA  . MET A 1 1  ? 13.493  7.064   -22.386 1.00 68.03 ? 542 MET A CA  1 
ATOM   3   C C   . MET A 1 1  ? 13.704  6.783   -20.903 1.00 64.92 ? 542 MET A C   1 
ATOM   4   O O   . MET A 1 1  ? 12.744  6.577   -20.162 1.00 64.88 ? 542 MET A O   1 
ATOM   5   C CB  . MET A 1 1  ? 13.533  5.742   -23.157 1.00 67.31 ? 542 MET A CB  1 
ATOM   6   C CG  . MET A 1 1  ? 12.548  5.645   -24.306 1.00 63.66 ? 542 MET A CG  1 
ATOM   7   S SD  . MET A 1 1  ? 12.207  3.929   -24.741 1.00 57.62 ? 542 MET A SD  1 
ATOM   8   C CE  . MET A 1 1  ? 11.406  3.362   -23.242 1.00 50.71 ? 542 MET A CE  1 
ATOM   9   N N   . GLN A 1 2  ? 14.968  6.787   -20.477 1.00 57.98 ? 543 GLN A N   1 
ATOM   10  C CA  . GLN A 1 2  ? 15.317  6.225   -19.176 1.00 50.36 ? 543 GLN A CA  1 
ATOM   11  C C   . GLN A 1 2  ? 14.692  7.004   -18.024 1.00 42.55 ? 543 GLN A C   1 
ATOM   12  O O   . GLN A 1 2  ? 14.153  6.403   -17.087 1.00 41.65 ? 543 GLN A O   1 
ATOM   13  C CB  . GLN A 1 2  ? 16.837  6.162   -19.026 1.00 55.77 ? 543 GLN A CB  1 
ATOM   14  C CG  . GLN A 1 2  ? 17.571  7.432   -19.429 1.00 59.88 ? 543 GLN A CG  1 
ATOM   15  C CD  . GLN A 1 2  ? 18.079  7.380   -20.855 1.00 64.63 ? 543 GLN A CD  1 
ATOM   16  O OE1 . GLN A 1 2  ? 17.307  7.199   -21.796 1.00 66.60 ? 543 GLN A OE1 1 
ATOM   17  N NE2 . GLN A 1 2  ? 19.388  7.535   -21.021 1.00 65.58 ? 543 GLN A NE2 1 
ATOM   18  N N   . LEU A 1 3  ? 14.747  8.337   -18.067 1.00 40.39 ? 544 LEU A N   1 
ATOM   19  C CA  . LEU A 1 3  ? 14.257  9.122   -16.939 1.00 37.69 ? 544 LEU A CA  1 
ATOM   20  C C   . LEU A 1 3  ? 12.733  9.109   -16.883 1.00 36.34 ? 544 LEU A C   1 
ATOM   21  O O   . LEU A 1 3  ? 12.143  8.856   -15.824 1.00 41.68 ? 544 LEU A O   1 
ATOM   22  C CB  . LEU A 1 3  ? 14.791  10.554  -17.022 1.00 38.26 ? 544 LEU A CB  1 
ATOM   23  C CG  . LEU A 1 3  ? 14.561  11.495  -15.832 1.00 38.16 ? 544 LEU A CG  1 
ATOM   24  C CD1 . LEU A 1 3  ? 13.240  12.243  -15.955 1.00 44.70 ? 544 LEU A CD1 1 
ATOM   25  C CD2 . LEU A 1 3  ? 14.635  10.744  -14.505 1.00 34.26 ? 544 LEU A CD2 1 
ATOM   26  N N   . LEU A 1 4  ? 12.077  9.387   -18.011 1.00 31.67 ? 545 LEU A N   1 
ATOM   27  C CA  . LEU A 1 4  ? 10.619  9.388   -18.035 1.00 24.44 ? 545 LEU A CA  1 
ATOM   28  C C   . LEU A 1 4  ? 10.054  8.010   -17.723 1.00 29.28 ? 545 LEU A C   1 
ATOM   29  O O   . LEU A 1 4  ? 8.951   7.902   -17.175 1.00 35.59 ? 545 LEU A O   1 
ATOM   30  C CB  . LEU A 1 4  ? 10.124  9.885   -19.392 1.00 26.80 ? 545 LEU A CB  1 
ATOM   31  C CG  . LEU A 1 4  ? 10.493  11.343  -19.671 1.00 34.67 ? 545 LEU A CG  1 
ATOM   32  C CD1 . LEU A 1 4  ? 10.053  11.768  -21.060 1.00 39.37 ? 545 LEU A CD1 1 
ATOM   33  C CD2 . LEU A 1 4  ? 9.880   12.248  -18.614 1.00 33.66 ? 545 LEU A CD2 1 
ATOM   34  N N   . SER A 1 5  ? 10.792  6.949   -18.058 1.00 30.60 ? 546 SER A N   1 
ATOM   35  C CA  . SER A 1 5  ? 10.382  5.609   -17.649 1.00 31.50 ? 546 SER A CA  1 
ATOM   36  C C   . SER A 1 5  ? 10.364  5.486   -16.132 1.00 29.11 ? 546 SER A C   1 
ATOM   37  O O   . SER A 1 5  ? 9.416   4.942   -15.557 1.00 28.25 ? 546 SER A O   1 
ATOM   38  C CB  . SER A 1 5  ? 11.314  4.563   -18.262 1.00 39.28 ? 546 SER A CB  1 
ATOM   39  O OG  . SER A 1 5  ? 11.170  3.307   -17.621 1.00 49.63 ? 546 SER A OG  1 
ATOM   40  N N   . GLY A 1 6  ? 11.403  5.995   -15.464 1.00 26.54 ? 547 GLY A N   1 
ATOM   41  C CA  . GLY A 1 6  ? 11.440  5.941   -14.016 1.00 28.75 ? 547 GLY A CA  1 
ATOM   42  C C   . GLY A 1 6  ? 10.361  6.781   -13.359 1.00 32.32 ? 547 GLY A C   1 
ATOM   43  O O   . GLY A 1 6  ? 9.889   6.448   -12.270 1.00 36.65 ? 547 GLY A O   1 
ATOM   44  N N   . ILE A 1 7  ? 9.959   7.875   -14.007 1.00 32.27 ? 548 ILE A N   1 
ATOM   45  C CA  . ILE A 1 7  ? 8.896   8.712   -13.457 1.00 29.98 ? 548 ILE A CA  1 
ATOM   46  C C   . ILE A 1 7  ? 7.546   8.019   -13.607 1.00 25.13 ? 548 ILE A C   1 
ATOM   47  O O   . ILE A 1 7  ? 6.780   7.904   -12.643 1.00 26.10 ? 548 ILE A O   1 
ATOM   48  C CB  . ILE A 1 7  ? 8.899   10.097  -14.127 1.00 28.14 ? 548 ILE A CB  1 
ATOM   49  C CG1 . ILE A 1 7  ? 10.086  10.923  -13.630 1.00 25.28 ? 548 ILE A CG1 1 
ATOM   50  C CG2 . ILE A 1 7  ? 7.585   10.821  -13.867 1.00 30.28 ? 548 ILE A CG2 1 
ATOM   51  C CD1 . ILE A 1 7  ? 10.108  12.330  -14.171 1.00 24.04 ? 548 ILE A CD1 1 
ATOM   52  N N   . GLU A 1 8  ? 7.241   7.549   -14.817 1.00 23.15 ? 549 GLU A N   1 
ATOM   53  C CA  . GLU A 1 8  ? 5.994   6.824   -15.037 1.00 22.57 ? 549 GLU A CA  1 
ATOM   54  C C   . GLU A 1 8  ? 5.921   5.571   -14.172 1.00 30.64 ? 549 GLU A C   1 
ATOM   55  O O   . GLU A 1 8  ? 4.851   5.223   -13.663 1.00 31.37 ? 549 GLU A O   1 
ATOM   56  C CB  . GLU A 1 8  ? 5.854   6.458   -16.512 1.00 21.86 ? 549 GLU A CB  1 
ATOM   57  C CG  . GLU A 1 8  ? 5.626   7.643   -17.427 1.00 22.86 ? 549 GLU A CG  1 
ATOM   58  C CD  . GLU A 1 8  ? 5.303   7.220   -18.842 1.00 26.33 ? 549 GLU A CD  1 
ATOM   59  O OE1 . GLU A 1 8  ? 5.278   6.001   -19.109 1.00 28.19 ? 549 GLU A OE1 1 
ATOM   60  O OE2 . GLU A 1 8  ? 5.081   8.108   -19.691 1.00 34.80 ? 549 GLU A OE2 1 
ATOM   61  N N   . GLN A 1 9  ? 7.046   4.880   -13.996 1.00 32.38 ? 550 GLN A N   1 
ATOM   62  C CA  . GLN A 1 9  ? 7.020   3.661   -13.195 1.00 34.66 ? 550 GLN A CA  1 
ATOM   63  C C   . GLN A 1 9  ? 6.761   3.958   -11.723 1.00 34.23 ? 550 GLN A C   1 
ATOM   64  O O   . GLN A 1 9  ? 6.070   3.181   -11.051 1.00 38.67 ? 550 GLN A O   1 
ATOM   65  C CB  . GLN A 1 9  ? 8.321   2.885   -13.385 1.00 43.13 ? 550 GLN A CB  1 
ATOM   66  C CG  . GLN A 1 9  ? 8.528   1.719   -12.430 1.00 58.26 ? 550 GLN A CG  1 
ATOM   67  C CD  . GLN A 1 9  ? 9.693   1.969   -11.502 1.00 73.77 ? 550 GLN A CD  1 
ATOM   68  O OE1 . GLN A 1 9  ? 10.839  2.024   -11.944 1.00 85.05 ? 550 GLN A OE1 1 
ATOM   69  N NE2 . GLN A 1 9  ? 9.410   2.131   -10.214 1.00 73.31 ? 550 GLN A NE2 1 
ATOM   70  N N   . GLN A 1 10 ? 7.261   5.085   -11.209 1.00 30.73 ? 551 GLN A N   1 
ATOM   71  C CA  . GLN A 1 10 ? 6.952   5.423   -9.825  1.00 24.02 ? 551 GLN A CA  1 
ATOM   72  C C   . GLN A 1 10 ? 5.495   5.834   -9.660  1.00 21.34 ? 551 GLN A C   1 
ATOM   73  O O   . GLN A 1 10 ? 4.914   5.624   -8.590  1.00 28.23 ? 551 GLN A O   1 
ATOM   74  C CB  . GLN A 1 10 ? 7.873   6.528   -9.322  1.00 23.18 ? 551 GLN A CB  1 
ATOM   75  C CG  . GLN A 1 10 ? 7.773   6.761   -7.821  1.00 30.16 ? 551 GLN A CG  1 
ATOM   76  C CD  . GLN A 1 10 ? 8.571   7.959   -7.374  1.00 39.07 ? 551 GLN A CD  1 
ATOM   77  O OE1 . GLN A 1 10 ? 8.853   8.856   -8.167  1.00 42.56 ? 551 GLN A OE1 1 
ATOM   78  N NE2 . GLN A 1 10 ? 8.947   7.983   -6.099  1.00 38.63 ? 551 GLN A NE2 1 
ATOM   79  N N   . GLN A 1 11 ? 4.891   6.413   -10.700 1.00 20.88 ? 552 GLN A N   1 
ATOM   80  C CA  . GLN A 1 11 ? 3.464   6.710   -10.639 1.00 19.36 ? 552 GLN A CA  1 
ATOM   81  C C   . GLN A 1 11 ? 2.639   5.441   -10.484 1.00 19.30 ? 552 GLN A C   1 
ATOM   82  O O   . GLN A 1 11 ? 1.568   5.467   -9.867  1.00 21.32 ? 552 GLN A O   1 
ATOM   83  C CB  . GLN A 1 11 ? 3.027   7.474   -11.888 1.00 24.19 ? 552 GLN A CB  1 
ATOM   84  C CG  . GLN A 1 11 ? 3.747   8.794   -12.089 1.00 27.53 ? 552 GLN A CG  1 
ATOM   85  C CD  . GLN A 1 11 ? 3.015   9.728   -13.030 1.00 31.57 ? 552 GLN A CD  1 
ATOM   86  O OE1 . GLN A 1 11 ? 2.490   10.759  -12.611 1.00 35.79 ? 552 GLN A OE1 1 
ATOM   87  N NE2 . GLN A 1 11 ? 2.981   9.377   -14.309 1.00 33.40 ? 552 GLN A NE2 1 
ATOM   88  N N   . ASN A 1 12 ? 3.119   4.323   -11.030 1.00 20.75 ? 553 ASN A N   1 
ATOM   89  C CA  . ASN A 1 12 ? 2.419   3.060   -10.838 1.00 25.55 ? 553 ASN A CA  1 
ATOM   90  C C   . ASN A 1 12 ? 2.589   2.545   -9.414  1.00 27.59 ? 553 ASN A C   1 
ATOM   91  O O   . ASN A 1 12 ? 1.654   1.975   -8.842  1.00 37.46 ? 553 ASN A O   1 
ATOM   92  C CB  . ASN A 1 12 ? 2.907   2.025   -11.850 1.00 28.26 ? 553 ASN A CB  1 
ATOM   93  C CG  . ASN A 1 12 ? 2.097   0.744   -11.804 1.00 36.55 ? 553 ASN A CG  1 
ATOM   94  O OD1 . ASN A 1 12 ? 0.953   0.704   -12.256 1.00 36.42 ? 553 ASN A OD1 1 
ATOM   95  N ND2 . ASN A 1 12 ? 2.688   -0.309  -11.255 1.00 41.70 ? 553 ASN A ND2 1 
ATOM   96  N N   . ASN A 1 13 ? 3.774   2.738   -8.825  1.00 21.87 ? 554 ASN A N   1 
ATOM   97  C CA  . ASN A 1 13 ? 3.985   2.342   -7.434  1.00 21.16 ? 554 ASN A CA  1 
ATOM   98  C C   . ASN A 1 13 ? 3.056   3.104   -6.503  1.00 21.36 ? 554 ASN A C   1 
ATOM   99  O O   . ASN A 1 13 ? 2.449   2.522   -5.597  1.00 26.10 ? 554 ASN A O   1 
ATOM   100 C CB  . ASN A 1 13 ? 5.438   2.580   -7.025  1.00 27.71 ? 554 ASN A CB  1 
ATOM   101 C CG  . ASN A 1 13 ? 6.418   1.816   -7.875  1.00 37.33 ? 554 ASN A CG  1 
ATOM   102 O OD1 . ASN A 1 13 ? 6.076   0.804   -8.488  1.00 41.76 ? 554 ASN A OD1 1 
ATOM   103 N ND2 . ASN A 1 13 ? 7.660   2.285   -7.902  1.00 36.78 ? 554 ASN A ND2 1 
ATOM   104 N N   . LEU A 1 14 ? 2.948   4.419   -6.702  1.00 22.72 ? 555 LEU A N   1 
ATOM   105 C CA  . LEU A 1 14 ? 2.056   5.216   -5.871  1.00 24.29 ? 555 LEU A CA  1 
ATOM   106 C C   . LEU A 1 14 ? 0.609   4.780   -6.055  1.00 23.24 ? 555 LEU A C   1 
ATOM   107 O O   . LEU A 1 14 ? -0.155  4.713   -5.086  1.00 24.26 ? 555 LEU A O   1 
ATOM   108 C CB  . LEU A 1 14 ? 2.226   6.701   -6.198  1.00 25.16 ? 555 LEU A CB  1 
ATOM   109 C CG  . LEU A 1 14 ? 3.641   7.267   -6.028  1.00 23.41 ? 555 LEU A CG  1 
ATOM   110 C CD1 . LEU A 1 14 ? 3.699   8.720   -6.474  1.00 20.97 ? 555 LEU A CD1 1 
ATOM   111 C CD2 . LEU A 1 14 ? 4.119   7.125   -4.591  1.00 22.43 ? 555 LEU A CD2 1 
ATOM   112 N N   . LEU A 1 15 ? 0.221   4.459   -7.290  1.00 24.01 ? 556 LEU A N   1 
ATOM   113 C CA  . LEU A 1 15 ? -1.132  3.971   -7.532  1.00 23.37 ? 556 LEU A CA  1 
ATOM   114 C C   . LEU A 1 15 ? -1.356  2.618   -6.868  1.00 25.39 ? 556 LEU A C   1 
ATOM   115 O O   . LEU A 1 15 ? -2.428  2.368   -6.305  1.00 26.52 ? 556 LEU A O   1 
ATOM   116 C CB  . LEU A 1 15 ? -1.398  3.889   -9.033  1.00 20.46 ? 556 LEU A CB  1 
ATOM   117 C CG  . LEU A 1 15 ? -2.760  3.326   -9.436  1.00 20.31 ? 556 LEU A CG  1 
ATOM   118 C CD1 . LEU A 1 15 ? -3.876  4.227   -8.937  1.00 22.98 ? 556 LEU A CD1 1 
ATOM   119 C CD2 . LEU A 1 15 ? -2.837  3.158   -10.940 1.00 24.29 ? 556 LEU A CD2 1 
ATOM   120 N N   . ARG A 1 16 ? -0.354  1.734   -6.919  1.00 23.12 ? 557 ARG A N   1 
ATOM   121 C CA  . ARG A 1 16 ? -0.473  0.445   -6.246  1.00 25.60 ? 557 ARG A CA  1 
ATOM   122 C C   . ARG A 1 16 ? -0.613  0.620   -4.738  1.00 25.76 ? 557 ARG A C   1 
ATOM   123 O O   . ARG A 1 16 ? -1.346  -0.131  -4.084  1.00 28.19 ? 557 ARG A O   1 
ATOM   124 C CB  . ARG A 1 16 ? 0.733   -0.436  -6.574  1.00 30.36 ? 557 ARG A CB  1 
ATOM   125 C CG  . ARG A 1 16 ? 0.788   -0.907  -8.019  1.00 31.40 ? 557 ARG A CG  1 
ATOM   126 C CD  . ARG A 1 16 ? 2.064   -1.686  -8.298  1.00 33.92 ? 557 ARG A CD  1 
ATOM   127 N NE  . ARG A 1 16 ? 2.104   -2.955  -7.578  1.00 38.08 ? 557 ARG A NE  1 
ATOM   128 C CZ  . ARG A 1 16 ? 3.170   -3.745  -7.518  1.00 40.00 ? 557 ARG A CZ  1 
ATOM   129 N NH1 . ARG A 1 16 ? 4.292   -3.396  -8.133  1.00 41.00 ? 557 ARG A NH1 1 
ATOM   130 N NH2 . ARG A 1 16 ? 3.116   -4.885  -6.841  1.00 37.69 ? 557 ARG A NH2 1 
ATOM   131 N N   . ALA A 1 17 ? 0.081   1.609   -4.169  1.00 24.37 ? 558 ALA A N   1 
ATOM   132 C CA  . ALA A 1 17 ? -0.055  1.877   -2.741  1.00 23.10 ? 558 ALA A CA  1 
ATOM   133 C C   . ALA A 1 17 ? -1.430  2.450   -2.418  1.00 24.41 ? 558 ALA A C   1 
ATOM   134 O O   . ALA A 1 17 ? -2.002  2.150   -1.364  1.00 24.21 ? 558 ALA A O   1 
ATOM   135 C CB  . ALA A 1 17 ? 1.049   2.825   -2.274  1.00 21.78 ? 558 ALA A CB  1 
ATOM   136 N N   . ILE A 1 18 ? -1.973  3.279   -3.313  1.00 23.10 ? 559 ILE A N   1 
ATOM   137 C CA  . ILE A 1 18 ? -3.326  3.793   -3.120  1.00 21.45 ? 559 ILE A CA  1 
ATOM   138 C C   . ILE A 1 18 ? -4.339  2.659   -3.196  1.00 23.39 ? 559 ILE A C   1 
ATOM   139 O O   . ILE A 1 18 ? -5.288  2.604   -2.404  1.00 26.28 ? 559 ILE A O   1 
ATOM   140 C CB  . ILE A 1 18 ? -3.628  4.896   -4.152  1.00 23.15 ? 559 ILE A CB  1 
ATOM   141 C CG1 . ILE A 1 18 ? -2.749  6.121   -3.897  1.00 22.50 ? 559 ILE A CG1 1 
ATOM   142 C CG2 . ILE A 1 18 ? -5.100  5.277   -4.116  1.00 24.56 ? 559 ILE A CG2 1 
ATOM   143 C CD1 . ILE A 1 18 ? -2.918  7.215   -4.930  1.00 22.70 ? 559 ILE A CD1 1 
ATOM   144 N N   . GLU A 1 19 ? -4.154  1.736   -4.143  1.00 24.17 ? 560 GLU A N   1 
ATOM   145 C CA  . GLU A 1 19 ? -5.050  0.588   -4.245  1.00 28.14 ? 560 GLU A CA  1 
ATOM   146 C C   . GLU A 1 19 ? -4.962  -0.291  -3.006  1.00 27.38 ? 560 GLU A C   1 
ATOM   147 O O   . GLU A 1 19 ? -5.986  -0.761  -2.495  1.00 27.33 ? 560 GLU A O   1 
ATOM   148 C CB  . GLU A 1 19 ? -4.721  -0.228  -5.495  1.00 35.87 ? 560 GLU A CB  1 
ATOM   149 C CG  . GLU A 1 19 ? -4.975  0.491   -6.806  1.00 43.98 ? 560 GLU A CG  1 
ATOM   150 C CD  . GLU A 1 19 ? -4.536  -0.326  -8.006  1.00 47.07 ? 560 GLU A CD  1 
ATOM   151 O OE1 . GLU A 1 19 ? -4.083  -1.473  -7.808  1.00 47.61 ? 560 GLU A OE1 1 
ATOM   152 O OE2 . GLU A 1 19 ? -4.642  0.174   -9.145  1.00 49.11 ? 560 GLU A OE2 1 
ATOM   153 N N   . ALA A 1 20 ? -3.745  -0.529  -2.509  1.00 27.16 ? 561 ALA A N   1 
ATOM   154 C CA  . ALA A 1 20 ? -3.582  -1.357  -1.319  1.00 26.99 ? 561 ALA A CA  1 
ATOM   155 C C   . ALA A 1 20 ? -4.145  -0.664  -0.084  1.00 29.20 ? 561 ALA A C   1 
ATOM   156 O O   . ALA A 1 20 ? -4.756  -1.314  0.772   1.00 33.29 ? 561 ALA A O   1 
ATOM   157 C CB  . ALA A 1 20 ? -2.108  -1.705  -1.116  1.00 21.82 ? 561 ALA A CB  1 
ATOM   158 N N   . GLN A 1 21 ? -3.950  0.652   0.028   1.00 23.93 ? 562 GLN A N   1 
ATOM   159 C CA  . GLN A 1 21 ? -4.541  1.386   1.141   1.00 23.59 ? 562 GLN A CA  1 
ATOM   160 C C   . GLN A 1 21 ? -6.062  1.375   1.072   1.00 25.35 ? 562 GLN A C   1 
ATOM   161 O O   . GLN A 1 21 ? -6.726  1.329   2.114   1.00 24.80 ? 562 GLN A O   1 
ATOM   162 C CB  . GLN A 1 21 ? -4.020  2.822   1.169   1.00 23.18 ? 562 GLN A CB  1 
ATOM   163 C CG  . GLN A 1 21 ? -2.638  2.968   1.789   1.00 27.57 ? 562 GLN A CG  1 
ATOM   164 C CD  . GLN A 1 21 ? -2.182  4.412   1.881   1.00 24.39 ? 562 GLN A CD  1 
ATOM   165 O OE1 . GLN A 1 21 ? -2.681  5.280   1.165   1.00 26.71 ? 562 GLN A OE1 1 
ATOM   166 N NE2 . GLN A 1 21 ? -1.233  4.676   2.769   1.00 21.98 ? 562 GLN A NE2 1 
ATOM   167 N N   . GLN A 1 22 ? -6.631  1.407   -0.136  1.00 27.22 ? 563 GLN A N   1 
ATOM   168 C CA  . GLN A 1 22 ? -8.084  1.381   -0.271  1.00 27.25 ? 563 GLN A CA  1 
ATOM   169 C C   . GLN A 1 22 ? -8.666  0.074   0.252   1.00 29.56 ? 563 GLN A C   1 
ATOM   170 O O   . GLN A 1 22 ? -9.722  0.069   0.895   1.00 27.68 ? 563 GLN A O   1 
ATOM   171 C CB  . GLN A 1 22 ? -8.481  1.599   -1.731  1.00 25.57 ? 563 GLN A CB  1 
ATOM   172 C CG  . GLN A 1 22 ? -9.977  1.495   -1.988  1.00 26.26 ? 563 GLN A CG  1 
ATOM   173 C CD  . GLN A 1 22 ? -10.782 2.476   -1.159  1.00 27.35 ? 563 GLN A CD  1 
ATOM   174 O OE1 . GLN A 1 22 ? -10.319 3.573   -0.847  1.00 31.80 ? 563 GLN A OE1 1 
ATOM   175 N NE2 . GLN A 1 22 ? -11.997 2.084   -0.795  1.00 26.67 ? 563 GLN A NE2 1 
ATOM   176 N N   . HIS A 1 23 ? -7.993  -1.047  -0.016  1.00 28.57 ? 564 HIS A N   1 
ATOM   177 C CA  . HIS A 1 23 ? -8.466  -2.319  0.513   1.00 32.13 ? 564 HIS A CA  1 
ATOM   178 C C   . HIS A 1 23 ? -8.341  -2.369  2.030   1.00 30.62 ? 564 HIS A C   1 
ATOM   179 O O   . HIS A 1 23 ? -9.186  -2.968  2.703   1.00 31.22 ? 564 HIS A O   1 
ATOM   180 C CB  . HIS A 1 23 ? -7.702  -3.477  -0.127  1.00 37.84 ? 564 HIS A CB  1 
ATOM   181 C CG  . HIS A 1 23 ? -8.383  -4.800  0.022   1.00 49.15 ? 564 HIS A CG  1 
ATOM   182 N ND1 . HIS A 1 23 ? -8.072  -5.690  1.028   1.00 53.85 ? 564 HIS A ND1 1 
ATOM   183 C CD2 . HIS A 1 23 ? -9.369  -5.381  -0.701  1.00 51.91 ? 564 HIS A CD2 1 
ATOM   184 C CE1 . HIS A 1 23 ? -8.831  -6.764  0.914   1.00 52.37 ? 564 HIS A CE1 1 
ATOM   185 N NE2 . HIS A 1 23 ? -9.628  -6.603  -0.127  1.00 53.35 ? 564 HIS A NE2 1 
ATOM   186 N N   . LEU A 1 24 ? -7.300  -1.741  2.584   1.00 24.34 ? 565 LEU A N   1 
ATOM   187 C CA  . LEU A 1 24 ? -7.189  -1.640  4.035   1.00 25.27 ? 565 LEU A CA  1 
ATOM   188 C C   . LEU A 1 24 ? -8.301  -0.775  4.614   1.00 27.65 ? 565 LEU A C   1 
ATOM   189 O O   . LEU A 1 24 ? -8.716  -0.984  5.761   1.00 27.83 ? 565 LEU A O   1 
ATOM   190 C CB  . LEU A 1 24 ? -5.820  -1.082  4.417   1.00 31.12 ? 565 LEU A CB  1 
ATOM   191 C CG  . LEU A 1 24 ? -5.338  -1.375  5.837   1.00 36.12 ? 565 LEU A CG  1 
ATOM   192 C CD1 . LEU A 1 24 ? -5.269  -2.873  6.062   1.00 39.05 ? 565 LEU A CD1 1 
ATOM   193 C CD2 . LEU A 1 24 ? -3.982  -0.736  6.085   1.00 39.27 ? 565 LEU A CD2 1 
ATOM   194 N N   . LEU A 1 25 ? -8.794  0.195   3.839   1.00 30.00 ? 566 LEU A N   1 
ATOM   195 C CA  . LEU A 1 25 ? -9.925  1.002   4.284   1.00 26.82 ? 566 LEU A CA  1 
ATOM   196 C C   . LEU A 1 25 ? -11.188 0.161   4.400   1.00 27.63 ? 566 LEU A C   1 
ATOM   197 O O   . LEU A 1 25 ? -11.946 0.300   5.367   1.00 30.69 ? 566 LEU A O   1 
ATOM   198 C CB  . LEU A 1 25 ? -10.151 2.168   3.324   1.00 28.03 ? 566 LEU A CB  1 
ATOM   199 C CG  . LEU A 1 25 ? -9.538  3.523   3.678   1.00 32.83 ? 566 LEU A CG  1 
ATOM   200 C CD1 . LEU A 1 25 ? -8.083  3.367   4.049   1.00 35.35 ? 566 LEU A CD1 1 
ATOM   201 C CD2 . LEU A 1 25 ? -9.686  4.490   2.514   1.00 38.07 ? 566 LEU A CD2 1 
ATOM   202 N N   . GLN A 1 26 ? -11.436 -0.714  3.421   1.00 22.51 ? 567 GLN A N   1 
ATOM   203 C CA  . GLN A 1 26 ? -12.618 -1.567  3.475   1.00 24.83 ? 567 GLN A CA  1 
ATOM   204 C C   . GLN A 1 26 ? -12.567 -2.519  4.660   1.00 25.87 ? 567 GLN A C   1 
ATOM   205 O O   . GLN A 1 26 ? -13.613 -2.873  5.216   1.00 32.05 ? 567 GLN A O   1 
ATOM   206 C CB  . GLN A 1 26 ? -12.765 -2.349  2.170   1.00 26.89 ? 567 GLN A CB  1 
ATOM   207 C CG  . GLN A 1 26 ? -13.119 -1.483  0.980   1.00 32.76 ? 567 GLN A CG  1 
ATOM   208 C CD  . GLN A 1 26 ? -14.403 -0.714  1.195   1.00 42.17 ? 567 GLN A CD  1 
ATOM   209 O OE1 . GLN A 1 26 ? -15.395 -1.263  1.674   1.00 49.69 ? 567 GLN A OE1 1 
ATOM   210 N NE2 . GLN A 1 26 ? -14.390 0.569   0.853   1.00 44.00 ? 567 GLN A NE2 1 
ATOM   211 N N   . LEU A 1 27 ? -11.366 -2.941  5.061   1.00 25.76 ? 568 LEU A N   1 
ATOM   212 C CA  . LEU A 1 27 ? -11.240 -3.791  6.239   1.00 22.64 ? 568 LEU A CA  1 
ATOM   213 C C   . LEU A 1 27 ? -11.597 -3.026  7.509   1.00 25.64 ? 568 LEU A C   1 
ATOM   214 O O   . LEU A 1 27 ? -12.217 -3.583  8.423   1.00 30.85 ? 568 LEU A O   1 
ATOM   215 C CB  . LEU A 1 27 ? -9.824  -4.361  6.322   1.00 20.77 ? 568 LEU A CB  1 
ATOM   216 C CG  . LEU A 1 27 ? -9.532  -5.530  5.383   1.00 21.45 ? 568 LEU A CG  1 
ATOM   217 C CD1 . LEU A 1 27 ? -8.064  -5.898  5.393   1.00 21.86 ? 568 LEU A CD1 1 
ATOM   218 C CD2 . LEU A 1 27 ? -10.370 -6.729  5.765   1.00 22.53 ? 568 LEU A CD2 1 
ATOM   219 N N   . THR A 1 28 ? -11.220 -1.745  7.584   1.00 25.81 ? 569 THR A N   1 
ATOM   220 C CA  . THR A 1 28 ? -11.602 -0.937  8.738   1.00 24.33 ? 569 THR A CA  1 
ATOM   221 C C   . THR A 1 28 ? -13.087 -0.600  8.715   1.00 19.44 ? 569 THR A C   1 
ATOM   222 O O   . THR A 1 28 ? -13.720 -0.528  9.773   1.00 19.65 ? 569 THR A O   1 
ATOM   223 C CB  . THR A 1 28 ? -10.770 0.345   8.794   1.00 19.11 ? 569 THR A CB  1 
ATOM   224 O OG1 . THR A 1 28 ? -11.007 1.126   7.618   1.00 21.00 ? 569 THR A OG1 1 
ATOM   225 C CG2 . THR A 1 28 ? -9.291  0.015   8.887   1.00 19.19 ? 569 THR A CG2 1 
ATOM   226 N N   . VAL A 1 29 ? -13.658 -0.390  7.527   1.00 19.59 ? 570 VAL A N   1 
ATOM   227 C CA  . VAL A 1 29 ? -15.099 -0.185  7.429   1.00 22.21 ? 570 VAL A CA  1 
ATOM   228 C C   . VAL A 1 29 ? -15.841 -1.448  7.846   1.00 25.59 ? 570 VAL A C   1 
ATOM   229 O O   . VAL A 1 29 ? -16.874 -1.383  8.523   1.00 30.69 ? 570 VAL A O   1 
ATOM   230 C CB  . VAL A 1 29 ? -15.486 0.256   6.006   1.00 25.38 ? 570 VAL A CB  1 
ATOM   231 C CG1 . VAL A 1 29 ? -17.001 0.323   5.861   1.00 24.65 ? 570 VAL A CG1 1 
ATOM   232 C CG2 . VAL A 1 29 ? -14.862 1.604   5.681   1.00 30.96 ? 570 VAL A CG2 1 
ATOM   233 N N   . TRP A 1 30 ? -15.321 -2.616  7.460   1.00 23.83 ? 571 TRP A N   1 
ATOM   234 C CA  . TRP A 1 30 ? -15.941 -3.875  7.862   1.00 22.85 ? 571 TRP A CA  1 
ATOM   235 C C   . TRP A 1 30 ? -15.953 -4.024  9.378   1.00 27.18 ? 571 TRP A C   1 
ATOM   236 O O   . TRP A 1 30 ? -16.965 -4.433  9.961   1.00 27.80 ? 571 TRP A O   1 
ATOM   237 C CB  . TRP A 1 30 ? -15.207 -5.050  7.213   1.00 21.89 ? 571 TRP A CB  1 
ATOM   238 C CG  . TRP A 1 30 ? -15.758 -6.400  7.582   1.00 22.98 ? 571 TRP A CG  1 
ATOM   239 C CD1 . TRP A 1 30 ? -16.686 -7.122  6.892   1.00 25.72 ? 571 TRP A CD1 1 
ATOM   240 C CD2 . TRP A 1 30 ? -15.407 -7.190  8.727   1.00 26.12 ? 571 TRP A CD2 1 
ATOM   241 N NE1 . TRP A 1 30 ? -16.938 -8.309  7.536   1.00 27.66 ? 571 TRP A NE1 1 
ATOM   242 C CE2 . TRP A 1 30 ? -16.166 -8.375  8.664   1.00 26.31 ? 571 TRP A CE2 1 
ATOM   243 C CE3 . TRP A 1 30 ? -14.528 -7.009  9.799   1.00 23.93 ? 571 TRP A CE3 1 
ATOM   244 C CZ2 . TRP A 1 30 ? -16.070 -9.374  9.631   1.00 25.87 ? 571 TRP A CZ2 1 
ATOM   245 C CZ3 . TRP A 1 30 ? -14.436 -8.001  10.759  1.00 23.54 ? 571 TRP A CZ3 1 
ATOM   246 C CH2 . TRP A 1 30 ? -15.202 -9.168  10.667  1.00 25.07 ? 571 TRP A CH2 1 
ATOM   247 N N   . GLY A 1 31 ? -14.839 -3.692  10.034  1.00 22.59 ? 572 GLY A N   1 
ATOM   248 C CA  . GLY A 1 31 ? -14.773 -3.842  11.479  1.00 22.30 ? 572 GLY A CA  1 
ATOM   249 C C   . GLY A 1 31 ? -15.735 -2.928  12.210  1.00 22.39 ? 572 GLY A C   1 
ATOM   250 O O   . GLY A 1 31 ? -16.334 -3.318  13.215  1.00 26.81 ? 572 GLY A O   1 
ATOM   251 N N   . ILE A 1 32 ? -15.899 -1.699  11.718  1.00 23.36 ? 573 ILE A N   1 
ATOM   252 C CA  . ILE A 1 32 ? -16.822 -0.764  12.349  1.00 22.45 ? 573 ILE A CA  1 
ATOM   253 C C   . ILE A 1 32 ? -18.256 -1.264  12.230  1.00 21.80 ? 573 ILE A C   1 
ATOM   254 O O   . ILE A 1 32 ? -19.069 -1.087  13.146  1.00 22.67 ? 573 ILE A O   1 
ATOM   255 C CB  . ILE A 1 32 ? -16.648 0.640   11.738  1.00 24.68 ? 573 ILE A CB  1 
ATOM   256 C CG1 . ILE A 1 32 ? -15.245 1.175   12.031  1.00 20.52 ? 573 ILE A CG1 1 
ATOM   257 C CG2 . ILE A 1 32 ? -17.698 1.598   12.271  1.00 24.74 ? 573 ILE A CG2 1 
ATOM   258 C CD1 . ILE A 1 32 ? -14.916 2.454   11.303  1.00 20.70 ? 573 ILE A CD1 1 
ATOM   259 N N   . LYS A 1 33 ? -18.590 -1.912  11.109  1.00 22.53 ? 574 LYS A N   1 
ATOM   260 C CA  . LYS A 1 33 ? -19.937 -2.441  10.933  1.00 26.05 ? 574 LYS A CA  1 
ATOM   261 C C   . LYS A 1 33 ? -20.204 -3.610  11.873  1.00 28.11 ? 574 LYS A C   1 
ATOM   262 O O   . LYS A 1 33 ? -21.320 -3.762  12.378  1.00 29.76 ? 574 LYS A O   1 
ATOM   263 C CB  . LYS A 1 33 ? -20.154 -2.863  9.481   1.00 23.02 ? 574 LYS A CB  1 
ATOM   264 C CG  . LYS A 1 33 ? -20.017 -1.730  8.474   1.00 30.31 ? 574 LYS A CG  1 
ATOM   265 C CD  . LYS A 1 33 ? -20.957 -1.920  7.293   1.00 40.89 ? 574 LYS A CD  1 
ATOM   266 C CE  . LYS A 1 33 ? -20.303 -1.450  6.002   1.00 45.87 ? 574 LYS A CE  1 
ATOM   267 N NZ  . LYS A 1 33 ? -21.309 -1.070  4.974   1.00 49.54 ? 574 LYS A NZ  1 
ATOM   268 N N   . GLN A 1 34 ? -19.191 -4.447  12.116  1.00 27.30 ? 575 GLN A N   1 
ATOM   269 C CA  . GLN A 1 34 ? -19.359 -5.564  13.040  1.00 28.07 ? 575 GLN A CA  1 
ATOM   270 C C   . GLN A 1 34 ? -19.659 -5.071  14.449  1.00 29.87 ? 575 GLN A C   1 
ATOM   271 O O   . GLN A 1 34 ? -20.591 -5.553  15.104  1.00 35.18 ? 575 GLN A O   1 
ATOM   272 C CB  . GLN A 1 34 ? -18.106 -6.440  13.031  1.00 30.15 ? 575 GLN A CB  1 
ATOM   273 C CG  . GLN A 1 34 ? -17.863 -7.151  11.718  1.00 35.71 ? 575 GLN A CG  1 
ATOM   274 C CD  . GLN A 1 34 ? -18.796 -8.325  11.517  1.00 42.69 ? 575 GLN A CD  1 
ATOM   275 O OE1 . GLN A 1 34 ? -19.184 -8.995  12.475  1.00 47.14 ? 575 GLN A OE1 1 
ATOM   276 N NE2 . GLN A 1 34 ? -19.168 -8.579  10.269  1.00 45.43 ? 575 GLN A NE2 1 
ATOM   277 N N   . LEU A 1 35 ? -18.877 -4.102  14.931  1.00 23.17 ? 576 LEU A N   1 
ATOM   278 C CA  . LEU A 1 35 ? -19.078 -3.589  16.280  1.00 23.15 ? 576 LEU A CA  1 
ATOM   279 C C   . LEU A 1 35 ? -20.410 -2.855  16.401  1.00 30.37 ? 576 LEU A C   1 
ATOM   280 O O   . LEU A 1 35 ? -21.090 -2.955  17.429  1.00 37.73 ? 576 LEU A O   1 
ATOM   281 C CB  . LEU A 1 35 ? -17.911 -2.680  16.665  1.00 21.88 ? 576 LEU A CB  1 
ATOM   282 C CG  . LEU A 1 35 ? -16.535 -3.344  16.629  1.00 21.84 ? 576 LEU A CG  1 
ATOM   283 C CD1 . LEU A 1 35 ? -15.424 -2.342  16.835  1.00 21.79 ? 576 LEU A CD1 1 
ATOM   284 C CD2 . LEU A 1 35 ? -16.449 -4.423  17.678  1.00 29.96 ? 576 LEU A CD2 1 
ATOM   285 N N   . GLN A 1 36 ? -20.799 -2.110  15.362  1.00 28.42 ? 577 GLN A N   1 
ATOM   286 C CA  . GLN A 1 36 ? -22.084 -1.419  15.393  1.00 28.28 ? 577 GLN A CA  1 
ATOM   287 C C   . GLN A 1 36 ? -23.234 -2.414  15.464  1.00 30.16 ? 577 GLN A C   1 
ATOM   288 O O   . GLN A 1 36 ? -24.238 -2.169  16.144  1.00 36.28 ? 577 GLN A O   1 
ATOM   289 C CB  . GLN A 1 36 ? -22.221 -0.511  14.170  1.00 31.21 ? 577 GLN A CB  1 
ATOM   290 C CG  . GLN A 1 36 ? -23.541 0.251   14.083  1.00 38.15 ? 577 GLN A CG  1 
ATOM   291 C CD  . GLN A 1 36 ? -24.631 -0.530  13.368  1.00 44.40 ? 577 GLN A CD  1 
ATOM   292 O OE1 . GLN A 1 36 ? -24.352 -1.376  12.517  1.00 44.29 ? 577 GLN A OE1 1 
ATOM   293 N NE2 . GLN A 1 36 ? -25.882 -0.250  13.715  1.00 50.61 ? 577 GLN A NE2 1 
ATOM   294 N N   . ALA A 1 37 ? -23.105 -3.549  14.775  1.00 33.56 ? 578 ALA A N   1 
ATOM   295 C CA  . ALA A 1 37 ? -24.121 -4.591  14.840  1.00 36.07 ? 578 ALA A CA  1 
ATOM   296 C C   . ALA A 1 37 ? -24.155 -5.294  16.191  1.00 43.21 ? 578 ALA A C   1 
ATOM   297 O O   . ALA A 1 37 ? -25.069 -6.089  16.433  1.00 47.58 ? 578 ALA A O   1 
ATOM   298 C CB  . ALA A 1 37 ? -23.894 -5.608  13.720  1.00 31.91 ? 578 ALA A CB  1 
ATOM   299 N N   . ARG A 1 38 ? -23.192 -5.023  17.067  1.00 44.28 ? 579 ARG A N   1 
ATOM   300 C CA  . ARG A 1 38 ? -23.180 -5.586  18.410  1.00 50.04 ? 579 ARG A CA  1 
ATOM   301 C C   . ARG A 1 38 ? -23.125 -4.470  19.458  1.00 50.57 ? 579 ARG A C   1 
ATOM   302 O O   . ARG A 1 38 ? -23.933 -3.536  19.430  1.00 54.36 ? 579 ARG A O   1 
ATOM   303 C CB  . ARG A 1 38 ? -21.998 -6.552  18.571  1.00 59.89 ? 579 ARG A CB  1 
ATOM   304 C CG  . ARG A 1 38 ? -22.361 -8.030  18.397  1.00 69.77 ? 579 ARG A CG  1 
ATOM   305 C CD  . ARG A 1 38 ? -21.425 -8.739  17.439  1.00 77.55 ? 579 ARG A CD  1 
ATOM   306 N NE  . ARG A 1 38 ? -21.702 -8.370  16.056  1.00 80.66 ? 579 ARG A NE  1 
ATOM   307 C CZ  . ARG A 1 38 ? -21.252 -9.032  14.996  1.00 79.36 ? 579 ARG A CZ  1 
ATOM   308 N NH1 . ARG A 1 38 ? -21.570 -8.625  13.774  1.00 76.85 ? 579 ARG A NH1 1 
ATOM   309 N NH2 . ARG A 1 38 ? -20.484 -10.098 15.156  1.00 81.49 ? 579 ARG A NH2 1 
ATOM   310 N N   . GLY A 1 45 ? -17.276 -11.862 19.896  1.00 64.15 ? 623 GLY A N   1 
ATOM   311 C CA  . GLY A 1 45 ? -18.028 -13.090 19.721  1.00 61.63 ? 623 GLY A CA  1 
ATOM   312 C C   . GLY A 1 45 ? -17.376 -14.056 18.752  1.00 60.58 ? 623 GLY A C   1 
ATOM   313 O O   . GLY A 1 45 ? -17.023 -15.176 19.120  1.00 61.49 ? 623 GLY A O   1 
ATOM   314 N N   . GLY A 1 46 ? -17.219 -13.621 17.504  1.00 58.79 ? 624 GLY A N   1 
ATOM   315 C CA  . GLY A 1 46 ? -16.591 -14.441 16.487  1.00 54.90 ? 624 GLY A CA  1 
ATOM   316 C C   . GLY A 1 46 ? -15.079 -14.382 16.535  1.00 48.32 ? 624 GLY A C   1 
ATOM   317 O O   . GLY A 1 46 ? -14.459 -13.585 15.824  1.00 42.75 ? 624 GLY A O   1 
ATOM   318 N N   . HIS A 1 47 ? -14.474 -15.229 17.371  1.00 40.78 ? 625 HIS A N   1 
ATOM   319 C CA  . HIS A 1 47 ? -13.027 -15.191 17.552  1.00 36.92 ? 625 HIS A CA  1 
ATOM   320 C C   . HIS A 1 47 ? -12.293 -15.603 16.283  1.00 34.34 ? 625 HIS A C   1 
ATOM   321 O O   . HIS A 1 47 ? -11.283 -14.989 15.919  1.00 39.86 ? 625 HIS A O   1 
ATOM   322 C CB  . HIS A 1 47 ? -12.621 -16.086 18.721  1.00 37.98 ? 625 HIS A CB  1 
ATOM   323 C CG  . HIS A 1 47 ? -11.141 -16.261 18.865  1.00 43.65 ? 625 HIS A CG  1 
ATOM   324 N ND1 . HIS A 1 47 ? -10.535 -17.499 18.866  1.00 45.10 ? 625 HIS A ND1 1 
ATOM   325 C CD2 . HIS A 1 47 ? -10.146 -15.355 19.006  1.00 42.01 ? 625 HIS A CD2 1 
ATOM   326 C CE1 . HIS A 1 47 ? -9.231  -17.348 19.008  1.00 41.98 ? 625 HIS A CE1 1 
ATOM   327 N NE2 . HIS A 1 47 ? -8.968  -16.056 19.094  1.00 43.02 ? 625 HIS A NE2 1 
ATOM   328 N N   . THR A 1 48 ? -12.780 -16.639 15.597  1.00 28.22 ? 626 THR A N   1 
ATOM   329 C CA  . THR A 1 48 ? -12.111 -17.100 14.386  1.00 28.98 ? 626 THR A CA  1 
ATOM   330 C C   . THR A 1 48 ? -12.160 -16.041 13.292  1.00 26.93 ? 626 THR A C   1 
ATOM   331 O O   . THR A 1 48 ? -11.198 -15.875 12.533  1.00 27.92 ? 626 THR A O   1 
ATOM   332 C CB  . THR A 1 48 ? -12.748 -18.403 13.901  1.00 36.74 ? 626 THR A CB  1 
ATOM   333 O OG1 . THR A 1 48 ? -12.741 -19.363 14.967  1.00 41.33 ? 626 THR A OG1 1 
ATOM   334 C CG2 . THR A 1 48 ? -11.979 -18.970 12.716  1.00 37.60 ? 626 THR A CG2 1 
ATOM   335 N N   . THR A 1 49 ? -13.269 -15.304 13.203  1.00 21.72 ? 627 THR A N   1 
ATOM   336 C CA  . THR A 1 49 ? -13.401 -14.288 12.163  1.00 23.16 ? 627 THR A CA  1 
ATOM   337 C C   . THR A 1 49 ? -12.479 -13.103 12.422  1.00 25.88 ? 627 THR A C   1 
ATOM   338 O O   . THR A 1 49 ? -11.844 -12.588 11.493  1.00 24.82 ? 627 THR A O   1 
ATOM   339 C CB  . THR A 1 49 ? -14.856 -13.830 12.064  1.00 25.55 ? 627 THR A CB  1 
ATOM   340 O OG1 . THR A 1 49 ? -15.669 -14.924 11.621  1.00 27.82 ? 627 THR A OG1 1 
ATOM   341 C CG2 . THR A 1 49 ? -14.991 -12.677 11.084  1.00 25.71 ? 627 THR A CG2 1 
ATOM   342 N N   . TRP A 1 50 ? -12.387 -12.656 13.675  1.00 28.48 ? 628 TRP A N   1 
ATOM   343 C CA  . TRP A 1 50 ? -11.520 -11.527 13.986  1.00 26.74 ? 628 TRP A CA  1 
ATOM   344 C C   . TRP A 1 50 ? -10.044 -11.887 13.899  1.00 27.78 ? 628 TRP A C   1 
ATOM   345 O O   . TRP A 1 50 ? -9.215  -10.993 13.704  1.00 28.29 ? 628 TRP A O   1 
ATOM   346 C CB  . TRP A 1 50 ? -11.849 -10.972 15.371  1.00 28.75 ? 628 TRP A CB  1 
ATOM   347 C CG  . TRP A 1 50 ? -13.058 -10.084 15.371  1.00 33.03 ? 628 TRP A CG  1 
ATOM   348 C CD1 . TRP A 1 50 ? -14.318 -10.410 15.780  1.00 37.24 ? 628 TRP A CD1 1 
ATOM   349 C CD2 . TRP A 1 50 ? -13.118 -8.721  14.931  1.00 32.46 ? 628 TRP A CD2 1 
ATOM   350 N NE1 . TRP A 1 50 ? -15.159 -9.333  15.626  1.00 37.31 ? 628 TRP A NE1 1 
ATOM   351 C CE2 . TRP A 1 50 ? -14.447 -8.285  15.106  1.00 36.19 ? 628 TRP A CE2 1 
ATOM   352 C CE3 . TRP A 1 50 ? -12.179 -7.828  14.408  1.00 30.63 ? 628 TRP A CE3 1 
ATOM   353 C CZ2 . TRP A 1 50 ? -14.858 -6.995  14.777  1.00 35.42 ? 628 TRP A CZ2 1 
ATOM   354 C CZ3 . TRP A 1 50 ? -12.588 -6.547  14.082  1.00 28.26 ? 628 TRP A CZ3 1 
ATOM   355 C CH2 . TRP A 1 50 ? -13.916 -6.143  14.268  1.00 32.10 ? 628 TRP A CH2 1 
ATOM   356 N N   . MET A 1 51 ? -9.694  -13.169 14.038  1.00 28.43 ? 629 MET A N   1 
ATOM   357 C CA  . MET A 1 51 ? -8.315  -13.574 13.787  1.00 29.86 ? 629 MET A CA  1 
ATOM   358 C C   . MET A 1 51 ? -7.971  -13.445 12.309  1.00 25.25 ? 629 MET A C   1 
ATOM   359 O O   . MET A 1 51 ? -6.873  -12.997 11.957  1.00 26.62 ? 629 MET A O   1 
ATOM   360 C CB  . MET A 1 51 ? -8.082  -15.007 14.261  1.00 33.14 ? 629 MET A CB  1 
ATOM   361 C CG  . MET A 1 51 ? -8.146  -15.186 15.760  1.00 40.93 ? 629 MET A CG  1 
ATOM   362 S SD  . MET A 1 51 ? -7.341  -16.706 16.288  1.00 53.52 ? 629 MET A SD  1 
ATOM   363 C CE  . MET A 1 51 ? -5.622  -16.289 16.014  1.00 51.78 ? 629 MET A CE  1 
ATOM   364 N N   . GLU A 1 52 ? -8.898  -13.837 11.433  1.00 22.72 ? 630 GLU A N   1 
ATOM   365 C CA  . GLU A 1 52 ? -8.681  -13.661 10.001  1.00 23.90 ? 630 GLU A CA  1 
ATOM   366 C C   . GLU A 1 52 ? -8.635  -12.183 9.634   1.00 25.15 ? 630 GLU A C   1 
ATOM   367 O O   . GLU A 1 52 ? -7.873  -11.781 8.747   1.00 28.23 ? 630 GLU A O   1 
ATOM   368 C CB  . GLU A 1 52 ? -9.777  -14.382 9.217   1.00 27.68 ? 630 GLU A CB  1 
ATOM   369 C CG  . GLU A 1 52 ? -9.677  -14.234 7.705   1.00 34.73 ? 630 GLU A CG  1 
ATOM   370 C CD  . GLU A 1 52 ? -8.560  -15.064 7.098   1.00 38.23 ? 630 GLU A CD  1 
ATOM   371 O OE1 . GLU A 1 52 ? -7.902  -15.825 7.838   1.00 40.83 ? 630 GLU A OE1 1 
ATOM   372 O OE2 . GLU A 1 52 ? -8.342  -14.956 5.873   1.00 39.37 ? 630 GLU A OE2 1 
ATOM   373 N N   . TRP A 1 53 ? -9.440  -11.358 10.310  1.00 25.29 ? 631 TRP A N   1 
ATOM   374 C CA  . TRP A 1 53 ? -9.395  -9.921  10.066  1.00 26.48 ? 631 TRP A CA  1 
ATOM   375 C C   . TRP A 1 53 ? -8.038  -9.344  10.446  1.00 27.14 ? 631 TRP A C   1 
ATOM   376 O O   . TRP A 1 53 ? -7.485  -8.511  9.721   1.00 27.15 ? 631 TRP A O   1 
ATOM   377 C CB  . TRP A 1 53 ? -10.512 -9.218  10.837  1.00 20.86 ? 631 TRP A CB  1 
ATOM   378 C CG  . TRP A 1 53 ? -10.598 -7.749  10.555  1.00 21.02 ? 631 TRP A CG  1 
ATOM   379 C CD1 . TRP A 1 53 ? -11.225 -7.153  9.501   1.00 23.25 ? 631 TRP A CD1 1 
ATOM   380 C CD2 . TRP A 1 53 ? -10.041 -6.688  11.341  1.00 22.07 ? 631 TRP A CD2 1 
ATOM   381 N NE1 . TRP A 1 53 ? -11.093 -5.788  9.580   1.00 24.63 ? 631 TRP A NE1 1 
ATOM   382 C CE2 . TRP A 1 53 ? -10.372 -5.477  10.702  1.00 22.03 ? 631 TRP A CE2 1 
ATOM   383 C CE3 . TRP A 1 53 ? -9.298  -6.645  12.523  1.00 28.82 ? 631 TRP A CE3 1 
ATOM   384 C CZ2 . TRP A 1 53 ? -9.981  -4.238  11.204  1.00 27.98 ? 631 TRP A CZ2 1 
ATOM   385 C CZ3 . TRP A 1 53 ? -8.913  -5.414  13.020  1.00 26.96 ? 631 TRP A CZ3 1 
ATOM   386 C CH2 . TRP A 1 53 ? -9.254  -4.227  12.361  1.00 26.86 ? 631 TRP A CH2 1 
ATOM   387 N N   . ASP A 1 54 ? -7.484  -9.781  11.580  1.00 27.54 ? 632 ASP A N   1 
ATOM   388 C CA  . ASP A 1 54 ? -6.154  -9.327  11.971  1.00 27.01 ? 632 ASP A CA  1 
ATOM   389 C C   . ASP A 1 54 ? -5.103  -9.778  10.969  1.00 28.83 ? 632 ASP A C   1 
ATOM   390 O O   . ASP A 1 54 ? -4.153  -9.041  10.677  1.00 33.20 ? 632 ASP A O   1 
ATOM   391 C CB  . ASP A 1 54 ? -5.810  -9.838  13.370  1.00 37.73 ? 632 ASP A CB  1 
ATOM   392 C CG  . ASP A 1 54 ? -6.178  -8.850  14.460  1.00 54.10 ? 632 ASP A CG  1 
ATOM   393 O OD1 . ASP A 1 54 ? -7.230  -8.189  14.337  1.00 61.40 ? 632 ASP A OD1 1 
ATOM   394 O OD2 . ASP A 1 54 ? -5.412  -8.732  15.439  1.00 62.10 ? 632 ASP A OD2 1 
ATOM   395 N N   . ARG A 1 55 ? -5.255  -10.987 10.424  1.00 31.31 ? 633 ARG A N   1 
ATOM   396 C CA  . ARG A 1 55 ? -4.279  -11.488 9.465   1.00 33.47 ? 633 ARG A CA  1 
ATOM   397 C C   . ARG A 1 55 ? -4.317  -10.689 8.169   1.00 28.66 ? 633 ARG A C   1 
ATOM   398 O O   . ARG A 1 55 ? -3.270  -10.423 7.568   1.00 29.74 ? 633 ARG A O   1 
ATOM   399 C CB  . ARG A 1 55 ? -4.527  -12.968 9.186   1.00 42.23 ? 633 ARG A CB  1 
ATOM   400 C CG  . ARG A 1 55 ? -3.384  -13.659 8.462   1.00 50.11 ? 633 ARG A CG  1 
ATOM   401 C CD  . ARG A 1 55 ? -3.766  -15.070 8.046   1.00 55.41 ? 633 ARG A CD  1 
ATOM   402 N NE  . ARG A 1 55 ? -4.903  -15.582 8.806   1.00 57.72 ? 633 ARG A NE  1 
ATOM   403 C CZ  . ARG A 1 55 ? -4.798  -16.288 9.928   1.00 60.17 ? 633 ARG A CZ  1 
ATOM   404 N NH1 . ARG A 1 55 ? -3.604  -16.568 10.431  1.00 60.66 ? 633 ARG A NH1 1 
ATOM   405 N NH2 . ARG A 1 55 ? -5.891  -16.711 10.549  1.00 61.45 ? 633 ARG A NH2 1 
ATOM   406 N N   . GLU A 1 56 ? -5.512  -10.294 7.723   1.00 24.16 ? 634 GLU A N   1 
ATOM   407 C CA  . GLU A 1 56 ? -5.610  -9.507  6.500   1.00 20.71 ? 634 GLU A CA  1 
ATOM   408 C C   . GLU A 1 56 ? -5.174  -8.064  6.721   1.00 23.12 ? 634 GLU A C   1 
ATOM   409 O O   . GLU A 1 56 ? -4.667  -7.424  5.794   1.00 31.38 ? 634 GLU A O   1 
ATOM   410 C CB  . GLU A 1 56 ? -7.032  -9.557  5.950   1.00 24.40 ? 634 GLU A CB  1 
ATOM   411 C CG  . GLU A 1 56 ? -7.356  -10.847 5.213   1.00 32.77 ? 634 GLU A CG  1 
ATOM   412 C CD  . GLU A 1 56 ? -6.286  -11.222 4.204   1.00 40.04 ? 634 GLU A CD  1 
ATOM   413 O OE1 . GLU A 1 56 ? -5.385  -12.013 4.553   1.00 43.67 ? 634 GLU A OE1 1 
ATOM   414 O OE2 . GLU A 1 56 ? -6.340  -10.718 3.062   1.00 41.31 ? 634 GLU A OE2 1 
ATOM   415 N N   . ILE A 1 57 ? -5.368  -7.533  7.931   1.00 24.98 ? 635 ILE A N   1 
ATOM   416 C CA  . ILE A 1 57 ? -4.830  -6.213  8.246   1.00 22.46 ? 635 ILE A CA  1 
ATOM   417 C C   . ILE A 1 57 ? -3.313  -6.229  8.148   1.00 23.47 ? 635 ILE A C   1 
ATOM   418 O O   . ILE A 1 57 ? -2.697  -5.302  7.608   1.00 28.42 ? 635 ILE A O   1 
ATOM   419 C CB  . ILE A 1 57 ? -5.304  -5.757  9.639   1.00 23.84 ? 635 ILE A CB  1 
ATOM   420 C CG1 . ILE A 1 57 ? -6.802  -5.456  9.629   1.00 23.93 ? 635 ILE A CG1 1 
ATOM   421 C CG2 . ILE A 1 57 ? -4.521  -4.538  10.099  1.00 25.53 ? 635 ILE A CG2 1 
ATOM   422 C CD1 . ILE A 1 57 ? -7.176  -4.248  8.812   1.00 26.92 ? 635 ILE A CD1 1 
ATOM   423 N N   . ASN A 1 58 ? -2.681  -7.294  8.646   1.00 24.28 ? 636 ASN A N   1 
ATOM   424 C CA  . ASN A 1 58 ? -1.227  -7.378  8.595   1.00 26.02 ? 636 ASN A CA  1 
ATOM   425 C C   . ASN A 1 58 ? -0.735  -7.653  7.179   1.00 25.05 ? 636 ASN A C   1 
ATOM   426 O O   . ASN A 1 58 ? 0.289   -7.105  6.755   1.00 24.90 ? 636 ASN A O   1 
ATOM   427 C CB  . ASN A 1 58 ? -0.730  -8.460  9.552   1.00 32.48 ? 636 ASN A CB  1 
ATOM   428 C CG  . ASN A 1 58 ? -1.155  -8.211  10.986  1.00 40.21 ? 636 ASN A CG  1 
ATOM   429 O OD1 . ASN A 1 58 ? -1.208  -9.133  11.798  1.00 51.29 ? 636 ASN A OD1 1 
ATOM   430 N ND2 . ASN A 1 58 ? -1.461  -6.961  11.305  1.00 38.47 ? 636 ASN A ND2 1 
ATOM   431 N N   . ASN A 1 59 ? -1.448  -8.503  6.435   1.00 26.63 ? 637 ASN A N   1 
ATOM   432 C CA  . ASN A 1 59 ? -1.040  -8.816  5.068   1.00 27.20 ? 637 ASN A CA  1 
ATOM   433 C C   . ASN A 1 59 ? -1.008  -7.565  4.201   1.00 25.92 ? 637 ASN A C   1 
ATOM   434 O O   . ASN A 1 59 ? -0.068  -7.365  3.423   1.00 32.88 ? 637 ASN A O   1 
ATOM   435 C CB  . ASN A 1 59 ? -1.981  -9.859  4.466   1.00 28.02 ? 637 ASN A CB  1 
ATOM   436 C CG  . ASN A 1 59 ? -1.810  -11.227 5.093   1.00 35.06 ? 637 ASN A CG  1 
ATOM   437 O OD1 . ASN A 1 59 ? -1.010  -11.405 6.010   1.00 37.48 ? 637 ASN A OD1 1 
ATOM   438 N ND2 . ASN A 1 59 ? -2.577  -12.201 4.611   1.00 37.14 ? 637 ASN A ND2 1 
ATOM   439 N N   . TYR A 1 60 ? -2.018  -6.705  4.325   1.00 23.85 ? 638 TYR A N   1 
ATOM   440 C CA  . TYR A 1 60 ? -2.044  -5.489  3.523   1.00 27.97 ? 638 TYR A CA  1 
ATOM   441 C C   . TYR A 1 60 ? -1.179  -4.386  4.119   1.00 29.83 ? 638 TYR A C   1 
ATOM   442 O O   . TYR A 1 60 ? -0.688  -3.528  3.380   1.00 31.97 ? 638 TYR A O   1 
ATOM   443 C CB  . TYR A 1 60 ? -3.483  -5.010  3.339   1.00 26.49 ? 638 TYR A CB  1 
ATOM   444 C CG  . TYR A 1 60 ? -4.173  -5.706  2.192   1.00 32.98 ? 638 TYR A CG  1 
ATOM   445 C CD1 . TYR A 1 60 ? -4.751  -6.956  2.360   1.00 38.79 ? 638 TYR A CD1 1 
ATOM   446 C CD2 . TYR A 1 60 ? -4.220  -5.125  0.932   1.00 38.26 ? 638 TYR A CD2 1 
ATOM   447 C CE1 . TYR A 1 60 ? -5.372  -7.601  1.309   1.00 46.18 ? 638 TYR A CE1 1 
ATOM   448 C CE2 . TYR A 1 60 ? -4.838  -5.761  -0.125  1.00 44.44 ? 638 TYR A CE2 1 
ATOM   449 C CZ  . TYR A 1 60 ? -5.411  -7.000  0.069   1.00 51.02 ? 638 TYR A CZ  1 
ATOM   450 O OH  . TYR A 1 60 ? -6.029  -7.638  -0.982  1.00 58.83 ? 638 TYR A OH  1 
ATOM   451 N N   . THR A 1 61 ? -0.975  -4.390  5.438   1.00 26.93 ? 639 THR A N   1 
ATOM   452 C CA  . THR A 1 61 ? -0.025  -3.451  6.024   1.00 29.13 ? 639 THR A CA  1 
ATOM   453 C C   . THR A 1 61 ? 1.395   -3.762  5.567   1.00 29.97 ? 639 THR A C   1 
ATOM   454 O O   . THR A 1 61 ? 2.157   -2.851  5.223   1.00 31.37 ? 639 THR A O   1 
ATOM   455 C CB  . THR A 1 61 ? -0.119  -3.481  7.550   1.00 30.45 ? 639 THR A CB  1 
ATOM   456 O OG1 . THR A 1 61 ? -1.456  -3.160  7.953   1.00 30.81 ? 639 THR A OG1 1 
ATOM   457 C CG2 . THR A 1 61 ? 0.840   -2.475  8.164   1.00 34.81 ? 639 THR A CG2 1 
ATOM   458 N N   . SER A 1 62 ? 1.763   -5.045  5.545   1.00 30.47 ? 640 SER A N   1 
ATOM   459 C CA  . SER A 1 62 ? 3.080   -5.432  5.051   1.00 32.44 ? 640 SER A CA  1 
ATOM   460 C C   . SER A 1 62 ? 3.239   -5.121  3.569   1.00 27.12 ? 640 SER A C   1 
ATOM   461 O O   . SER A 1 62 ? 4.341   -4.779  3.124   1.00 28.51 ? 640 SER A O   1 
ATOM   462 C CB  . SER A 1 62 ? 3.319   -6.920  5.307   1.00 38.64 ? 640 SER A CB  1 
ATOM   463 O OG  . SER A 1 62 ? 4.556   -7.341  4.758   1.00 47.50 ? 640 SER A OG  1 
ATOM   464 N N   . LEU A 1 63 ? 2.159   -5.233  2.793   1.00 24.33 ? 641 LEU A N   1 
ATOM   465 C CA  . LEU A 1 63 ? 2.233   -4.914  1.372   1.00 19.76 ? 641 LEU A CA  1 
ATOM   466 C C   . LEU A 1 63 ? 2.393   -3.415  1.151   1.00 20.99 ? 641 LEU A C   1 
ATOM   467 O O   . LEU A 1 63 ? 3.188   -2.989  0.306   1.00 24.66 ? 641 LEU A O   1 
ATOM   468 C CB  . LEU A 1 63 ? 0.986   -5.430  0.656   1.00 19.42 ? 641 LEU A CB  1 
ATOM   469 C CG  . LEU A 1 63 ? 0.791   -4.969  -0.789  1.00 26.79 ? 641 LEU A CG  1 
ATOM   470 C CD1 . LEU A 1 63 ? 1.855   -5.569  -1.693  1.00 32.58 ? 641 LEU A CD1 1 
ATOM   471 C CD2 . LEU A 1 63 ? -0.602  -5.323  -1.284  1.00 21.64 ? 641 LEU A CD2 1 
ATOM   472 N N   . ILE A 1 64 ? 1.645   -2.605  1.902   1.00 20.60 ? 642 ILE A N   1 
ATOM   473 C CA  . ILE A 1 64 ? 1.721   -1.153  1.744   1.00 21.46 ? 642 ILE A CA  1 
ATOM   474 C C   . ILE A 1 64 ? 3.125   -0.657  2.053   1.00 26.36 ? 642 ILE A C   1 
ATOM   475 O O   . ILE A 1 64 ? 3.696   0.152   1.308   1.00 29.17 ? 642 ILE A O   1 
ATOM   476 C CB  . ILE A 1 64 ? 0.666   -0.465  2.630   1.00 23.96 ? 642 ILE A CB  1 
ATOM   477 C CG1 . ILE A 1 64 ? -0.735  -0.700  2.061   1.00 29.61 ? 642 ILE A CG1 1 
ATOM   478 C CG2 . ILE A 1 64 ? 0.954   1.024   2.749   1.00 27.76 ? 642 ILE A CG2 1 
ATOM   479 C CD1 . ILE A 1 64 ? -1.847  -0.361  3.022   1.00 34.89 ? 642 ILE A CD1 1 
ATOM   480 N N   . HIS A 1 65 ? 3.712   -1.136  3.151   1.00 31.15 ? 643 HIS A N   1 
ATOM   481 C CA  . HIS A 1 65 ? 5.074   -0.742  3.488   1.00 32.71 ? 643 HIS A CA  1 
ATOM   482 C C   . HIS A 1 65 ? 6.064   -1.196  2.422   1.00 34.78 ? 643 HIS A C   1 
ATOM   483 O O   . HIS A 1 65 ? 7.052   -0.501  2.159   1.00 37.76 ? 643 HIS A O   1 
ATOM   484 C CB  . HIS A 1 65 ? 5.463   -1.298  4.858   1.00 38.48 ? 643 HIS A CB  1 
ATOM   485 C CG  . HIS A 1 65 ? 4.768   -0.629  6.002   1.00 54.78 ? 643 HIS A CG  1 
ATOM   486 N ND1 . HIS A 1 65 ? 4.820   0.733   6.209   1.00 62.63 ? 643 HIS A ND1 1 
ATOM   487 C CD2 . HIS A 1 65 ? 4.014   -1.136  7.005   1.00 60.78 ? 643 HIS A CD2 1 
ATOM   488 C CE1 . HIS A 1 65 ? 4.122   1.035   7.290   1.00 62.01 ? 643 HIS A CE1 1 
ATOM   489 N NE2 . HIS A 1 65 ? 3.623   -0.078  7.791   1.00 60.36 ? 643 HIS A NE2 1 
ATOM   490 N N   . SER A 1 66 ? 5.822   -2.353  1.800   1.00 32.75 ? 644 SER A N   1 
ATOM   491 C CA  . SER A 1 66 ? 6.674   -2.787  0.698   1.00 31.28 ? 644 SER A CA  1 
ATOM   492 C C   . SER A 1 66 ? 6.536   -1.856  -0.498  1.00 32.83 ? 644 SER A C   1 
ATOM   493 O O   . SER A 1 66 ? 7.527   -1.542  -1.165  1.00 37.35 ? 644 SER A O   1 
ATOM   494 C CB  . SER A 1 66 ? 6.332   -4.223  0.304   1.00 32.37 ? 644 SER A CB  1 
ATOM   495 O OG  . SER A 1 66 ? 6.553   -5.116  1.383   1.00 42.20 ? 644 SER A OG  1 
ATOM   496 N N   . LEU A 1 67 ? 5.312   -1.402  -0.786  1.00 30.79 ? 645 LEU A N   1 
ATOM   497 C CA  . LEU A 1 67 ? 5.109   -0.467  -1.887  1.00 27.25 ? 645 LEU A CA  1 
ATOM   498 C C   . LEU A 1 67 ? 5.632   0.921   -1.546  1.00 24.96 ? 645 LEU A C   1 
ATOM   499 O O   . LEU A 1 67 ? 6.101   1.639   -2.437  1.00 25.77 ? 645 LEU A O   1 
ATOM   500 C CB  . LEU A 1 67 ? 3.627   -0.404  -2.257  1.00 25.85 ? 645 LEU A CB  1 
ATOM   501 C CG  . LEU A 1 67 ? 3.051   -1.645  -2.941  1.00 25.00 ? 645 LEU A CG  1 
ATOM   502 C CD1 . LEU A 1 67 ? 1.534   -1.599  -2.957  1.00 27.19 ? 645 LEU A CD1 1 
ATOM   503 C CD2 . LEU A 1 67 ? 3.598   -1.771  -4.352  1.00 25.61 ? 645 LEU A CD2 1 
ATOM   504 N N   . ILE A 1 68 ? 5.555   1.320   -0.275  1.00 25.79 ? 646 ILE A N   1 
ATOM   505 C CA  . ILE A 1 68 ? 6.145   2.588   0.136   1.00 25.83 ? 646 ILE A CA  1 
ATOM   506 C C   . ILE A 1 68 ? 7.662   2.532   0.006   1.00 30.42 ? 646 ILE A C   1 
ATOM   507 O O   . ILE A 1 68 ? 8.295   3.484   -0.468  1.00 33.94 ? 646 ILE A O   1 
ATOM   508 C CB  . ILE A 1 68 ? 5.706   2.945   1.569   1.00 24.81 ? 646 ILE A CB  1 
ATOM   509 C CG1 . ILE A 1 68 ? 4.212   3.277   1.606   1.00 27.19 ? 646 ILE A CG1 1 
ATOM   510 C CG2 . ILE A 1 68 ? 6.520   4.109   2.111   1.00 27.85 ? 646 ILE A CG2 1 
ATOM   511 C CD1 . ILE A 1 68 ? 3.696   3.631   2.987   1.00 26.25 ? 646 ILE A CD1 1 
ATOM   512 N N   . GLU A 1 69 ? 8.268   1.412   0.410   1.00 27.65 ? 647 GLU A N   1 
ATOM   513 C CA  . GLU A 1 69 ? 9.714   1.261   0.276   1.00 26.74 ? 647 GLU A CA  1 
ATOM   514 C C   . GLU A 1 69 ? 10.135  1.263   -1.188  1.00 28.94 ? 647 GLU A C   1 
ATOM   515 O O   . GLU A 1 69 ? 11.125  1.907   -1.556  1.00 31.64 ? 647 GLU A O   1 
ATOM   516 C CB  . GLU A 1 69 ? 10.169  -0.026  0.966   1.00 30.14 ? 647 GLU A CB  1 
ATOM   517 C CG  . GLU A 1 69 ? 11.597  -0.435  0.644   1.00 44.57 ? 647 GLU A CG  1 
ATOM   518 C CD  . GLU A 1 69 ? 12.080  -1.589  1.499   1.00 59.27 ? 647 GLU A CD  1 
ATOM   519 O OE1 . GLU A 1 69 ? 11.413  -1.902  2.508   1.00 63.79 ? 647 GLU A OE1 1 
ATOM   520 O OE2 . GLU A 1 69 ? 13.124  -2.185  1.162   1.00 64.73 ? 647 GLU A OE2 1 
ATOM   521 N N   . GLU A 1 70 ? 9.394   0.549   -2.038  1.00 26.76 ? 648 GLU A N   1 
ATOM   522 C CA  . GLU A 1 70 ? 9.703   0.544   -3.464  1.00 27.34 ? 648 GLU A CA  1 
ATOM   523 C C   . GLU A 1 70 ? 9.553   1.936   -4.064  1.00 31.44 ? 648 GLU A C   1 
ATOM   524 O O   . GLU A 1 70 ? 10.338  2.337   -4.930  1.00 36.15 ? 648 GLU A O   1 
ATOM   525 C CB  . GLU A 1 70 ? 8.805   -0.458  -4.192  1.00 30.73 ? 648 GLU A CB  1 
ATOM   526 C CG  . GLU A 1 70 ? 8.989   -0.492  -5.702  1.00 42.07 ? 648 GLU A CG  1 
ATOM   527 C CD  . GLU A 1 70 ? 10.295  -1.141  -6.126  1.00 53.22 ? 648 GLU A CD  1 
ATOM   528 O OE1 . GLU A 1 70 ? 10.930  -1.816  -5.288  1.00 54.98 ? 648 GLU A OE1 1 
ATOM   529 O OE2 . GLU A 1 70 ? 10.686  -0.973  -7.301  1.00 56.74 ? 648 GLU A OE2 1 
ATOM   530 N N   . SER A 1 71 ? 8.552   2.692   -3.607  1.00 29.69 ? 649 SER A N   1 
ATOM   531 C CA  . SER A 1 71 ? 8.381   4.059   -4.088  1.00 27.12 ? 649 SER A CA  1 
ATOM   532 C C   . SER A 1 71 ? 9.519   4.956   -3.614  1.00 26.06 ? 649 SER A C   1 
ATOM   533 O O   . SER A 1 71 ? 9.953   5.854   -4.344  1.00 28.25 ? 649 SER A O   1 
ATOM   534 C CB  . SER A 1 71 ? 7.033   4.610   -3.627  1.00 26.46 ? 649 SER A CB  1 
ATOM   535 O OG  . SER A 1 71 ? 5.971   3.783   -4.067  1.00 25.96 ? 649 SER A OG  1 
ATOM   536 N N   . GLN A 1 72 ? 10.010  4.730   -2.393  1.00 25.81 ? 650 GLN A N   1 
ATOM   537 C CA  . GLN A 1 72 ? 11.149  5.498   -1.901  1.00 25.16 ? 650 GLN A CA  1 
ATOM   538 C C   . GLN A 1 72 ? 12.418  5.144   -2.663  1.00 23.78 ? 650 GLN A C   1 
ATOM   539 O O   . GLN A 1 72 ? 13.260  6.012   -2.916  1.00 30.58 ? 650 GLN A O   1 
ATOM   540 C CB  . GLN A 1 72 ? 11.345  5.258   -0.405  1.00 32.73 ? 650 GLN A CB  1 
ATOM   541 C CG  . GLN A 1 72 ? 10.234  5.809   0.472   1.00 38.30 ? 650 GLN A CG  1 
ATOM   542 C CD  . GLN A 1 72 ? 10.402  5.436   1.933   1.00 38.13 ? 650 GLN A CD  1 
ATOM   543 O OE1 . GLN A 1 72 ? 11.220  4.582   2.279   1.00 34.55 ? 650 GLN A OE1 1 
ATOM   544 N NE2 . GLN A 1 72 ? 9.626   6.078   2.800   1.00 39.63 ? 650 GLN A NE2 1 
ATOM   545 N N   . ASN A 1 73 ? 12.575  3.873   -3.035  1.00 24.69 ? 651 ASN A N   1 
ATOM   546 C CA  . ASN A 1 73 ? 13.750  3.468   -3.797  1.00 24.53 ? 651 ASN A CA  1 
ATOM   547 C C   . ASN A 1 73 ? 13.738  4.072   -5.195  1.00 26.68 ? 651 ASN A C   1 
ATOM   548 O O   . ASN A 1 73 ? 14.791  4.449   -5.723  1.00 26.55 ? 651 ASN A O   1 
ATOM   549 C CB  . ASN A 1 73 ? 13.826  1.945   -3.875  1.00 24.78 ? 651 ASN A CB  1 
ATOM   550 C CG  . ASN A 1 73 ? 14.125  1.308   -2.534  1.00 30.54 ? 651 ASN A CG  1 
ATOM   551 O OD1 . ASN A 1 73 ? 13.995  0.096   -2.367  1.00 40.71 ? 651 ASN A OD1 1 
ATOM   552 N ND2 . ASN A 1 73 ? 14.530  2.122   -1.570  1.00 27.53 ? 651 ASN A ND2 1 
ATOM   553 N N   . GLN A 1 74 ? 12.557  4.173   -5.813  1.00 28.18 ? 652 GLN A N   1 
ATOM   554 C CA  . GLN A 1 74 ? 12.477  4.749   -7.150  1.00 26.96 ? 652 GLN A CA  1 
ATOM   555 C C   . GLN A 1 74 ? 12.682  6.257   -7.125  1.00 24.28 ? 652 GLN A C   1 
ATOM   556 O O   . GLN A 1 74 ? 13.241  6.819   -8.072  1.00 26.97 ? 652 GLN A O   1 
ATOM   557 C CB  . GLN A 1 74 ? 11.136  4.414   -7.798  1.00 32.75 ? 652 GLN A CB  1 
ATOM   558 C CG  . GLN A 1 74 ? 11.121  4.693   -9.285  1.00 41.60 ? 652 GLN A CG  1 
ATOM   559 C CD  . GLN A 1 74 ? 12.229  3.949   -10.002 1.00 53.73 ? 652 GLN A CD  1 
ATOM   560 O OE1 . GLN A 1 74 ? 12.524  2.799   -9.679  1.00 60.30 ? 652 GLN A OE1 1 
ATOM   561 N NE2 . GLN A 1 74 ? 12.854  4.604   -10.973 1.00 57.08 ? 652 GLN A NE2 1 
ATOM   562 N N   . GLN A 1 75 ? 12.232  6.924   -6.061  1.00 22.76 ? 653 GLN A N   1 
ATOM   563 C CA  . GLN A 1 75 ? 12.464  8.358   -5.941  1.00 23.11 ? 653 GLN A CA  1 
ATOM   564 C C   . GLN A 1 75 ? 13.953  8.670   -5.938  1.00 23.08 ? 653 GLN A C   1 
ATOM   565 O O   . GLN A 1 75 ? 14.401  9.611   -6.604  1.00 27.49 ? 653 GLN A O   1 
ATOM   566 C CB  . GLN A 1 75 ? 11.800  8.890   -4.672  1.00 23.02 ? 653 GLN A CB  1 
ATOM   567 C CG  . GLN A 1 75 ? 11.790  10.401  -4.567  1.00 20.43 ? 653 GLN A CG  1 
ATOM   568 C CD  . GLN A 1 75 ? 10.777  11.038  -5.494  1.00 20.36 ? 653 GLN A CD  1 
ATOM   569 O OE1 . GLN A 1 75 ? 9.900   10.365  -6.032  1.00 24.06 ? 653 GLN A OE1 1 
ATOM   570 N NE2 . GLN A 1 75 ? 10.895  12.345  -5.689  1.00 22.96 ? 653 GLN A NE2 1 
ATOM   571 N N   . GLU A 1 76 ? 14.739  7.881   -5.204  1.00 24.82 ? 654 GLU A N   1 
ATOM   572 C CA  . GLU A 1 76 ? 16.180  8.103   -5.162  1.00 25.09 ? 654 GLU A CA  1 
ATOM   573 C C   . GLU A 1 76 ? 16.819  7.837   -6.517  1.00 25.31 ? 654 GLU A C   1 
ATOM   574 O O   . GLU A 1 76 ? 17.756  8.536   -6.916  1.00 31.26 ? 654 GLU A O   1 
ATOM   575 C CB  . GLU A 1 76 ? 16.815  7.224   -4.085  1.00 32.34 ? 654 GLU A CB  1 
ATOM   576 C CG  . GLU A 1 76 ? 16.331  7.528   -2.677  1.00 42.20 ? 654 GLU A CG  1 
ATOM   577 C CD  . GLU A 1 76 ? 17.051  6.712   -1.621  1.00 48.66 ? 654 GLU A CD  1 
ATOM   578 O OE1 . GLU A 1 76 ? 17.906  5.880   -1.991  1.00 48.56 ? 654 GLU A OE1 1 
ATOM   579 O OE2 . GLU A 1 76 ? 16.763  6.906   -0.421  1.00 52.88 ? 654 GLU A OE2 1 
ATOM   580 N N   . LYS A 1 77 ? 16.326  6.831   -7.243  1.00 27.78 ? 655 LYS A N   1 
ATOM   581 C CA  . LYS A 1 77 ? 16.896  6.526   -8.551  1.00 31.34 ? 655 LYS A CA  1 
ATOM   582 C C   . LYS A 1 77 ? 16.509  7.577   -9.582  1.00 28.55 ? 655 LYS A C   1 
ATOM   583 O O   . LYS A 1 77 ? 17.324  7.946   -10.435 1.00 28.41 ? 655 LYS A O   1 
ATOM   584 C CB  . LYS A 1 77 ? 16.461  5.131   -9.002  1.00 32.65 ? 655 LYS A CB  1 
ATOM   585 C CG  . LYS A 1 77 ? 17.025  4.017   -8.136  1.00 35.94 ? 655 LYS A CG  1 
ATOM   586 C CD  . LYS A 1 77 ? 16.839  2.650   -8.774  1.00 39.83 ? 655 LYS A CD  1 
ATOM   587 C CE  . LYS A 1 77 ? 15.394  2.200   -8.700  1.00 41.50 ? 655 LYS A CE  1 
ATOM   588 N NZ  . LYS A 1 77 ? 15.209  0.805   -9.184  1.00 45.27 ? 655 LYS A NZ  1 
ATOM   589 N N   . ASN A 1 78 ? 15.271  8.074   -9.520  1.00 23.42 ? 656 ASN A N   1 
ATOM   590 C CA  . ASN A 1 78 ? 14.863  9.138   -10.431 1.00 23.98 ? 656 ASN A CA  1 
ATOM   591 C C   . ASN A 1 78 ? 15.628  10.425  -10.149 1.00 26.46 ? 656 ASN A C   1 
ATOM   592 O O   . ASN A 1 78 ? 16.008  11.145  -11.080 1.00 30.74 ? 656 ASN A O   1 
ATOM   593 C CB  . ASN A 1 78 ? 13.357  9.374   -10.323 1.00 24.36 ? 656 ASN A CB  1 
ATOM   594 C CG  . ASN A 1 78 ? 12.546  8.178   -10.778 1.00 26.00 ? 656 ASN A CG  1 
ATOM   595 O OD1 . ASN A 1 78 ? 13.046  7.311   -11.494 1.00 31.78 ? 656 ASN A OD1 1 
ATOM   596 N ND2 . ASN A 1 78 ? 11.283  8.128   -10.368 1.00 21.75 ? 656 ASN A ND2 1 
ATOM   597 N N   . GLU A 1 79 ? 15.868  10.728  -8.873  1.00 29.00 ? 657 GLU A N   1 
ATOM   598 C CA  . GLU A 1 79 ? 16.614  11.935  -8.532  1.00 28.26 ? 657 GLU A CA  1 
ATOM   599 C C   . GLU A 1 79 ? 18.090  11.786  -8.877  1.00 27.48 ? 657 GLU A C   1 
ATOM   600 O O   . GLU A 1 79 ? 18.711  12.730  -9.377  1.00 29.54 ? 657 GLU A O   1 
ATOM   601 C CB  . GLU A 1 79 ? 16.428  12.264  -7.052  1.00 29.90 ? 657 GLU A CB  1 
ATOM   602 C CG  . GLU A 1 79 ? 15.029  12.753  -6.705  1.00 30.30 ? 657 GLU A CG  1 
ATOM   603 C CD  . GLU A 1 79 ? 14.761  12.763  -5.212  1.00 35.55 ? 657 GLU A CD  1 
ATOM   604 O OE1 . GLU A 1 79 ? 15.466  12.041  -4.474  1.00 36.73 ? 657 GLU A OE1 1 
ATOM   605 O OE2 . GLU A 1 79 ? 13.848  13.493  -4.775  1.00 36.27 ? 657 GLU A OE2 1 
ATOM   606 N N   . GLN A 1 80 ? 18.671  10.610  -8.617  1.00 30.58 ? 658 GLN A N   1 
ATOM   607 C CA  . GLN A 1 80 ? 20.047  10.360  -9.034  1.00 33.47 ? 658 GLN A CA  1 
ATOM   608 C C   . GLN A 1 80 ? 20.204  10.551  -10.536 1.00 30.06 ? 658 GLN A C   1 
ATOM   609 O O   . GLN A 1 80 ? 21.195  11.125  -10.999 1.00 28.46 ? 658 GLN A O   1 
ATOM   610 C CB  . GLN A 1 80 ? 20.477  8.947   -8.637  1.00 45.88 ? 658 GLN A CB  1 
ATOM   611 C CG  . GLN A 1 80 ? 21.619  8.399   -9.488  1.00 57.55 ? 658 GLN A CG  1 
ATOM   612 C CD  . GLN A 1 80 ? 21.938  6.946   -9.201  1.00 64.16 ? 658 GLN A CD  1 
ATOM   613 O OE1 . GLN A 1 80 ? 22.654  6.632   -8.252  1.00 69.35 ? 658 GLN A OE1 1 
ATOM   614 N NE2 . GLN A 1 80 ? 21.409  6.050   -10.027 1.00 62.96 ? 658 GLN A NE2 1 
ATOM   615 N N   . GLU A 1 81 ? 19.227  10.083  -11.309 1.00 31.30 ? 659 GLU A N   1 
ATOM   616 C CA  . GLU A 1 81 ? 19.310  10.187  -12.760 1.00 37.60 ? 659 GLU A CA  1 
ATOM   617 C C   . GLU A 1 81 ? 19.188  11.635  -13.216 1.00 23.68 ? 659 GLU A C   1 
ATOM   618 O O   . GLU A 1 81 ? 19.893  12.063  -14.137 1.00 24.53 ? 659 GLU A O   1 
ATOM   619 C CB  . GLU A 1 81 ? 18.224  9.322   -13.393 1.00 40.57 ? 659 GLU A CB  1 
ATOM   620 C CG  . GLU A 1 81 ? 18.553  8.802   -14.768 1.00 46.27 ? 659 GLU A CG  1 
ATOM   621 C CD  . GLU A 1 81 ? 17.728  7.584   -15.118 1.00 55.80 ? 659 GLU A CD  1 
ATOM   622 O OE1 . GLU A 1 81 ? 16.967  7.110   -14.249 1.00 48.07 ? 659 GLU A OE1 1 
ATOM   623 O OE2 . GLU A 1 81 ? 17.851  7.093   -16.256 1.00 69.10 ? 659 GLU A OE2 1 
ATOM   624 N N   . LEU A 1 82 ? 18.301  12.403  -12.582 1.00 22.36 ? 660 LEU A N   1 
ATOM   625 C CA  . LEU A 1 82 ? 18.140  13.807  -12.946 1.00 23.81 ? 660 LEU A CA  1 
ATOM   626 C C   . LEU A 1 82 ? 19.421  14.589  -12.687 1.00 29.88 ? 660 LEU A C   1 
ATOM   627 O O   . LEU A 1 82 ? 19.899  15.330  -13.554 1.00 31.43 ? 660 LEU A O   1 
ATOM   628 C CB  . LEU A 1 82 ? 16.970  14.414  -12.171 1.00 23.73 ? 660 LEU A CB  1 
ATOM   629 C CG  . LEU A 1 82 ? 16.667  15.885  -12.456 1.00 30.65 ? 660 LEU A CG  1 
ATOM   630 C CD1 . LEU A 1 82 ? 16.038  16.044  -13.829 1.00 38.33 ? 660 LEU A CD1 1 
ATOM   631 C CD2 . LEU A 1 82 ? 15.769  16.471  -11.379 1.00 33.07 ? 660 LEU A CD2 1 
ATOM   632 N N   . LEU A 1 83 ? 19.995  14.431  -11.497 1.00 29.77 ? 661 LEU A N   1 
ATOM   633 C CA  . LEU A 1 83 ? 21.240  15.108  -11.158 1.00 30.93 ? 661 LEU A CA  1 
ATOM   634 C C   . LEU A 1 83 ? 22.397  14.472  -11.919 1.00 43.48 ? 661 LEU A C   1 
ATOM   635 O O   . LEU A 1 83 ? 22.675  13.279  -11.760 1.00 50.76 ? 661 LEU A O   1 
ATOM   636 C CB  . LEU A 1 83 ? 21.484  15.033  -9.653  1.00 26.77 ? 661 LEU A CB  1 
ATOM   637 C CG  . LEU A 1 83 ? 20.335  15.451  -8.732  1.00 23.46 ? 661 LEU A CG  1 
ATOM   638 C CD1 . LEU A 1 83 ? 20.670  15.129  -7.283  1.00 22.84 ? 661 LEU A CD1 1 
ATOM   639 C CD2 . LEU A 1 83 ? 20.016  16.926  -8.899  1.00 24.64 ? 661 LEU A CD2 1 
ATOM   640 N N   . GLY A 1 84 ? 23.074  15.264  -12.744 1.00 49.98 ? 662 GLY A N   1 
ATOM   641 C CA  . GLY A 1 84 ? 24.216  14.768  -13.487 1.00 62.50 ? 662 GLY A CA  1 
ATOM   642 C C   . GLY A 1 84 ? 23.855  13.752  -14.551 1.00 66.54 ? 662 GLY A C   1 
ATOM   643 O O   . GLY A 1 84 ? 24.434  12.663  -14.604 1.00 64.12 ? 662 GLY A O   1 
ATOM   644 N N   . GLY A 1 85 ? 22.899  14.100  -15.405 1.00 70.80 ? 663 GLY A N   1 
ATOM   645 C CA  . GLY A 1 85 ? 22.485  13.227  -16.486 1.00 76.21 ? 663 GLY A CA  1 
ATOM   646 C C   . GLY A 1 85 ? 22.078  13.990  -17.731 1.00 80.04 ? 663 GLY A C   1 
ATOM   647 O O   . GLY A 1 85 ? 21.830  15.195  -17.677 1.00 81.31 ? 663 GLY A O   1 
HETATM 648 O O   . HOH B 2 .  ? -3.816  7.015   0.157   0.33 24.48 ? 701 HOH A O   1 
HETATM 649 O O   . HOH B 2 .  ? 10.238  10.677  -8.714  1.00 22.57 ? 702 HOH A O   1 
HETATM 650 O O   . HOH B 2 .  ? 12.740  15.297  -5.842  1.00 35.22 ? 703 HOH A O   1 
HETATM 651 O O   . HOH B 2 .  ? -26.566 -1.925  16.525  1.00 66.23 ? 704 HOH A O   1 
HETATM 652 O O   . HOH B 2 .  ? 19.813  9.320   -5.759  1.00 42.91 ? 705 HOH A O   1 
HETATM 653 O O   . HOH B 2 .  ? -19.347 -6.356  9.093   1.00 34.99 ? 706 HOH A O   1 
HETATM 654 O O   . HOH B 2 .  ? 15.641  4.332   -0.603  1.00 48.18 ? 707 HOH A O   1 
HETATM 655 O O   . HOH B 2 .  ? -4.915  -8.100  17.983  1.00 43.48 ? 708 HOH A O   1 
HETATM 656 O O   . HOH B 2 .  ? -5.707  -14.762 5.255   1.00 49.70 ? 709 HOH A O   1 
HETATM 657 O O   . HOH B 2 .  ? 12.146  -3.187  -1.180  1.00 47.78 ? 710 HOH A O   1 
HETATM 658 O O   . HOH B 2 .  ? -26.480 -2.745  11.489  1.00 54.82 ? 711 HOH A O   1 
HETATM 659 O O   . HOH B 2 .  ? 23.436  15.863  -19.810 1.00 53.92 ? 712 HOH A O   1 
HETATM 660 O O   . HOH B 2 .  ? 24.628  17.489  -12.201 1.00 37.20 ? 713 HOH A O   1 
HETATM 661 O O   . HOH B 2 .  ? 1.377   1.028   8.984   1.00 42.80 ? 714 HOH A O   1 
HETATM 662 O O   . HOH B 2 .  ? -1.951  -2.813  -4.579  1.00 26.78 ? 715 HOH A O   1 
HETATM 663 O O   . HOH B 2 .  ? -15.653 -16.423 14.264  1.00 59.26 ? 716 HOH A O   1 
HETATM 664 O O   . HOH B 2 .  ? -13.252 -22.096 14.390  1.00 37.62 ? 717 HOH A O   1 
HETATM 665 O O   . HOH B 2 .  ? 10.600  1.479   -14.724 1.00 46.92 ? 718 HOH A O   1 
HETATM 666 O O   . HOH B 2 .  ? 15.236  5.393   1.440   1.00 47.14 ? 719 HOH A O   1 
HETATM 667 O O   . HOH B 2 .  ? -9.942  3.593   8.626   0.33 20.26 ? 720 HOH A O   1 
HETATM 668 O O   . HOH B 2 .  ? -8.341  -1.511  -3.972  1.00 43.24 ? 721 HOH A O   1 
HETATM 669 O O   . HOH B 2 .  ? -19.065 -10.215 7.062   1.00 30.05 ? 722 HOH A O   1 
HETATM 670 O O   . HOH B 2 .  ? 15.961  -0.621  -6.689  1.00 34.25 ? 723 HOH A O   1 
HETATM 671 O O   . HOH B 2 .  ? 9.722   -3.634  -1.475  1.00 40.03 ? 724 HOH A O   1 
HETATM 672 O O   . HOH B 2 .  ? -0.741  -12.054 11.058  1.00 57.44 ? 725 HOH A O   1 
HETATM 673 O O   . HOH B 2 .  ? -18.229 -9.135  17.048  1.00 40.78 ? 726 HOH A O   1 
HETATM 674 O O   . HOH B 2 .  ? 14.060  10.159  -20.548 1.00 35.56 ? 727 HOH A O   1 
HETATM 675 O O   . HOH B 2 .  ? 23.809  9.086   -11.847 1.00 73.18 ? 728 HOH A O   1 
HETATM 676 O O   . HOH B 2 .  ? -12.142 -20.534 18.551  1.00 66.88 ? 729 HOH A O   1 
HETATM 677 O O   . HOH B 2 .  ? -4.035  -4.244  -3.626  1.00 44.69 ? 730 HOH A O   1 
HETATM 678 O O   . HOH B 2 .  ? -11.333 -2.556  -1.716  1.00 35.91 ? 731 HOH A O   1 
HETATM 679 O O   . HOH B 2 .  ? -3.023  -6.792  -3.722  1.00 36.44 ? 732 HOH A O   1 
# 
loop_
_atom_site_anisotrop.id 
_atom_site_anisotrop.type_symbol 
_atom_site_anisotrop.pdbx_label_atom_id 
_atom_site_anisotrop.pdbx_label_alt_id 
_atom_site_anisotrop.pdbx_label_comp_id 
_atom_site_anisotrop.pdbx_label_asym_id 
_atom_site_anisotrop.pdbx_label_seq_id 
_atom_site_anisotrop.pdbx_PDB_ins_code 
_atom_site_anisotrop.U[1][1] 
_atom_site_anisotrop.U[2][2] 
_atom_site_anisotrop.U[3][3] 
_atom_site_anisotrop.U[1][2] 
_atom_site_anisotrop.U[1][3] 
_atom_site_anisotrop.U[2][3] 
_atom_site_anisotrop.pdbx_auth_seq_id 
_atom_site_anisotrop.pdbx_auth_comp_id 
_atom_site_anisotrop.pdbx_auth_asym_id 
_atom_site_anisotrop.pdbx_auth_atom_id 
1   N N   . MET A 1  ? 0.8016 0.9244 0.8618 -0.0274 0.0343  -0.0152 542 MET A N   
2   C CA  . MET A 1  ? 0.8053 0.9175 0.8621 -0.0267 0.0365  -0.0226 542 MET A CA  
3   C C   . MET A 1  ? 0.7670 0.8673 0.8322 -0.0193 0.0344  -0.0194 542 MET A C   
4   O O   . MET A 1  ? 0.7705 0.8615 0.8331 -0.0185 0.0316  -0.0214 542 MET A O   
5   C CB  . MET A 1  ? 0.7991 0.9080 0.8506 -0.0308 0.0508  -0.0348 542 MET A CB  
6   C CG  . MET A 1  ? 0.7527 0.8763 0.7895 -0.0445 0.0523  -0.0432 542 MET A CG  
7   S SD  . MET A 1  ? 0.6859 0.7939 0.7096 -0.0564 0.0735  -0.0641 542 MET A SD  
8   C CE  . MET A 1  ? 0.6043 0.6904 0.6319 -0.0498 0.0723  -0.0646 542 MET A CE  
9   N N   . GLN A 2  ? 0.6735 0.7804 0.7490 -0.0147 0.0358  -0.0129 543 GLN A N   
10  C CA  . GLN A 2  ? 0.5739 0.6808 0.6589 -0.0073 0.0364  -0.0074 543 GLN A CA  
11  C C   . GLN A 2  ? 0.4773 0.5803 0.5591 -0.0112 0.0254  -0.0056 543 GLN A C   
12  O O   . GLN A 2  ? 0.4677 0.5633 0.5513 -0.0068 0.0255  -0.0058 543 GLN A O   
13  C CB  . GLN A 2  ? 0.6307 0.7597 0.7284 -0.0024 0.0395  0.0035  543 GLN A CB  
14  C CG  . GLN A 2  ? 0.6782 0.8230 0.7742 -0.0126 0.0321  0.0066  543 GLN A CG  
15  C CD  . GLN A 2  ? 0.7373 0.8858 0.8324 -0.0128 0.0389  0.0044  543 GLN A CD  
16  O OE1 . GLN A 2  ? 0.7698 0.9053 0.8555 -0.0149 0.0425  -0.0043 543 GLN A OE1 
17  N NE2 . GLN A 2  ? 0.7384 0.9105 0.8429 -0.0121 0.0409  0.0129  543 GLN A NE2 
18  N N   . LEU A 3  ? 0.4515 0.5555 0.5275 -0.0199 0.0191  -0.0041 544 LEU A N   
19  C CA  . LEU A 3  ? 0.4222 0.5173 0.4928 -0.0255 0.0138  -0.0039 544 LEU A CA  
20  C C   . LEU A 3  ? 0.4134 0.4901 0.4773 -0.0221 0.0131  -0.0075 544 LEU A C   
21  O O   . LEU A 3  ? 0.4838 0.5531 0.5468 -0.0206 0.0109  -0.0088 544 LEU A O   
22  C CB  . LEU A 3  ? 0.4320 0.5258 0.4959 -0.0376 0.0139  -0.0025 544 LEU A CB  
23  C CG  . LEU A 3  ? 0.4382 0.5192 0.4926 -0.0490 0.0141  -0.0050 544 LEU A CG  
24  C CD1 . LEU A 3  ? 0.5340 0.5854 0.5789 -0.0455 0.0193  -0.0054 544 LEU A CD1 
25  C CD2 . LEU A 3  ? 0.3830 0.4768 0.4418 -0.0491 0.0092  -0.0051 544 LEU A CD2 
26  N N   . LEU A 4  ? 0.3563 0.4317 0.4153 -0.0211 0.0150  -0.0073 545 LEU A N   
27  C CA  . LEU A 4  ? 0.2683 0.3382 0.3223 -0.0180 0.0143  -0.0072 545 LEU A CA  
28  C C   . LEU A 4  ? 0.3292 0.3989 0.3846 -0.0159 0.0147  -0.0145 545 LEU A C   
29  O O   . LEU A 4  ? 0.4117 0.4762 0.4642 -0.0143 0.0128  -0.0149 545 LEU A O   
30  C CB  . LEU A 4  ? 0.2951 0.3780 0.3453 -0.0179 0.0162  -0.0018 545 LEU A CB  
31  C CG  . LEU A 4  ? 0.3974 0.4742 0.4456 -0.0177 0.0201  0.0082  545 LEU A CG  
32  C CD1 . LEU A 4  ? 0.4508 0.5477 0.4975 -0.0153 0.0227  0.0181  545 LEU A CD1 
33  C CD2 . LEU A 4  ? 0.3935 0.4472 0.4381 -0.0152 0.0242  0.0130  545 LEU A CD2 
34  N N   . SER A 5  ? 0.3435 0.4163 0.4027 -0.0155 0.0200  -0.0196 546 SER A N   
35  C CA  . SER A 5  ? 0.3578 0.4216 0.4176 -0.0134 0.0262  -0.0262 546 SER A CA  
36  C C   . SER A 5  ? 0.3282 0.3842 0.3936 -0.0077 0.0227  -0.0220 546 SER A C   
37  O O   . SER A 5  ? 0.3212 0.3682 0.3839 -0.0070 0.0233  -0.0256 546 SER A O   
38  C CB  . SER A 5  ? 0.4558 0.5177 0.5190 -0.0114 0.0392  -0.0300 546 SER A CB  
39  O OG  . SER A 5  ? 0.5913 0.6375 0.6570 -0.0061 0.0504  -0.0331 546 SER A OG  
40  N N   . GLY A 6  ? 0.2907 0.3549 0.3629 -0.0059 0.0190  -0.0145 547 GLY A N   
41  C CA  . GLY A 6  ? 0.3170 0.3825 0.3929 -0.0038 0.0151  -0.0098 547 GLY A CA  
42  C C   . GLY A 6  ? 0.3689 0.4229 0.4361 -0.0086 0.0088  -0.0126 547 GLY A C   
43  O O   . GLY A 6  ? 0.4250 0.4751 0.4925 -0.0068 0.0070  -0.0122 547 GLY A O   
44  N N   . ILE A 7  ? 0.3727 0.4211 0.4325 -0.0131 0.0077  -0.0133 548 ILE A N   
45  C CA  . ILE A 7  ? 0.3508 0.3851 0.4032 -0.0142 0.0068  -0.0129 548 ILE A CA  
46  C C   . ILE A 7  ? 0.2903 0.3227 0.3417 -0.0090 0.0067  -0.0146 548 ILE A C   
47  O O   . ILE A 7  ? 0.3057 0.3302 0.3556 -0.0073 0.0053  -0.0153 548 ILE A O   
48  C CB  . ILE A 7  ? 0.3318 0.3590 0.3782 -0.0171 0.0112  -0.0087 548 ILE A CB  
49  C CG1 . ILE A 7  ? 0.2979 0.3222 0.3406 -0.0282 0.0134  -0.0099 548 ILE A CG1 
50  C CG2 . ILE A 7  ? 0.3657 0.3783 0.4066 -0.0121 0.0157  -0.0040 548 ILE A CG2 
51  C CD1 . ILE A 7  ? 0.2903 0.2981 0.3250 -0.0322 0.0229  -0.0064 548 ILE A CD1 
52  N N   . GLU A 8  ? 0.2617 0.3051 0.3128 -0.0091 0.0083  -0.0162 549 GLU A N   
53  C CA  . GLU A 8  ? 0.2533 0.3030 0.3013 -0.0099 0.0088  -0.0196 549 GLU A CA  
54  C C   . GLU A 8  ? 0.3583 0.3975 0.4082 -0.0095 0.0112  -0.0267 549 GLU A C   
55  O O   . GLU A 8  ? 0.3692 0.4064 0.4165 -0.0099 0.0104  -0.0284 549 GLU A O   
56  C CB  . GLU A 8  ? 0.2391 0.3081 0.2833 -0.0164 0.0118  -0.0228 549 GLU A CB  
57  C CG  . GLU A 8  ? 0.2463 0.3330 0.2892 -0.0149 0.0101  -0.0116 549 GLU A CG  
58  C CD  . GLU A 8  ? 0.2821 0.3985 0.3197 -0.0243 0.0119  -0.0142 549 GLU A CD  
59  O OE1 . GLU A 8  ? 0.3074 0.4243 0.3393 -0.0348 0.0165  -0.0283 549 GLU A OE1 
60  O OE2 . GLU A 8  ? 0.3820 0.5208 0.4195 -0.0222 0.0111  -0.0017 549 GLU A OE2 
61  N N   . GLN A 9  ? 0.3803 0.4142 0.4358 -0.0073 0.0158  -0.0281 550 GLN A N   
62  C CA  . GLN A 9  ? 0.4117 0.4345 0.4707 -0.0034 0.0224  -0.0304 550 GLN A CA  
63  C C   . GLN A 9  ? 0.4063 0.4261 0.4681 0.0008  0.0158  -0.0250 550 GLN A C   
64  O O   . GLN A 9  ? 0.4657 0.4767 0.5269 0.0027  0.0188  -0.0269 550 GLN A O   
65  C CB  . GLN A 9  ? 0.5168 0.5383 0.5838 0.0027  0.0327  -0.0275 550 GLN A CB  
66  C CG  . GLN A 9  ? 0.7094 0.7205 0.7837 0.0122  0.0430  -0.0227 550 GLN A CG  
67  C CD  . GLN A 9  ? 0.8954 0.9251 0.9825 0.0216  0.0390  -0.0071 550 GLN A CD  
68  O OE1 . GLN A 9  ? 1.0312 1.0746 1.1256 0.0256  0.0426  -0.0002 550 GLN A OE1 
69  N NE2 . GLN A 9  ? 0.8867 0.9229 0.9759 0.0232  0.0315  -0.0012 550 GLN A NE2 
70  N N   . GLN A 10 ? 0.3599 0.3854 0.4220 -0.0003 0.0084  -0.0196 551 GLN A N   
71  C CA  . GLN A 10 ? 0.2763 0.2993 0.3371 -0.0007 0.0038  -0.0172 551 GLN A CA  
72  C C   . GLN A 10 ? 0.2483 0.2606 0.3020 -0.0014 0.0022  -0.0202 551 GLN A C   
73  O O   . GLN A 10 ? 0.3377 0.3449 0.3902 -0.0002 0.0009  -0.0202 551 GLN A O   
74  C CB  . GLN A 10 ? 0.2636 0.2947 0.3223 -0.0079 0.0003  -0.0142 551 GLN A CB  
75  C CG  . GLN A 10 ? 0.3523 0.3861 0.4074 -0.0129 -0.0027 -0.0135 551 GLN A CG  
76  C CD  . GLN A 10 ? 0.4657 0.5060 0.5126 -0.0275 -0.0032 -0.0152 551 GLN A CD  
77  O OE1 . GLN A 10 ? 0.5144 0.5464 0.5561 -0.0329 0.0000  -0.0177 551 GLN A OE1 
78  N NE2 . GLN A 10 ? 0.4557 0.5125 0.4998 -0.0366 -0.0058 -0.0141 551 GLN A NE2 
79  N N   . GLN A 11 ? 0.2432 0.2569 0.2931 -0.0021 0.0029  -0.0201 552 GLN A N   
80  C CA  . GLN A 11 ? 0.2255 0.2386 0.2714 0.0000  0.0029  -0.0182 552 GLN A CA  
81  C C   . GLN A 11 ? 0.2236 0.2399 0.2698 -0.0013 0.0033  -0.0235 552 GLN A C   
82  O O   . GLN A 11 ? 0.2500 0.2657 0.2945 0.0004  0.0024  -0.0221 552 GLN A O   
83  C CB  . GLN A 11 ? 0.2830 0.3089 0.3273 0.0011  0.0046  -0.0119 552 GLN A CB  
84  C CG  . GLN A 11 ? 0.3289 0.3456 0.3717 0.0024  0.0083  -0.0058 552 GLN A CG  
85  C CD  . GLN A 11 ? 0.3766 0.4038 0.4190 0.0089  0.0134  0.0070  552 GLN A CD  
86  O OE1 . GLN A 11 ? 0.4354 0.4487 0.4758 0.0159  0.0216  0.0161  552 GLN A OE1 
87  N NE2 . GLN A 11 ? 0.3906 0.4437 0.4348 0.0069  0.0112  0.0091  552 GLN A NE2 
88  N N   . ASN A 12 ? 0.2413 0.2585 0.2886 -0.0048 0.0080  -0.0300 553 ASN A N   
89  C CA  . ASN A 12 ? 0.3045 0.3169 0.3495 -0.0089 0.0137  -0.0373 553 ASN A CA  
90  C C   . ASN A 12 ? 0.3335 0.3317 0.3831 -0.0024 0.0146  -0.0347 553 ASN A C   
91  O O   . ASN A 12 ? 0.4609 0.4544 0.5080 -0.0039 0.0163  -0.0374 553 ASN A O   
92  C CB  . ASN A 12 ? 0.3409 0.3499 0.3828 -0.0159 0.0250  -0.0462 553 ASN A CB  
93  C CG  . ASN A 12 ? 0.4518 0.4506 0.4864 -0.0253 0.0363  -0.0570 553 ASN A CG  
94  O OD1 . ASN A 12 ? 0.4476 0.4626 0.4737 -0.0375 0.0349  -0.0628 553 ASN A OD1 
95  N ND2 . ASN A 12 ? 0.5239 0.4985 0.5620 -0.0198 0.0498  -0.0582 553 ASN A ND2 
96  N N   . ASN A 13 ? 0.2591 0.2563 0.3154 0.0039  0.0133  -0.0282 554 ASN A N   
97  C CA  . ASN A 13 ? 0.2493 0.2442 0.3105 0.0097  0.0131  -0.0221 554 ASN A CA  
98  C C   . ASN A 13 ? 0.2540 0.2478 0.3099 0.0077  0.0053  -0.0221 554 ASN A C   
99  O O   . ASN A 13 ? 0.3154 0.3047 0.3716 0.0098  0.0063  -0.0214 554 ASN A O   
100 C CB  . ASN A 13 ? 0.3250 0.3339 0.3938 0.0137  0.0115  -0.0127 554 ASN A CB  
101 C CG  . ASN A 13 ? 0.4440 0.4543 0.5201 0.0191  0.0218  -0.0097 554 ASN A CG  
102 O OD1 . ASN A 13 ? 0.5059 0.5001 0.5808 0.0206  0.0344  -0.0150 554 ASN A OD1 
103 N ND2 . ASN A 13 ? 0.4285 0.4580 0.5109 0.0205  0.0189  -0.0016 554 ASN A ND2 
104 N N   . LEU A 14 ? 0.2723 0.2678 0.3232 0.0043  0.0005  -0.0221 555 LEU A N   
105 C CA  . LEU A 14 ? 0.2963 0.2853 0.3413 0.0036  -0.0015 -0.0217 555 LEU A CA  
106 C C   . LEU A 14 ? 0.2835 0.2724 0.3272 0.0057  -0.0005 -0.0231 555 LEU A C   
107 O O   . LEU A 14 ? 0.2985 0.2828 0.3403 0.0070  -0.0010 -0.0227 555 LEU A O   
108 C CB  . LEU A 14 ? 0.3113 0.2944 0.3503 0.0010  0.0003  -0.0204 555 LEU A CB  
109 C CG  . LEU A 14 ? 0.2887 0.2747 0.3259 -0.0065 0.0001  -0.0211 555 LEU A CG  
110 C CD1 . LEU A 14 ? 0.2651 0.2375 0.2942 -0.0103 0.0068  -0.0210 555 LEU A CD1 
111 C CD2 . LEU A 14 ? 0.2751 0.2676 0.3098 -0.0131 -0.0022 -0.0219 555 LEU A CD2 
112 N N   . LEU A 15 ? 0.2900 0.2884 0.3338 0.0037  0.0010  -0.0247 556 LEU A N   
113 C CA  . LEU A 15 ? 0.2790 0.2881 0.3207 0.0009  0.0018  -0.0262 556 LEU A CA  
114 C C   . LEU A 15 ? 0.3078 0.3076 0.3492 -0.0024 0.0055  -0.0327 556 LEU A C   
115 O O   . LEU A 15 ? 0.3217 0.3243 0.3615 -0.0035 0.0052  -0.0328 556 LEU A O   
116 C CB  . LEU A 15 ? 0.2358 0.2661 0.2754 -0.0059 0.0031  -0.0274 556 LEU A CB  
117 C CG  . LEU A 15 ? 0.2273 0.2814 0.2629 -0.0149 0.0039  -0.0295 556 LEU A CG  
118 C CD1 . LEU A 15 ? 0.2556 0.3237 0.2939 -0.0060 0.0008  -0.0167 556 LEU A CD1 
119 C CD2 . LEU A 15 ? 0.2700 0.3519 0.3009 -0.0268 0.0055  -0.0324 556 LEU A CD2 
120 N N   . ARG A 16 ? 0.2819 0.2705 0.3261 -0.0026 0.0116  -0.0360 557 ARG A N   
121 C CA  . ARG A 16 ? 0.3178 0.2921 0.3627 -0.0024 0.0203  -0.0388 557 ARG A CA  
122 C C   . ARG A 16 ? 0.3197 0.2909 0.3680 0.0049  0.0154  -0.0317 557 ARG A C   
123 O O   . ARG A 16 ? 0.3532 0.3174 0.4004 0.0041  0.0195  -0.0331 557 ARG A O   
124 C CB  . ARG A 16 ? 0.3808 0.3425 0.4301 0.0013  0.0324  -0.0384 557 ARG A CB  
125 C CG  . ARG A 16 ? 0.3972 0.3562 0.4398 -0.0093 0.0425  -0.0491 557 ARG A CG  
126 C CD  . ARG A 16 ? 0.4324 0.3757 0.4807 -0.0022 0.0579  -0.0465 557 ARG A CD  
127 N NE  . ARG A 16 ? 0.4923 0.4115 0.5431 0.0041  0.0762  -0.0437 557 ARG A NE  
128 C CZ  . ARG A 16 ? 0.5189 0.4230 0.5781 0.0167  0.0943  -0.0346 557 ARG A CZ  
129 N NH1 . ARG A 16 ? 0.5262 0.4399 0.5918 0.0229  0.0943  -0.0290 557 ARG A NH1 
130 N NH2 . ARG A 16 ? 0.4965 0.3768 0.5587 0.0250  0.1144  -0.0288 557 ARG A NH2 
131 N N   . ALA A 17 ? 0.2993 0.2765 0.3500 0.0094  0.0077  -0.0253 558 ALA A N   
132 C CA  . ALA A 17 ? 0.2831 0.2613 0.3334 0.0118  0.0034  -0.0206 558 ALA A CA  
133 C C   . ALA A 17 ? 0.3024 0.2783 0.3467 0.0099  0.0006  -0.0234 558 ALA A C   
134 O O   . ALA A 17 ? 0.3011 0.2745 0.3444 0.0110  0.0003  -0.0222 558 ALA A O   
135 C CB  . ALA A 17 ? 0.2632 0.2510 0.3133 0.0101  -0.0016 -0.0165 558 ALA A CB  
136 N N   . ILE A 18 ? 0.2856 0.2652 0.3268 0.0086  -0.0004 -0.0244 559 ILE A N   
137 C CA  . ILE A 18 ? 0.2646 0.2477 0.3028 0.0104  -0.0004 -0.0222 559 ILE A CA  
138 C C   . ILE A 18 ? 0.2864 0.2772 0.3252 0.0063  0.0011  -0.0254 559 ILE A C   
139 O O   . ILE A 18 ? 0.3230 0.3147 0.3607 0.0077  0.0009  -0.0238 559 ILE A O   
140 C CB  . ILE A 18 ? 0.2833 0.2753 0.3210 0.0134  0.0011  -0.0166 559 ILE A CB  
141 C CG1 . ILE A 18 ? 0.2814 0.2579 0.3156 0.0153  0.0041  -0.0148 559 ILE A CG1 
142 C CG2 . ILE A 18 ? 0.2965 0.3017 0.3349 0.0186  0.0035  -0.0089 559 ILE A CG2 
143 C CD1 . ILE A 18 ? 0.2825 0.2630 0.3170 0.0206  0.0095  -0.0067 559 ILE A CD1 
144 N N   . GLU A 19 ? 0.2951 0.2899 0.3335 -0.0010 0.0047  -0.0315 560 GLU A N   
145 C CA  . GLU A 19 ? 0.3454 0.3437 0.3802 -0.0108 0.0100  -0.0383 560 GLU A CA  
146 C C   . GLU A 19 ? 0.3419 0.3205 0.3779 -0.0078 0.0145  -0.0388 560 GLU A C   
147 O O   . GLU A 19 ? 0.3414 0.3222 0.3750 -0.0121 0.0163  -0.0405 560 GLU A O   
148 C CB  . GLU A 19 ? 0.4444 0.4441 0.4745 -0.0233 0.0181  -0.0480 560 GLU A CB  
149 C CG  . GLU A 19 ? 0.5382 0.5668 0.5660 -0.0293 0.0138  -0.0469 560 GLU A CG  
150 C CD  . GLU A 19 ? 0.5798 0.6084 0.6003 -0.0445 0.0232  -0.0591 560 GLU A CD  
151 O OE1 . GLU A 19 ? 0.5973 0.5975 0.6142 -0.0493 0.0364  -0.0685 560 GLU A OE1 
152 O OE2 . GLU A 19 ? 0.5973 0.6534 0.6152 -0.0513 0.0200  -0.0581 560 GLU A OE2 
153 N N   . ALA A 20 ? 0.3422 0.3066 0.3833 0.0000  0.0170  -0.0348 561 ALA A N   
154 C CA  . ALA A 20 ? 0.3428 0.2952 0.3873 0.0056  0.0222  -0.0300 561 ALA A CA  
155 C C   . ALA A 20 ? 0.3688 0.3279 0.4126 0.0094  0.0133  -0.0251 561 ALA A C   
156 O O   . ALA A 20 ? 0.4224 0.3767 0.4659 0.0099  0.0166  -0.0237 561 ALA A O   
157 C CB  . ALA A 20 ? 0.2762 0.2244 0.3285 0.0150  0.0272  -0.0213 561 ALA A CB  
158 N N   . GLN A 21 ? 0.3001 0.2671 0.3422 0.0111  0.0049  -0.0231 562 GLN A N   
159 C CA  . GLN A 21 ? 0.2966 0.2649 0.3348 0.0124  0.0008  -0.0210 562 GLN A CA  
160 C C   . GLN A 21 ? 0.3186 0.2903 0.3544 0.0112  0.0017  -0.0227 562 GLN A C   
161 O O   . GLN A 21 ? 0.3127 0.2830 0.3467 0.0125  0.0017  -0.0212 562 GLN A O   
162 C CB  . GLN A 21 ? 0.2931 0.2609 0.3265 0.0118  -0.0017 -0.0209 562 GLN A CB  
163 C CG  . GLN A 21 ? 0.3471 0.3204 0.3801 0.0088  -0.0039 -0.0187 562 GLN A CG  
164 C CD  . GLN A 21 ? 0.3113 0.2803 0.3351 0.0021  -0.0030 -0.0224 562 GLN A CD  
165 O OE1 . GLN A 21 ? 0.3456 0.3033 0.3659 0.0039  0.0012  -0.0242 562 GLN A OE1 
166 N NE2 . GLN A 21 ? 0.2788 0.2589 0.2975 -0.0068 -0.0046 -0.0224 562 GLN A NE2 
167 N N   . GLN A 22 ? 0.3386 0.3209 0.3747 0.0078  0.0026  -0.0246 563 GLN A N   
168 C CA  . GLN A 22 ? 0.3339 0.3325 0.3691 0.0054  0.0030  -0.0231 563 GLN A CA  
169 C C   . GLN A 22 ? 0.3647 0.3600 0.3984 -0.0019 0.0068  -0.0282 563 GLN A C   
170 O O   . GLN A 22 ? 0.3385 0.3417 0.3716 -0.0017 0.0064  -0.0257 563 GLN A O   
171 C CB  . GLN A 22 ? 0.3043 0.3273 0.3399 0.0003  0.0028  -0.0222 563 GLN A CB  
172 C CG  . GLN A 22 ? 0.3023 0.3573 0.3381 -0.0046 0.0027  -0.0179 563 GLN A CG  
173 C CD  . GLN A 22 ? 0.3136 0.3729 0.3529 0.0092  0.0032  -0.0057 563 GLN A CD  
174 O OE1 . GLN A 22 ? 0.3752 0.4179 0.4153 0.0214  0.0056  0.0003  563 GLN A OE1 
175 N NE2 . GLN A 22 ? 0.2978 0.3776 0.3379 0.0060  0.0036  -0.0028 563 GLN A NE2 
176 N N   . HIS A 23 ? 0.3573 0.3383 0.3901 -0.0079 0.0134  -0.0345 564 HIS A N   
177 C CA  . HIS A 23 ? 0.4070 0.3764 0.4375 -0.0145 0.0224  -0.0388 564 HIS A CA  
178 C C   . HIS A 23 ? 0.3902 0.3493 0.4238 -0.0041 0.0207  -0.0312 564 HIS A C   
179 O O   . HIS A 23 ? 0.3991 0.3563 0.4309 -0.0075 0.0244  -0.0318 564 HIS A O   
180 C CB  . HIS A 23 ? 0.4870 0.4355 0.5151 -0.0209 0.0366  -0.0456 564 HIS A CB  
181 C CG  . HIS A 23 ? 0.6377 0.5705 0.6591 -0.0334 0.0523  -0.0537 564 HIS A CG  
182 N ND1 . HIS A 23 ? 0.7047 0.6122 0.7293 -0.0253 0.0639  -0.0477 564 HIS A ND1 
183 C CD2 . HIS A 23 ? 0.6737 0.6144 0.6843 -0.0553 0.0601  -0.0668 564 HIS A CD2 
184 C CE1 . HIS A 23 ? 0.6939 0.5863 0.7095 -0.0409 0.0803  -0.0579 564 HIS A CE1 
185 N NE2 . HIS A 23 ? 0.7028 0.6157 0.7084 -0.0616 0.0779  -0.0712 564 HIS A NE2 
186 N N   . LEU A 24 ? 0.3101 0.2671 0.3476 0.0059  0.0156  -0.0243 565 LEU A N   
187 C CA  . LEU A 24 ? 0.3215 0.2788 0.3600 0.0122  0.0127  -0.0171 565 LEU A CA  
188 C C   . LEU A 24 ? 0.3507 0.3155 0.3845 0.0116  0.0073  -0.0180 565 LEU A C   
189 O O   . LEU A 24 ? 0.3534 0.3181 0.3858 0.0131  0.0075  -0.0150 565 LEU A O   
190 C CB  . LEU A 24 ? 0.3928 0.3558 0.4337 0.0172  0.0083  -0.0107 565 LEU A CB  
191 C CG  . LEU A 24 ? 0.4523 0.4248 0.4952 0.0213  0.0077  -0.0006 565 LEU A CG  
192 C CD1 . LEU A 24 ? 0.4897 0.4543 0.5399 0.0276  0.0192  0.0078  565 LEU A CD1 
193 C CD2 . LEU A 24 ? 0.4862 0.4762 0.5298 0.0210  0.0026  0.0051  565 LEU A CD2 
194 N N   . LEU A 25 ? 0.3786 0.3508 0.4106 0.0111  0.0047  -0.0200 566 LEU A N   
195 C CA  . LEU A 25 ? 0.3370 0.3158 0.3664 0.0143  0.0045  -0.0174 566 LEU A CA  
196 C C   . LEU A 25 ? 0.3432 0.3329 0.3737 0.0098  0.0064  -0.0178 566 LEU A C   
197 O O   . LEU A 25 ? 0.3820 0.3731 0.4110 0.0126  0.0072  -0.0151 566 LEU A O   
198 C CB  . LEU A 25 ? 0.3494 0.3363 0.3795 0.0187  0.0054  -0.0140 566 LEU A CB  
199 C CG  . LEU A 25 ? 0.4169 0.3887 0.4419 0.0239  0.0090  -0.0127 566 LEU A CG  
200 C CD1 . LEU A 25 ? 0.4533 0.4148 0.4752 0.0183  0.0056  -0.0178 566 LEU A CD1 
201 C CD2 . LEU A 25 ? 0.4803 0.4582 0.5078 0.0301  0.0131  -0.0063 566 LEU A CD2 
202 N N   . GLN A 26 ? 0.2753 0.2735 0.3065 0.0001  0.0087  -0.0224 567 GLN A N   
203 C CA  . GLN A 26 ? 0.3011 0.3119 0.3305 -0.0100 0.0121  -0.0253 567 GLN A CA  
204 C C   . GLN A 26 ? 0.3214 0.3121 0.3494 -0.0103 0.0168  -0.0263 567 GLN A C   
205 O O   . GLN A 26 ? 0.3973 0.3963 0.4240 -0.0145 0.0185  -0.0260 567 GLN A O   
206 C CB  . GLN A 26 ? 0.3246 0.3466 0.3504 -0.0268 0.0169  -0.0341 567 GLN A CB  
207 C CG  . GLN A 26 ? 0.3871 0.4430 0.4146 -0.0284 0.0118  -0.0299 567 GLN A CG  
208 C CD  . GLN A 26 ? 0.4932 0.5839 0.5253 -0.0224 0.0080  -0.0177 567 GLN A CD  
209 O OE1 . GLN A 26 ? 0.5843 0.6887 0.6148 -0.0300 0.0097  -0.0183 567 GLN A OE1 
210 N NE2 . GLN A 26 ? 0.5099 0.6141 0.5480 -0.0073 0.0055  -0.0049 567 GLN A NE2 
211 N N   . LEU A 27 ? 0.3266 0.2957 0.3563 -0.0049 0.0199  -0.0250 568 LEU A N   
212 C CA  . LEU A 27 ? 0.2914 0.2468 0.3220 -0.0016 0.0255  -0.0204 568 LEU A CA  
213 C C   . LEU A 27 ? 0.3268 0.2905 0.3567 0.0056  0.0181  -0.0145 568 LEU A C   
214 O O   . LEU A 27 ? 0.3936 0.3560 0.4226 0.0050  0.0212  -0.0119 568 LEU A O   
215 C CB  . LEU A 27 ? 0.2713 0.2116 0.3064 0.0057  0.0317  -0.0145 568 LEU A CB  
216 C CG  . LEU A 27 ? 0.2868 0.2070 0.3211 -0.0007 0.0479  -0.0198 568 LEU A CG  
217 C CD1 . LEU A 27 ? 0.2931 0.2027 0.3348 0.0114  0.0552  -0.0095 568 LEU A CD1 
218 C CD2 . LEU A 27 ? 0.3072 0.2111 0.3375 -0.0087 0.0629  -0.0227 568 LEU A CD2 
219 N N   . THR A 28 ? 0.3277 0.2972 0.3559 0.0106  0.0110  -0.0133 569 THR A N   
220 C CA  . THR A 28 ? 0.3094 0.2822 0.3329 0.0139  0.0085  -0.0111 569 THR A CA  
221 C C   . THR A 28 ? 0.2447 0.2264 0.2675 0.0141  0.0100  -0.0113 569 THR A C   
222 O O   . THR A 28 ? 0.2481 0.2306 0.2678 0.0156  0.0115  -0.0095 569 THR A O   
223 C CB  . THR A 28 ? 0.2459 0.2160 0.2644 0.0153  0.0062  -0.0125 569 THR A CB  
224 O OG1 . THR A 28 ? 0.2692 0.2395 0.2891 0.0174  0.0072  -0.0142 569 THR A OG1 
225 C CG2 . THR A 28 ? 0.2455 0.2177 0.2658 0.0140  0.0036  -0.0098 569 THR A CG2 
226 N N   . VAL A 29 ? 0.2414 0.2353 0.2675 0.0128  0.0103  -0.0117 570 VAL A N   
227 C CA  . VAL A 29 ? 0.2669 0.2817 0.2951 0.0135  0.0121  -0.0074 570 VAL A CA  
228 C C   . VAL A 29 ? 0.3082 0.3283 0.3360 0.0038  0.0138  -0.0101 570 VAL A C   
229 O O   . VAL A 29 ? 0.3689 0.4003 0.3970 0.0055  0.0152  -0.0062 570 VAL A O   
230 C CB  . VAL A 29 ? 0.2974 0.3367 0.3303 0.0130  0.0116  -0.0036 570 VAL A CB  
231 C CG1 . VAL A 29 ? 0.2749 0.3499 0.3119 0.0129  0.0132  0.0049  570 VAL A CG1 
232 C CG2 . VAL A 29 ? 0.3710 0.4013 0.4040 0.0247  0.0134  0.0012  570 VAL A CG2 
233 N N   . TRP A 30 ? 0.2899 0.2989 0.3165 -0.0064 0.0167  -0.0167 571 TRP A N   
234 C CA  . TRP A 30 ? 0.2795 0.2849 0.3037 -0.0173 0.0234  -0.0203 571 TRP A CA  
235 C C   . TRP A 30 ? 0.3384 0.3318 0.3623 -0.0093 0.0240  -0.0148 571 TRP A C   
236 O O   . TRP A 30 ? 0.3441 0.3453 0.3668 -0.0138 0.0266  -0.0141 571 TRP A O   
237 C CB  . TRP A 30 ? 0.2755 0.2594 0.2968 -0.0275 0.0335  -0.0279 571 TRP A CB  
238 C CG  . TRP A 30 ? 0.2957 0.2655 0.3120 -0.0401 0.0468  -0.0326 571 TRP A CG  
239 C CD1 . TRP A 30 ? 0.3296 0.3092 0.3383 -0.0625 0.0552  -0.0435 571 TRP A CD1 
240 C CD2 . TRP A 30 ? 0.3433 0.2881 0.3609 -0.0327 0.0555  -0.0261 571 TRP A CD2 
241 N NE1 . TRP A 30 ? 0.3640 0.3188 0.3679 -0.0703 0.0706  -0.0463 571 TRP A NE1 
242 C CE2 . TRP A 30 ? 0.3521 0.2850 0.3628 -0.0499 0.0712  -0.0338 571 TRP A CE2 
243 C CE3 . TRP A 30 ? 0.3165 0.2528 0.3399 -0.0148 0.0524  -0.0135 571 TRP A CE3 
244 C CZ2 . TRP A 30 ? 0.3552 0.2618 0.3659 -0.0459 0.0855  -0.0274 571 TRP A CZ2 
245 C CZ3 . TRP A 30 ? 0.3167 0.2363 0.3415 -0.0107 0.0641  -0.0051 571 TRP A CZ3 
246 C CH2 . TRP A 30 ? 0.3439 0.2457 0.3630 -0.0242 0.0813  -0.0112 571 TRP A CH2 
247 N N   . GLY A 31 ? 0.2846 0.2647 0.3090 0.0007  0.0214  -0.0104 572 GLY A N   
248 C CA  . GLY A 31 ? 0.2826 0.2592 0.3054 0.0058  0.0216  -0.0042 572 GLY A CA  
249 C C   . GLY A 31 ? 0.2811 0.2693 0.3005 0.0086  0.0184  -0.0035 572 GLY A C   
250 O O   . GLY A 31 ? 0.3369 0.3272 0.3546 0.0083  0.0204  -0.0006 572 GLY A O   
251 N N   . ILE A 32 ? 0.2918 0.2857 0.3102 0.0126  0.0163  -0.0050 573 ILE A N   
252 C CA  . ILE A 32 ? 0.2794 0.2790 0.2944 0.0182  0.0192  -0.0027 573 ILE A CA  
253 C C   . ILE A 32 ? 0.2632 0.2823 0.2829 0.0159  0.0212  0.0006  573 ILE A C   
254 O O   . ILE A 32 ? 0.2733 0.2968 0.2912 0.0191  0.0244  0.0038  573 ILE A O   
255 C CB  . ILE A 32 ? 0.3093 0.3054 0.3229 0.0256  0.0225  -0.0021 573 ILE A CB  
256 C CG1 . ILE A 32 ? 0.2651 0.2436 0.2711 0.0232  0.0216  -0.0073 573 ILE A CG1 
257 C CG2 . ILE A 32 ? 0.3102 0.3081 0.3217 0.0345  0.0320  0.0030  573 ILE A CG2 
258 C CD1 . ILE A 32 ? 0.2715 0.2402 0.2749 0.0282  0.0273  -0.0081 573 ILE A CD1 
259 N N   . LYS A 33 ? 0.2659 0.2999 0.2905 0.0078  0.0200  -0.0007 574 LYS A N   
260 C CA  . LYS A 33 ? 0.3003 0.3616 0.3278 0.0000  0.0218  0.0015  574 LYS A CA  
261 C C   . LYS A 33 ? 0.3312 0.3816 0.3552 -0.0086 0.0250  -0.0017 574 LYS A C   
262 O O   . LYS A 33 ? 0.3460 0.4140 0.3707 -0.0109 0.0269  0.0018  574 LYS A O   
263 C CB  . LYS A 33 ? 0.2536 0.3379 0.2832 -0.0132 0.0210  -0.0017 574 LYS A CB  
264 C CG  . LYS A 33 ? 0.3382 0.4407 0.3729 -0.0039 0.0184  0.0052  574 LYS A CG  
265 C CD  . LYS A 33 ? 0.4543 0.6066 0.4927 -0.0162 0.0173  0.0090  574 LYS A CD  
266 C CE  . LYS A 33 ? 0.5137 0.6754 0.5538 -0.0160 0.0147  0.0098  574 LYS A CE  
267 N NZ  . LYS A 33 ? 0.5369 0.7613 0.5839 -0.0196 0.0133  0.0227  574 LYS A NZ  
268 N N   . GLN A 34 ? 0.3310 0.3542 0.3522 -0.0116 0.0274  -0.0057 575 GLN A N   
269 C CA  . GLN A 34 ? 0.3459 0.3558 0.3647 -0.0165 0.0339  -0.0051 575 GLN A CA  
270 C C   . GLN A 34 ? 0.3683 0.3809 0.3858 -0.0068 0.0313  0.0015  575 GLN A C   
271 O O   . GLN A 34 ? 0.4335 0.4532 0.4502 -0.0110 0.0347  0.0032  575 GLN A O   
272 C CB  . GLN A 34 ? 0.3816 0.3636 0.4005 -0.0156 0.0405  -0.0044 575 GLN A CB  
273 C CG  . GLN A 34 ? 0.4560 0.4277 0.4732 -0.0281 0.0488  -0.0131 575 GLN A CG  
274 C CD  . GLN A 34 ? 0.5479 0.5148 0.5592 -0.0473 0.0622  -0.0208 575 GLN A CD  
275 O OE1 . GLN A 34 ? 0.6079 0.5650 0.6181 -0.0475 0.0695  -0.0166 575 GLN A OE1 
276 N NE2 . GLN A 34 ? 0.5813 0.5574 0.5873 -0.0664 0.0666  -0.0327 575 GLN A NE2 
277 N N   . LEU A 35 ? 0.2857 0.2934 0.3012 0.0034  0.0267  0.0037  576 LEU A N   
278 C CA  . LEU A 35 ? 0.2866 0.2963 0.2967 0.0085  0.0264  0.0070  576 LEU A CA  
279 C C   . LEU A 35 ? 0.3733 0.3972 0.3834 0.0116  0.0289  0.0078  576 LEU A C   
280 O O   . LEU A 35 ? 0.4661 0.4942 0.4731 0.0121  0.0317  0.0102  576 LEU A O   
281 C CB  . LEU A 35 ? 0.2749 0.2777 0.2788 0.0122  0.0234  0.0058  576 LEU A CB  
282 C CG  . LEU A 35 ? 0.2750 0.2736 0.2812 0.0116  0.0210  0.0099  576 LEU A CG  
283 C CD1 . LEU A 35 ? 0.2761 0.2766 0.2754 0.0109  0.0174  0.0074  576 LEU A CD1 
284 C CD2 . LEU A 35 ? 0.3759 0.3788 0.3835 0.0119  0.0238  0.0196  576 LEU A CD2 
285 N N   . GLN A 36 ? 0.3437 0.3781 0.3580 0.0154  0.0294  0.0083  577 GLN A N   
286 C CA  . GLN A 36 ? 0.3340 0.3885 0.3519 0.0225  0.0346  0.0148  577 GLN A CA  
287 C C   . GLN A 36 ? 0.3484 0.4268 0.3709 0.0136  0.0344  0.0175  577 GLN A C   
288 O O   . GLN A 36 ? 0.4209 0.5132 0.4445 0.0184  0.0389  0.0234  577 GLN A O   
289 C CB  . GLN A 36 ? 0.3644 0.4327 0.3888 0.0304  0.0365  0.0203  577 GLN A CB  
290 C CG  . GLN A 36 ? 0.4405 0.5367 0.4724 0.0427  0.0449  0.0339  577 GLN A CG  
291 C CD  . GLN A 36 ? 0.5008 0.6437 0.5423 0.0334  0.0405  0.0405  577 GLN A CD  
292 O OE1 . GLN A 36 ? 0.4961 0.6491 0.5376 0.0175  0.0334  0.0337  577 GLN A OE1 
293 N NE2 . GLN A 36 ? 0.5672 0.7405 0.6151 0.0413  0.0467  0.0533  577 GLN A NE2 
294 N N   . ALA A 37 ? 0.3900 0.4716 0.4137 -0.0012 0.0319  0.0123  578 ALA A N   
295 C CA  . ALA A 37 ? 0.4154 0.5155 0.4396 -0.0158 0.0345  0.0114  578 ALA A CA  
296 C C   . ALA A 37 ? 0.5136 0.5948 0.5332 -0.0168 0.0379  0.0113  578 ALA A C   
297 O O   . ALA A 37 ? 0.5650 0.6589 0.5841 -0.0283 0.0419  0.0109  578 ALA A O   
298 C CB  . ALA A 37 ? 0.3633 0.4638 0.3854 -0.0354 0.0363  0.0023  578 ALA A CB  
299 N N   . ARG A 38 ? 0.5369 0.5930 0.5524 -0.0069 0.0369  0.0122  579 ARG A N   
300 C CA  . ARG A 38 ? 0.6146 0.6605 0.6261 -0.0063 0.0396  0.0155  579 ARG A CA  
301 C C   . ARG A 38 ? 0.6232 0.6692 0.6291 0.0046  0.0385  0.0178  579 ARG A C   
302 O O   . ARG A 38 ? 0.6669 0.7253 0.6734 0.0109  0.0410  0.0191  579 ARG A O   
303 C CB  . ARG A 38 ? 0.7475 0.7700 0.7579 -0.0080 0.0421  0.0169  579 ARG A CB  
304 C CG  . ARG A 38 ? 0.8761 0.8876 0.8871 -0.0200 0.0528  0.0165  579 ARG A CG  
305 C CD  . ARG A 38 ? 0.9817 0.9710 0.9937 -0.0243 0.0598  0.0134  579 ARG A CD  
306 N NE  . ARG A 38 ? 1.0175 1.0176 1.0296 -0.0337 0.0568  0.0031  579 ARG A NE  
307 C CZ  . ARG A 38 ? 1.0069 0.9911 1.0172 -0.0442 0.0652  -0.0044 579 ARG A CZ  
308 N NH1 . ARG A 38 ? 0.9694 0.9721 0.9787 -0.0544 0.0611  -0.0130 579 ARG A NH1 
309 N NH2 . ARG A 38 ? 1.0454 0.9963 1.0547 -0.0438 0.0800  -0.0014 579 ARG A NH2 
310 N N   . GLY A 45 ? 0.8242 0.7581 0.8551 0.0238  0.1014  0.0803  623 GLY A N   
311 C CA  . GLY A 45 ? 0.8043 0.7047 0.8326 0.0151  0.1244  0.0778  623 GLY A CA  
312 C C   . GLY A 45 ? 0.8038 0.6640 0.8340 0.0159  0.1495  0.0785  623 GLY A C   
313 O O   . GLY A 45 ? 0.8227 0.6562 0.8573 0.0259  0.1755  0.0961  623 GLY A O   
314 N N   . GLY A 46 ? 0.7843 0.6386 0.8108 0.0057  0.1443  0.0605  624 GLY A N   
315 C CA  . GLY A 46 ? 0.7485 0.5635 0.7742 0.0038  0.1688  0.0575  624 GLY A CA  
316 C C   . GLY A 46 ? 0.6597 0.4783 0.6978 0.0281  0.1710  0.0788  624 GLY A C   
317 O O   . GLY A 46 ? 0.5838 0.4168 0.6238 0.0290  0.1559  0.0721  624 GLY A O   
318 N N   . HIS A 47 ? 0.5599 0.5045 0.4850 -0.1368 0.0387  0.0104  625 HIS A N   
319 C CA  . HIS A 47 ? 0.5065 0.4653 0.4311 -0.1493 0.0181  0.0343  625 HIS A CA  
320 C C   . HIS A 47 ? 0.4535 0.4266 0.4246 -0.1178 0.0085  0.0468  625 HIS A C   
321 O O   . HIS A 47 ? 0.5198 0.4979 0.4970 -0.1164 0.0021  0.0546  625 HIS A O   
322 C CB  . HIS A 47 ? 0.5208 0.4918 0.4304 -0.1800 -0.0012 0.0591  625 HIS A CB  
323 C CG  . HIS A 47 ? 0.5809 0.5723 0.5054 -0.1916 -0.0265 0.0927  625 HIS A CG  
324 N ND1 . HIS A 47 ? 0.5781 0.5910 0.5445 -0.1870 -0.0470 0.1253  625 HIS A ND1 
325 C CD2 . HIS A 47 ? 0.5643 0.5584 0.4736 -0.2078 -0.0339 0.1006  625 HIS A CD2 
326 C CE1 . HIS A 47 ? 0.5282 0.5574 0.5092 -0.1995 -0.0665 0.1541  625 HIS A CE1 
327 N NE2 . HIS A 47 ? 0.5577 0.5761 0.5008 -0.2127 -0.0602 0.1395  625 HIS A NE2 
328 N N   . THR A 48 ? 0.3638 0.3419 0.3667 -0.0946 0.0100  0.0472  626 THR A N   
329 C CA  . THR A 48 ? 0.3562 0.3441 0.4008 -0.0697 0.0069  0.0552  626 THR A CA  
330 C C   . THR A 48 ? 0.3324 0.3135 0.3773 -0.0534 0.0174  0.0382  626 THR A C   
331 O O   . THR A 48 ? 0.3362 0.3236 0.4011 -0.0441 0.0136  0.0453  626 THR A O   
332 C CB  . THR A 48 ? 0.4443 0.4351 0.5164 -0.0535 0.0113  0.0544  626 THR A CB  
333 O OG1 . THR A 48 ? 0.4992 0.4972 0.5737 -0.0695 0.0006  0.0723  626 THR A OG1 
334 C CG2 . THR A 48 ? 0.4389 0.4365 0.5533 -0.0343 0.0133  0.0605  626 THR A CG2 
335 N N   . THR A 49 ? 0.2763 0.2451 0.3039 -0.0510 0.0311  0.0175  627 THR A N   
336 C CA  . THR A 49 ? 0.2935 0.2587 0.3276 -0.0370 0.0391  0.0060  627 THR A CA  
337 C C   . THR A 49 ? 0.3338 0.2960 0.3535 -0.0475 0.0370  0.0079  627 THR A C   
338 O O   . THR A 49 ? 0.3147 0.2811 0.3470 -0.0364 0.0349  0.0095  627 THR A O   
339 C CB  . THR A 49 ? 0.3278 0.2829 0.3601 -0.0324 0.0539  -0.0106 627 THR A CB  
340 O OG1 . THR A 49 ? 0.3502 0.3099 0.3968 -0.0217 0.0543  -0.0112 627 THR A OG1 
341 C CG2 . THR A 49 ? 0.3261 0.2799 0.3709 -0.0214 0.0598  -0.0164 627 THR A CG2 
342 N N   . TRP A 50 ? 0.3793 0.3338 0.3691 -0.0723 0.0384  0.0071  628 TRP A N   
343 C CA  . TRP A 50 ? 0.3647 0.3151 0.3361 -0.0868 0.0376  0.0078  628 TRP A CA  
344 C C   . TRP A 50 ? 0.3692 0.3355 0.3507 -0.0897 0.0174  0.0312  628 TRP A C   
345 O O   . TRP A 50 ? 0.3772 0.3436 0.3539 -0.0929 0.0150  0.0333  628 TRP A O   
346 C CB  . TRP A 50 ? 0.4088 0.3443 0.3395 -0.1197 0.0479  -0.0019 628 TRP A CB  
347 C CG  . TRP A 50 ? 0.4702 0.3854 0.3994 -0.1174 0.0751  -0.0274 628 TRP A CG  
348 C CD1 . TRP A 50 ? 0.5271 0.4317 0.4561 -0.1194 0.0907  -0.0405 628 TRP A CD1 
349 C CD2 . TRP A 50 ? 0.4641 0.3678 0.4013 -0.1122 0.0915  -0.0405 628 TRP A CD2 
350 N NE1 . TRP A 50 ? 0.5296 0.4168 0.4714 -0.1154 0.1169  -0.0600 628 TRP A NE1 
351 C CE2 . TRP A 50 ? 0.5134 0.3998 0.4618 -0.1108 0.1178  -0.0597 628 TRP A CE2 
352 C CE3 . TRP A 50 ? 0.4389 0.3453 0.3795 -0.1083 0.0872  -0.0367 628 TRP A CE3 
353 C CZ2 . TRP A 50 ? 0.5013 0.3736 0.4708 -0.1056 0.1404  -0.0730 628 TRP A CZ2 
354 C CZ3 . TRP A 50 ? 0.4089 0.3012 0.3634 -0.1034 0.1082  -0.0514 628 TRP A CZ3 
355 C CH2 . TRP A 50 ? 0.4574 0.3331 0.4293 -0.1020 0.1348  -0.0684 628 TRP A CH2 
356 N N   . MET A 51 ? 0.3663 0.3461 0.3678 -0.0885 0.0041  0.0502  629 MET A N   
357 C CA  . MET A 51 ? 0.3698 0.3655 0.3991 -0.0866 -0.0120 0.0750  629 MET A CA  
358 C C   . MET A 51 ? 0.3008 0.2977 0.3608 -0.0590 -0.0054 0.0686  629 MET A C   
359 O O   . MET A 51 ? 0.3122 0.3151 0.3841 -0.0578 -0.0114 0.0783  629 MET A O   
360 C CB  . MET A 51 ? 0.3978 0.4071 0.4542 -0.0910 -0.0245 0.0989  629 MET A CB  
361 C CG  . MET A 51 ? 0.5053 0.5185 0.5311 -0.1255 -0.0372 0.1135  629 MET A CG  
362 S SD  . MET A 51 ? 0.6407 0.6783 0.7147 -0.1339 -0.0600 0.1568  629 MET A SD  
363 C CE  . MET A 51 ? 0.6021 0.6558 0.7094 -0.1367 -0.0759 0.1857  629 MET A CE  
364 N N   . GLU A 52 ? 0.2667 0.2588 0.3378 -0.0399 0.0068  0.0527  630 GLU A N   
365 C CA  . GLU A 52 ? 0.2752 0.2675 0.3655 -0.0209 0.0140  0.0446  630 GLU A CA  
366 C C   . GLU A 52 ? 0.2991 0.2856 0.3710 -0.0205 0.0173  0.0340  630 GLU A C   
367 O O   . GLU A 52 ? 0.3331 0.3227 0.4167 -0.0129 0.0171  0.0351  630 GLU A O   
368 C CB  . GLU A 52 ? 0.3213 0.3107 0.4198 -0.0084 0.0245  0.0315  630 GLU A CB  
369 C CG  . GLU A 52 ? 0.4067 0.3965 0.5164 0.0033  0.0322  0.0224  630 GLU A CG  
370 C CD  . GLU A 52 ? 0.4392 0.4330 0.5801 0.0073  0.0358  0.0302  630 GLU A CD  
371 O OE1 . GLU A 52 ? 0.4631 0.4616 0.6269 0.0039  0.0311  0.0464  630 GLU A OE1 
372 O OE2 . GLU A 52 ? 0.4526 0.4449 0.5984 0.0115  0.0445  0.0213  630 GLU A OE2 
373 N N   . TRP A 53 ? 0.3127 0.2894 0.3590 -0.0296 0.0228  0.0233  631 TRP A N   
374 C CA  . TRP A 53 ? 0.3336 0.3034 0.3692 -0.0302 0.0287  0.0144  631 TRP A CA  
375 C C   . TRP A 53 ? 0.3439 0.3167 0.3706 -0.0417 0.0196  0.0251  631 TRP A C   
376 O O   . TRP A 53 ? 0.3421 0.3154 0.3740 -0.0349 0.0200  0.0236  631 TRP A O   
377 C CB  . TRP A 53 ? 0.2729 0.2283 0.2912 -0.0402 0.0425  0.0000  631 TRP A CB  
378 C CG  . TRP A 53 ? 0.2778 0.2244 0.2963 -0.0394 0.0533  -0.0093 631 TRP A CG  
379 C CD1 . TRP A 53 ? 0.2978 0.2454 0.3402 -0.0236 0.0592  -0.0134 631 TRP A CD1 
380 C CD2 . TRP A 53 ? 0.3022 0.2380 0.2983 -0.0580 0.0594  -0.0139 631 TRP A CD2 
381 N NE1 . TRP A 53 ? 0.3181 0.2565 0.3612 -0.0279 0.0694  -0.0192 631 TRP A NE1 
382 C CE2 . TRP A 53 ? 0.2983 0.2275 0.3111 -0.0489 0.0717  -0.0222 631 TRP A CE2 
383 C CE3 . TRP A 53 ? 0.3999 0.3320 0.3631 -0.0849 0.0552  -0.0102 631 TRP A CE3 
384 C CZ2 . TRP A 53 ? 0.3827 0.2986 0.3819 -0.0633 0.0836  -0.0303 631 TRP A CZ2 
385 C CZ3 . TRP A 53 ? 0.3876 0.3069 0.3298 -0.1028 0.0658  -0.0188 631 TRP A CZ3 
386 C CH2 . TRP A 53 ? 0.3832 0.2931 0.3443 -0.0907 0.0818  -0.0306 631 TRP A CH2 
387 N N   . ASP A 54 ? 0.3521 0.3286 0.3658 -0.0615 0.0097  0.0384  632 ASP A N   
388 C CA  . ASP A 54 ? 0.3453 0.3283 0.3527 -0.0760 -0.0025 0.0540  632 ASP A CA  
389 C C   . ASP A 54 ? 0.3514 0.3472 0.3968 -0.0587 -0.0102 0.0679  632 ASP A C   
390 O O   . ASP A 54 ? 0.4053 0.4038 0.4524 -0.0595 -0.0145 0.0731  632 ASP A O   
391 C CB  . ASP A 54 ? 0.4853 0.4742 0.4739 -0.1056 -0.0157 0.0719  632 ASP A CB  
392 C CG  . ASP A 54 ? 0.7142 0.6884 0.6530 -0.1362 -0.0074 0.0589  632 ASP A CG  
393 O OD1 . ASP A 54 ? 0.8166 0.7730 0.7432 -0.1309 0.0137  0.0331  632 ASP A OD1 
394 O OD2 . ASP A 54 ? 0.8219 0.8018 0.7359 -0.1681 -0.0208 0.0754  632 ASP A OD2 
395 N N   . ARG A 55 ? 0.3703 0.3721 0.4473 -0.0441 -0.0091 0.0725  633 ARG A N   
396 C CA  . ARG A 55 ? 0.3817 0.3915 0.4987 -0.0301 -0.0093 0.0823  633 ARG A CA  
397 C C   . ARG A 55 ? 0.3236 0.3274 0.4380 -0.0160 0.0012  0.0648  633 ARG A C   
398 O O   . ARG A 55 ? 0.3301 0.3379 0.4620 -0.0118 0.0004  0.0707  633 ARG A O   
399 C CB  . ARG A 55 ? 0.4798 0.4933 0.6315 -0.0209 -0.0041 0.0870  633 ARG A CB  
400 C CG  . ARG A 55 ? 0.5604 0.5804 0.7631 -0.0118 0.0001  0.0999  633 ARG A CG  
401 C CD  . ARG A 55 ? 0.6164 0.6349 0.8541 -0.0027 0.0131  0.0980  633 ARG A CD  
402 N NE  . ARG A 55 ? 0.6528 0.6699 0.8703 -0.0076 0.0097  0.0950  633 ARG A NE  
403 C CZ  . ARG A 55 ? 0.6760 0.7023 0.9080 -0.0185 -0.0028 0.1174  633 ARG A CZ  
404 N NH1 . ARG A 55 ? 0.6646 0.7044 0.9356 -0.0262 -0.0151 0.1483  633 ARG A NH1 
405 N NH2 . ARG A 55 ? 0.7005 0.7240 0.9105 -0.0234 -0.0040 0.1115  633 ARG A NH2 
406 N N   . GLU A 56 ? 0.2754 0.2712 0.3713 -0.0100 0.0102  0.0457  634 GLU A N   
407 C CA  . GLU A 56 ? 0.2331 0.2266 0.3271 -0.0007 0.0165  0.0341  634 GLU A CA  
408 C C   . GLU A 56 ? 0.2702 0.2606 0.3475 -0.0060 0.0132  0.0334  634 GLU A C   
409 O O   . GLU A 56 ? 0.3728 0.3647 0.4546 -0.0005 0.0142  0.0314  634 GLU A O   
410 C CB  . GLU A 56 ? 0.2832 0.2732 0.3708 0.0046  0.0238  0.0209  634 GLU A CB  
411 C CG  . GLU A 56 ? 0.3836 0.3760 0.4858 0.0094  0.0299  0.0179  634 GLU A CG  
412 C CD  . GLU A 56 ? 0.4689 0.4635 0.5888 0.0116  0.0353  0.0188  634 GLU A CD  
413 O OE1 . GLU A 56 ? 0.5064 0.5026 0.6503 0.0118  0.0366  0.0284  634 GLU A OE1 
414 O OE2 . GLU A 56 ? 0.4873 0.4823 0.6002 0.0112  0.0389  0.0114  634 GLU A OE2 
415 N N   . ILE A 57 ? 0.3027 0.2877 0.3588 -0.0194 0.0113  0.0338  635 ILE A N   
416 C CA  . ILE A 57 ? 0.2781 0.2581 0.3175 -0.0284 0.0110  0.0324  635 ILE A CA  
417 C C   . ILE A 57 ? 0.2845 0.2737 0.3336 -0.0312 -0.0002 0.0480  635 ILE A C   
418 O O   . ILE A 57 ? 0.3475 0.3363 0.3960 -0.0282 -0.0001 0.0465  635 ILE A O   
419 C CB  . ILE A 57 ? 0.3089 0.2782 0.3190 -0.0495 0.0156  0.0271  635 ILE A CB  
420 C CG1 . ILE A 57 ? 0.3141 0.2717 0.3233 -0.0449 0.0317  0.0100  635 ILE A CG1 
421 C CG2 . ILE A 57 ? 0.3390 0.3026 0.3285 -0.0649 0.0158  0.0267  635 ILE A CG2 
422 C CD1 . ILE A 57 ? 0.3497 0.3018 0.3714 -0.0342 0.0420  0.0009  635 ILE A CD1 
423 N N   . ASN A 58 ? 0.2864 0.2852 0.3510 -0.0367 -0.0099 0.0656  636 ASN A N   
424 C CA  . ASN A 58 ? 0.2978 0.3074 0.3835 -0.0396 -0.0207 0.0854  636 ASN A CA  
425 C C   . ASN A 58 ? 0.2740 0.2858 0.3919 -0.0202 -0.0128 0.0820  636 ASN A C   
426 O O   . ASN A 58 ? 0.2677 0.2829 0.3955 -0.0188 -0.0153 0.0878  636 ASN A O   
427 C CB  . ASN A 58 ? 0.3692 0.3909 0.4741 -0.0525 -0.0339 0.1110  636 ASN A CB  
428 C CG  . ASN A 58 ? 0.4810 0.5007 0.5462 -0.0798 -0.0422 0.1150  636 ASN A CG  
429 O OD1 . ASN A 58 ? 0.6161 0.6443 0.6886 -0.0923 -0.0521 0.1324  636 ASN A OD1 
430 N ND2 . ASN A 58 ? 0.4768 0.4842 0.5005 -0.0914 -0.0360 0.0986  636 ASN A ND2 
431 N N   . ASN A 59 ? 0.2903 0.2994 0.4220 -0.0083 -0.0019 0.0715  637 ASN A N   
432 C CA  . ASN A 59 ? 0.2900 0.2984 0.4453 0.0032  0.0098  0.0645  637 ASN A CA  
433 C C   . ASN A 59 ? 0.2818 0.2864 0.4166 0.0059  0.0120  0.0525  637 ASN A C   
434 O O   . ASN A 59 ? 0.3647 0.3705 0.5140 0.0087  0.0160  0.0534  637 ASN A O   
435 C CB  . ASN A 59 ? 0.2994 0.3036 0.4615 0.0090  0.0223  0.0525  637 ASN A CB  
436 C CG  . ASN A 59 ? 0.3764 0.3844 0.5713 0.0084  0.0233  0.0656  637 ASN A CG  
437 O OD1 . ASN A 59 ? 0.3977 0.4139 0.6124 0.0025  0.0120  0.0876  637 ASN A OD1 
438 N ND2 . ASN A 59 ? 0.4020 0.4052 0.6040 0.0122  0.0359  0.0547  637 ASN A ND2 
439 N N   . TYR A 60 ? 0.2666 0.2666 0.3728 0.0046  0.0108  0.0422  638 TYR A N   
440 C CA  . TYR A 60 ? 0.3232 0.3217 0.4177 0.0068  0.0118  0.0349  638 TYR A CA  
441 C C   . TYR A 60 ? 0.3501 0.3479 0.4353 0.0013  0.0050  0.0412  638 TYR A C   
442 O O   . TYR A 60 ? 0.3775 0.3758 0.4615 0.0037  0.0051  0.0392  638 TYR A O   
443 C CB  . TYR A 60 ? 0.3097 0.3049 0.3918 0.0082  0.0147  0.0255  638 TYR A CB  
444 C CG  . TYR A 60 ? 0.3892 0.3878 0.4763 0.0106  0.0195  0.0199  638 TYR A CG  
445 C CD1 . TYR A 60 ? 0.4612 0.4594 0.5532 0.0107  0.0238  0.0175  638 TYR A CD1 
446 C CD2 . TYR A 60 ? 0.4555 0.4583 0.5399 0.0088  0.0194  0.0178  638 TYR A CD2 
447 C CE1 . TYR A 60 ? 0.5542 0.5548 0.6458 0.0081  0.0294  0.0112  638 TYR A CE1 
448 C CE2 . TYR A 60 ? 0.5334 0.5399 0.6151 0.0032  0.0229  0.0136  638 TYR A CE2 
449 C CZ  . TYR A 60 ? 0.6166 0.6214 0.7006 0.0023  0.0286  0.0092  638 TYR A CZ  
450 O OH  . TYR A 60 ? 0.7172 0.7248 0.7933 -0.0077 0.0333  0.0039  638 TYR A OH  
451 N N   . THR A 61 ? 0.3169 0.3138 0.3924 -0.0096 -0.0012 0.0491  639 THR A N   
452 C CA  . THR A 61 ? 0.3486 0.3457 0.4124 -0.0202 -0.0081 0.0565  639 THR A CA  
453 C C   . THR A 61 ? 0.3478 0.3543 0.4367 -0.0173 -0.0143 0.0708  639 THR A C   
454 O O   . THR A 61 ? 0.3664 0.3733 0.4522 -0.0176 -0.0163 0.0719  639 THR A O   
455 C CB  . THR A 61 ? 0.3734 0.3682 0.4153 -0.0407 -0.0138 0.0630  639 THR A CB  
456 O OG1 . THR A 61 ? 0.3885 0.3714 0.4108 -0.0438 -0.0026 0.0467  639 THR A OG1 
457 C CG2 . THR A 61 ? 0.4352 0.4297 0.4580 -0.0577 -0.0206 0.0699  639 THR A CG2 
458 N N   . SER A 62 ? 0.3414 0.3552 0.4612 -0.0141 -0.0152 0.0825  640 SER A N   
459 C CA  . SER A 62 ? 0.3513 0.3726 0.5085 -0.0100 -0.0158 0.0964  640 SER A CA  
460 C C   . SER A 62 ? 0.2838 0.2999 0.4467 0.0016  -0.0025 0.0808  640 SER A C   
461 O O   . SER A 62 ? 0.2948 0.3137 0.4746 0.0028  -0.0021 0.0870  640 SER A O   
462 C CB  . SER A 62 ? 0.4134 0.4415 0.6134 -0.0083 -0.0144 0.1119  640 SER A CB  
463 O OG  . SER A 62 ? 0.5074 0.5408 0.7563 -0.0032 -0.0092 0.1249  640 SER A OG  
464 N N   . LEU A 63 ? 0.2556 0.2652 0.4036 0.0069  0.0075  0.0623  641 LEU A N   
465 C CA  . LEU A 63 ? 0.1997 0.2059 0.3451 0.0105  0.0181  0.0489  641 LEU A CA  
466 C C   . LEU A 63 ? 0.2229 0.2290 0.3456 0.0093  0.0110  0.0466  641 LEU A C   
467 O O   . LEU A 63 ? 0.2677 0.2741 0.3951 0.0095  0.0146  0.0449  641 LEU A O   
468 C CB  . LEU A 63 ? 0.2008 0.2033 0.3339 0.0105  0.0267  0.0344  641 LEU A CB  
469 C CG  . LEU A 63 ? 0.2994 0.3007 0.4178 0.0061  0.0333  0.0225  641 LEU A CG  
470 C CD1 . LEU A 63 ? 0.3675 0.3647 0.5056 0.0024  0.0495  0.0175  641 LEU A CD1 
471 C CD2 . LEU A 63 ? 0.2395 0.2411 0.3415 0.0014  0.0353  0.0141  641 LEU A CD2 
472 N N   . ILE A 64 ? 0.2260 0.2302 0.3265 0.0068  0.0038  0.0456  642 ILE A N   
473 C CA  . ILE A 64 ? 0.2427 0.2450 0.3277 0.0056  0.0004  0.0431  642 ILE A CA  
474 C C   . ILE A 64 ? 0.3025 0.3072 0.3917 0.0023  -0.0055 0.0528  642 ILE A C   
475 O O   . ILE A 64 ? 0.3383 0.3437 0.4264 0.0040  -0.0053 0.0512  642 ILE A O   
476 C CB  . ILE A 64 ? 0.2820 0.2779 0.3506 0.0020  0.0004  0.0389  642 ILE A CB  
477 C CG1 . ILE A 64 ? 0.3527 0.3485 0.4239 0.0065  0.0053  0.0317  642 ILE A CG1 
478 C CG2 . ILE A 64 ? 0.3348 0.3263 0.3937 -0.0013 0.0003  0.0374  642 ILE A CG2 
479 C CD1 . ILE A 64 ? 0.4239 0.4122 0.4895 0.0035  0.0102  0.0273  642 ILE A CD1 
480 N N   . HIS A 65 ? 0.3603 0.3682 0.4552 -0.0049 -0.0123 0.0656  643 HIS A N   
481 C CA  . HIS A 65 ? 0.3756 0.3889 0.4783 -0.0110 -0.0207 0.0800  643 HIS A CA  
482 C C   . HIS A 65 ? 0.3895 0.4071 0.5247 -0.0023 -0.0149 0.0836  643 HIS A C   
483 O O   . HIS A 65 ? 0.4250 0.4451 0.5646 -0.0033 -0.0179 0.0888  643 HIS A O   
484 C CB  . HIS A 65 ? 0.4454 0.4655 0.5512 -0.0253 -0.0326 0.0992  643 HIS A CB  
485 C CG  . HIS A 65 ? 0.6673 0.6805 0.7336 -0.0419 -0.0359 0.0942  643 HIS A CG  
486 N ND1 . HIS A 65 ? 0.7790 0.7840 0.8167 -0.0505 -0.0338 0.0854  643 HIS A ND1 
487 C CD2 . HIS A 65 ? 0.7491 0.7602 0.8003 -0.0538 -0.0375 0.0951  643 HIS A CD2 
488 C CE1 . HIS A 65 ? 0.7844 0.7805 0.7911 -0.0683 -0.0309 0.0790  643 HIS A CE1 
489 N NE2 . HIS A 65 ? 0.7604 0.7604 0.7725 -0.0711 -0.0339 0.0847  643 HIS A NE2 
490 N N   . SER A 66 ? 0.3562 0.3732 0.5151 0.0042  -0.0037 0.0793  644 SER A N   
491 C CA  . SER A 66 ? 0.3280 0.3440 0.5168 0.0090  0.0098  0.0768  644 SER A CA  
492 C C   . SER A 66 ? 0.3573 0.3684 0.5217 0.0095  0.0156  0.0604  644 SER A C   
493 O O   . SER A 66 ? 0.4105 0.4213 0.5875 0.0096  0.0211  0.0607  644 SER A O   
494 C CB  . SER A 66 ? 0.3338 0.3463 0.5499 0.0119  0.0260  0.0716  644 SER A CB  
495 O OG  . SER A 66 ? 0.4455 0.4649 0.6929 0.0112  0.0195  0.0913  644 SER A OG  
496 N N   . LEU A 67 ? 0.3428 0.3512 0.4760 0.0087  0.0138  0.0487  645 LEU A N   
497 C CA  . LEU A 67 ? 0.3049 0.3125 0.4181 0.0061  0.0150  0.0393  645 LEU A CA  
498 C C   . LEU A 67 ? 0.2788 0.2881 0.3814 0.0067  0.0043  0.0454  645 LEU A C   
499 O O   . LEU A 67 ? 0.2905 0.3005 0.3880 0.0049  0.0054  0.0425  645 LEU A O   
500 C CB  . LEU A 67 ? 0.2936 0.3014 0.3872 0.0036  0.0138  0.0319  645 LEU A CB  
501 C CG  . LEU A 67 ? 0.2828 0.2887 0.3784 -0.0017 0.0255  0.0229  645 LEU A CG  
502 C CD1 . LEU A 67 ? 0.3144 0.3234 0.3952 -0.0039 0.0197  0.0215  645 LEU A CD1 
503 C CD2 . LEU A 67 ? 0.2927 0.2965 0.3837 -0.0129 0.0377  0.0135  645 LEU A CD2 
504 N N   . ILE A 68 ? 0.2915 0.3005 0.3881 0.0061  -0.0046 0.0527  646 ILE A N   
505 C CA  . ILE A 68 ? 0.2958 0.3042 0.3814 0.0031  -0.0116 0.0570  646 ILE A CA  
506 C C   . ILE A 68 ? 0.3466 0.3595 0.4496 0.0024  -0.0137 0.0668  646 ILE A C   
507 O O   . ILE A 68 ? 0.3929 0.4058 0.4909 0.0023  -0.0152 0.0664  646 ILE A O   
508 C CB  . ILE A 68 ? 0.2896 0.2938 0.3592 -0.0045 -0.0164 0.0596  646 ILE A CB  
509 C CG1 . ILE A 68 ? 0.3253 0.3232 0.3845 -0.0029 -0.0105 0.0489  646 ILE A CG1 
510 C CG2 . ILE A 68 ? 0.3331 0.3353 0.3896 -0.0129 -0.0214 0.0639  646 ILE A CG2 
511 C CD1 . ILE A 68 ? 0.3221 0.3113 0.3641 -0.0137 -0.0083 0.0464  646 ILE A CD1 
512 N N   . GLU A 69 ? 0.3013 0.3186 0.4309 0.0021  -0.0133 0.0778  647 GLU A N   
513 C CA  . GLU A 69 ? 0.2777 0.3005 0.4377 0.0019  -0.0138 0.0911  647 GLU A CA  
514 C C   . GLU A 69 ? 0.3033 0.3221 0.4741 0.0068  0.0011  0.0790  647 GLU A C   
515 O O   . GLU A 69 ? 0.3349 0.3550 0.5121 0.0064  0.0006  0.0826  647 GLU A O   
516 C CB  . GLU A 69 ? 0.3051 0.3350 0.5051 0.0007  -0.0150 0.1094  647 GLU A CB  
517 C CG  . GLU A 69 ? 0.4690 0.5048 0.7198 0.0029  -0.0101 0.1250  647 GLU A CG  
518 C CD  . GLU A 69 ? 0.6348 0.6814 0.9359 0.0001  -0.0153 0.1517  647 GLU A CD  
519 O OE1 . GLU A 69 ? 0.6956 0.7466 0.9818 -0.0070 -0.0279 0.1601  647 GLU A OE1 
520 O OE2 . GLU A 69 ? 0.6829 0.7336 1.0430 0.0039  -0.0059 0.1657  647 GLU A OE2 
521 N N   . GLU A 70 ? 0.2781 0.2912 0.4474 0.0078  0.0152  0.0641  648 GLU A N   
522 C CA  . GLU A 70 ? 0.2872 0.2948 0.4566 0.0045  0.0314  0.0500  648 GLU A CA  
523 C C   . GLU A 70 ? 0.3499 0.3585 0.4860 0.0014  0.0229  0.0447  648 GLU A C   
524 O O   . GLU A 70 ? 0.4097 0.4166 0.5472 -0.0025 0.0298  0.0405  648 GLU A O   
525 C CB  . GLU A 70 ? 0.3340 0.3352 0.4984 -0.0006 0.0470  0.0347  648 GLU A CB  
526 C CG  . GLU A 70 ? 0.4837 0.4778 0.6367 -0.0130 0.0655  0.0175  648 GLU A CG  
527 C CD  . GLU A 70 ? 0.6141 0.6004 0.8076 -0.0146 0.0889  0.0146  648 GLU A CD  
528 O OE1 . GLU A 70 ? 0.6204 0.6083 0.8604 -0.0050 0.0915  0.0285  648 GLU A OE1 
529 O OE2 . GLU A 70 ? 0.6650 0.6437 0.8472 -0.0275 0.1055  0.0000  648 GLU A OE2 
530 N N   . SER A 71 ? 0.3355 0.3465 0.4462 0.0024  0.0097  0.0456  649 SER A N   
531 C CA  . SER A 71 ? 0.3092 0.3221 0.3991 0.0003  0.0018  0.0445  649 SER A CA  
532 C C   . SER A 71 ? 0.2942 0.3080 0.3882 0.0026  -0.0048 0.0528  649 SER A C   
533 O O   . SER A 71 ? 0.3240 0.3388 0.4106 0.0005  -0.0061 0.0514  649 SER A O   
534 C CB  . SER A 71 ? 0.3053 0.3190 0.3811 0.0016  -0.0062 0.0451  649 SER A CB  
535 O OG  . SER A 71 ? 0.2997 0.3144 0.3723 -0.0016 -0.0020 0.0399  649 SER A OG  
536 N N   . GLN A 72 ? 0.2872 0.3020 0.3915 0.0040  -0.0105 0.0631  650 GLN A N   
537 C CA  . GLN A 72 ? 0.2772 0.2945 0.3844 0.0019  -0.0181 0.0734  650 GLN A CA  
538 C C   . GLN A 72 ? 0.2500 0.2696 0.3840 0.0034  -0.0108 0.0768  650 GLN A C   
539 O O   . GLN A 72 ? 0.3363 0.3573 0.4685 0.0024  -0.0141 0.0798  650 GLN A O   
540 C CB  . GLN A 72 ? 0.3715 0.3918 0.4804 -0.0043 -0.0282 0.0871  650 GLN A CB  
541 C CG  . GLN A 72 ? 0.4538 0.4681 0.5333 -0.0100 -0.0313 0.0813  650 GLN A CG  
542 C CD  . GLN A 72 ? 0.4527 0.4696 0.5266 -0.0232 -0.0403 0.0939  650 GLN A CD  
543 O OE1 . GLN A 72 ? 0.3958 0.4224 0.4944 -0.0264 -0.0471 0.1114  650 GLN A OE1 
544 N NE2 . GLN A 72 ? 0.4843 0.4929 0.5287 -0.0338 -0.0393 0.0866  650 GLN A NE2 
545 N N   . ASN A 73 ? 0.2523 0.2710 0.4147 0.0051  0.0021  0.0755  651 ASN A N   
546 C CA  . ASN A 73 ? 0.2398 0.2570 0.4355 0.0054  0.0164  0.0761  651 ASN A CA  
547 C C   . ASN A 73 ? 0.2764 0.2877 0.4499 0.0005  0.0268  0.0587  651 ASN A C   
548 O O   . ASN A 73 ? 0.2708 0.2810 0.4569 -0.0008 0.0328  0.0593  651 ASN A O   
549 C CB  . ASN A 73 ? 0.2302 0.2443 0.4671 0.0069  0.0340  0.0764  651 ASN A CB  
550 C CG  . ASN A 73 ? 0.2888 0.3125 0.5593 0.0094  0.0219  0.1009  651 ASN A CG  
551 O OD1 . ASN A 73 ? 0.4061 0.4290 0.7116 0.0113  0.0324  0.1048  651 ASN A OD1 
552 N ND2 . ASN A 73 ? 0.2511 0.2842 0.5107 0.0061  -0.0002 0.1184  651 ASN A ND2 
553 N N   . GLN A 74 ? 0.3069 0.3156 0.4480 -0.0045 0.0277  0.0455  652 GLN A N   
554 C CA  . GLN A 74 ? 0.3006 0.3068 0.4171 -0.0152 0.0336  0.0334  652 GLN A CA  
555 C C   . GLN A 74 ? 0.2709 0.2825 0.3691 -0.0135 0.0172  0.0401  652 GLN A C   
556 O O   . GLN A 74 ? 0.3081 0.3190 0.3976 -0.0209 0.0212  0.0355  652 GLN A O   
557 C CB  . GLN A 74 ? 0.3827 0.3888 0.4728 -0.0255 0.0353  0.0234  652 GLN A CB  
558 C CG  . GLN A 74 ? 0.5038 0.5085 0.5685 -0.0451 0.0432  0.0126  652 GLN A CG  
559 C CD  . GLN A 74 ? 0.6558 0.6489 0.7369 -0.0545 0.0705  -0.0008 652 GLN A CD  
560 O OE1 . GLN A 74 ? 0.7315 0.7167 0.8431 -0.0505 0.0887  -0.0055 652 GLN A OE1 
561 N NE2 . GLN A 74 ? 0.7038 0.6954 0.7694 -0.0678 0.0754  -0.0065 652 GLN A NE2 
562 N N   . GLN A 75 ? 0.2525 0.2678 0.3445 -0.0058 0.0013  0.0495  653 GLN A N   
563 C CA  . GLN A 75 ? 0.2601 0.2779 0.3399 -0.0046 -0.0101 0.0547  653 GLN A CA  
564 C C   . GLN A 75 ? 0.2552 0.2732 0.3485 -0.0036 -0.0089 0.0598  653 GLN A C   
565 O O   . GLN A 75 ? 0.3139 0.3326 0.3979 -0.0063 -0.0109 0.0589  653 GLN A O   
566 C CB  . GLN A 75 ? 0.2615 0.2785 0.3346 -0.0003 -0.0200 0.0604  653 GLN A CB  
567 C CG  . GLN A 75 ? 0.2325 0.2487 0.2951 -0.0006 -0.0266 0.0628  653 GLN A CG  
568 C CD  . GLN A 75 ? 0.2320 0.2514 0.2901 -0.0024 -0.0283 0.0617  653 GLN A CD  
569 O OE1 . GLN A 75 ? 0.2779 0.3006 0.3354 -0.0053 -0.0269 0.0597  653 GLN A OE1 
570 N NE2 . GLN A 75 ? 0.2650 0.2848 0.3228 -0.0025 -0.0323 0.0655  653 GLN A NE2 
571 N N   . GLU A 76 ? 0.2683 0.2870 0.3879 -0.0005 -0.0065 0.0682  654 GLU A N   
572 C CA  . GLU A 76 ? 0.2634 0.2847 0.4051 0.0001  -0.0061 0.0774  654 GLU A CA  
573 C C   . GLU A 76 ? 0.2639 0.2804 0.4172 -0.0035 0.0119  0.0666  654 GLU A C   
574 O O   . GLU A 76 ? 0.3381 0.3551 0.4945 -0.0046 0.0122  0.0684  654 GLU A O   
575 C CB  . GLU A 76 ? 0.3417 0.3684 0.5188 0.0017  -0.0095 0.0952  654 GLU A CB  
576 C CG  . GLU A 76 ? 0.4712 0.5022 0.6301 -0.0022 -0.0272 0.1062  654 GLU A CG  
577 C CD  . GLU A 76 ? 0.5381 0.5790 0.7316 -0.0064 -0.0355 0.1302  654 GLU A CD  
578 O OE1 . GLU A 76 ? 0.5196 0.5640 0.7616 -0.0025 -0.0263 0.1398  654 GLU A OE1 
579 O OE2 . GLU A 76 ? 0.5966 0.6414 0.7713 -0.0160 -0.0503 0.1407  654 GLU A OE2 
580 N N   . LYS A 77 ? 0.2960 0.3063 0.4532 -0.0081 0.0293  0.0536  655 LYS A N   
581 C CA  . LYS A 77 ? 0.3420 0.3440 0.5046 -0.0182 0.0521  0.0390  655 LYS A CA  
582 C C   . LYS A 77 ? 0.3210 0.3237 0.4401 -0.0296 0.0465  0.0298  655 LYS A C   
583 O O   . LYS A 77 ? 0.3209 0.3199 0.4386 -0.0379 0.0567  0.0234  655 LYS A O   
584 C CB  . LYS A 77 ? 0.3573 0.3502 0.5330 -0.0251 0.0757  0.0254  655 LYS A CB  
585 C CG  . LYS A 77 ? 0.3801 0.3726 0.6127 -0.0147 0.0850  0.0371  655 LYS A CG  
586 C CD  . LYS A 77 ? 0.4265 0.4056 0.6811 -0.0231 0.1171  0.0206  655 LYS A CD  
587 C CE  . LYS A 77 ? 0.4588 0.4380 0.6798 -0.0272 0.1116  0.0125  655 LYS A CE  
588 N NZ  . LYS A 77 ? 0.5036 0.4691 0.7473 -0.0360 0.1438  -0.0034 655 LYS A NZ  
589 N N   . ASN A 78 ? 0.2645 0.2729 0.3526 -0.0314 0.0305  0.0312  656 ASN A N   
590 C CA  . ASN A 78 ? 0.2804 0.2938 0.3367 -0.0427 0.0209  0.0302  656 ASN A CA  
591 C C   . ASN A 78 ? 0.3101 0.3273 0.3681 -0.0350 0.0084  0.0399  656 ASN A C   
592 O O   . ASN A 78 ? 0.3685 0.3873 0.4120 -0.0452 0.0080  0.0379  656 ASN A O   
593 C CB  . ASN A 78 ? 0.2890 0.3094 0.3271 -0.0445 0.0062  0.0354  656 ASN A CB  
594 C CG  . ASN A 78 ? 0.3135 0.3312 0.3434 -0.0565 0.0174  0.0257  656 ASN A CG  
595 O OD1 . ASN A 78 ? 0.3898 0.3988 0.4191 -0.0697 0.0384  0.0119  656 ASN A OD1 
596 N ND2 . ASN A 78 ? 0.2592 0.2828 0.2843 -0.0537 0.0059  0.0320  656 ASN A ND2 
597 N N   . GLU A 79 ? 0.3369 0.3556 0.4093 -0.0202 -0.0016 0.0503  657 GLU A N   
598 C CA  . GLU A 79 ? 0.3270 0.3480 0.3988 -0.0155 -0.0118 0.0584  657 GLU A CA  
599 C C   . GLU A 79 ? 0.3115 0.3305 0.4021 -0.0164 -0.0020 0.0581  657 GLU A C   
600 O O   . GLU A 79 ? 0.3398 0.3599 0.4227 -0.0191 -0.0051 0.0589  657 GLU A O   
601 C CB  . GLU A 79 ? 0.3464 0.3682 0.4216 -0.0071 -0.0230 0.0678  657 GLU A CB  
602 C CG  . GLU A 79 ? 0.3562 0.3779 0.4171 -0.0061 -0.0297 0.0673  657 GLU A CG  
603 C CD  . GLU A 79 ? 0.4239 0.4423 0.4847 -0.0033 -0.0340 0.0716  657 GLU A CD  
604 O OE1 . GLU A 79 ? 0.4350 0.4542 0.5062 -0.0037 -0.0345 0.0774  657 GLU A OE1 
605 O OE2 . GLU A 79 ? 0.4368 0.4517 0.4897 -0.0032 -0.0358 0.0704  657 GLU A OE2 
606 N N   . GLN A 80 ? 0.3414 0.3573 0.4630 -0.0139 0.0109  0.0586  658 GLN A N   
607 C CA  . GLN A 80 ? 0.3690 0.3820 0.5206 -0.0150 0.0250  0.0591  658 GLN A CA  
608 C C   . GLN A 80 ? 0.3342 0.3404 0.4674 -0.0289 0.0409  0.0422  658 GLN A C   
609 O O   . GLN A 80 ? 0.3125 0.3176 0.4513 -0.0313 0.0451  0.0419  658 GLN A O   
610 C CB  . GLN A 80 ? 0.5112 0.5215 0.7106 -0.0111 0.0408  0.0633  658 GLN A CB  
611 C CG  . GLN A 80 ? 0.6491 0.6511 0.8867 -0.0157 0.0683  0.0563  658 GLN A CG  
612 C CD  . GLN A 80 ? 0.7148 0.7124 1.0106 -0.0122 0.0893  0.0603  658 GLN A CD  
613 O OE1 . GLN A 80 ? 0.7610 0.7677 1.1061 -0.0030 0.0815  0.0843  658 GLN A OE1 
614 N NE2 . GLN A 80 ? 0.7052 0.6894 0.9975 -0.0221 0.1160  0.0386  658 GLN A NE2 
615 N N   . GLU A 81 ? 0.3596 0.3618 0.4679 -0.0416 0.0492  0.0284  659 GLU A N   
616 C CA  . GLU A 81 ? 0.4499 0.4461 0.5326 -0.0634 0.0642  0.0123  659 GLU A CA  
617 C C   . GLU A 81 ? 0.2814 0.2863 0.3321 -0.0686 0.0440  0.0189  659 GLU A C   
618 O O   . GLU A 81 ? 0.2969 0.2985 0.3367 -0.0820 0.0526  0.0121  659 GLU A O   
619 C CB  . GLU A 81 ? 0.4968 0.4886 0.5561 -0.0809 0.0749  -0.0009 659 GLU A CB  
620 C CG  . GLU A 81 ? 0.5790 0.5580 0.6209 -0.1099 0.1041  -0.0227 659 GLU A CG  
621 C CD  . GLU A 81 ? 0.7059 0.6767 0.7375 -0.1262 0.1226  -0.0375 659 GLU A CD  
622 O OE1 . GLU A 81 ? 0.6024 0.5780 0.6461 -0.1109 0.1118  -0.0294 659 GLU A OE1 
623 O OE2 . GLU A 81 ? 0.8860 0.8441 0.8952 -0.1570 0.1495  -0.0586 659 GLU A OE2 
624 N N   . LEU A 82 ? 0.2651 0.2802 0.3041 -0.0592 0.0194  0.0321  660 LEU A N   
625 C CA  . LEU A 82 ? 0.2870 0.3107 0.3069 -0.0624 0.0013  0.0413  660 LEU A CA  
626 C C   . LEU A 82 ? 0.3601 0.3824 0.3929 -0.0532 -0.0001 0.0455  660 LEU A C   
627 O O   . LEU A 82 ? 0.3837 0.4076 0.4029 -0.0639 -0.0009 0.0445  660 LEU A O   
628 C CB  . LEU A 82 ? 0.2838 0.3152 0.3028 -0.0520 -0.0183 0.0540  660 LEU A CB  
629 C CG  . LEU A 82 ? 0.3708 0.4108 0.3829 -0.0535 -0.0352 0.0665  660 LEU A CG  
630 C CD1 . LEU A 82 ? 0.4721 0.5213 0.4631 -0.0774 -0.0405 0.0701  660 LEU A CD1 
631 C CD2 . LEU A 82 ? 0.3963 0.4382 0.4219 -0.0391 -0.0458 0.0765  660 LEU A CD2 
632 N N   . LEU A 83 ? 0.3507 0.3714 0.4088 -0.0365 -0.0018 0.0521  661 LEU A N   
633 C CA  . LEU A 83 ? 0.3606 0.3818 0.4326 -0.0297 -0.0045 0.0587  661 LEU A CA  
634 C C   . LEU A 83 ? 0.5153 0.5299 0.6068 -0.0363 0.0168  0.0503  661 LEU A C   
635 O O   . LEU A 83 ? 0.5997 0.6091 0.7200 -0.0348 0.0334  0.0469  661 LEU A O   
636 C CB  . LEU A 83 ? 0.3009 0.3243 0.3916 -0.0170 -0.0142 0.0713  661 LEU A CB  
637 C CG  . LEU A 83 ? 0.2637 0.2889 0.3387 -0.0128 -0.0278 0.0758  661 LEU A CG  
638 C CD1 . LEU A 83 ? 0.2508 0.2774 0.3395 -0.0084 -0.0342 0.0867  661 LEU A CD1 
639 C CD2 . LEU A 83 ? 0.2846 0.3110 0.3406 -0.0137 -0.0379 0.0777  661 LEU A CD2 
640 N N   . GLY A 84 ? 0.6014 0.6155 0.6819 -0.0440 0.0187  0.0471  662 GLY A N   
641 C CA  . GLY A 84 ? 0.7560 0.7617 0.8569 -0.0517 0.0428  0.0373  662 GLY A CA  
642 C C   . GLY A 84 ? 0.8142 0.8090 0.9051 -0.0714 0.0688  0.0171  662 GLY A C   
643 O O   . GLY A 84 ? 0.7749 0.7594 0.9019 -0.0721 0.0955  0.0087  662 GLY A O   
644 N N   . GLY A 85 ? 0.8824 0.8798 0.9278 -0.0901 0.0622  0.0106  663 GLY A N   
645 C CA  . GLY A 85 ? 0.9616 0.9492 0.9848 -0.1173 0.0856  -0.0092 663 GLY A CA  
646 C C   . GLY A 85 ? 1.0254 1.0180 0.9977 -0.1469 0.0779  -0.0126 663 GLY A C   
647 O O   . GLY A 85 ? 1.0416 1.0479 0.9998 -0.1423 0.0503  0.0039  663 GLY A O   
# 
loop_
_pdbx_poly_seq_scheme.asym_id 
_pdbx_poly_seq_scheme.entity_id 
_pdbx_poly_seq_scheme.seq_id 
_pdbx_poly_seq_scheme.mon_id 
_pdbx_poly_seq_scheme.ndb_seq_num 
_pdbx_poly_seq_scheme.pdb_seq_num 
_pdbx_poly_seq_scheme.auth_seq_num 
_pdbx_poly_seq_scheme.pdb_mon_id 
_pdbx_poly_seq_scheme.auth_mon_id 
_pdbx_poly_seq_scheme.pdb_strand_id 
_pdbx_poly_seq_scheme.pdb_ins_code 
_pdbx_poly_seq_scheme.hetero 
A 1 1  MET 1  542 542 MET MET A . n 
A 1 2  GLN 2  543 543 GLN GLN A . n 
A 1 3  LEU 3  544 544 LEU LEU A . n 
A 1 4  LEU 4  545 545 LEU LEU A . n 
A 1 5  SER 5  546 546 SER SER A . n 
A 1 6  GLY 6  547 547 GLY GLY A . n 
A 1 7  ILE 7  548 548 ILE ILE A . n 
A 1 8  GLU 8  549 549 GLU GLU A . n 
A 1 9  GLN 9  550 550 GLN GLN A . n 
A 1 10 GLN 10 551 551 GLN GLN A . n 
A 1 11 GLN 11 552 552 GLN GLN A . n 
A 1 12 ASN 12 553 553 ASN ASN A . n 
A 1 13 ASN 13 554 554 ASN ASN A . n 
A 1 14 LEU 14 555 555 LEU LEU A . n 
A 1 15 LEU 15 556 556 LEU LEU A . n 
A 1 16 ARG 16 557 557 ARG ARG A . n 
A 1 17 ALA 17 558 558 ALA ALA A . n 
A 1 18 ILE 18 559 559 ILE ILE A . n 
A 1 19 GLU 19 560 560 GLU GLU A . n 
A 1 20 ALA 20 561 561 ALA ALA A . n 
A 1 21 GLN 21 562 562 GLN GLN A . n 
A 1 22 GLN 22 563 563 GLN GLN A . n 
A 1 23 HIS 23 564 564 HIS HIS A . n 
A 1 24 LEU 24 565 565 LEU LEU A . n 
A 1 25 LEU 25 566 566 LEU LEU A . n 
A 1 26 GLN 26 567 567 GLN GLN A . n 
A 1 27 LEU 27 568 568 LEU LEU A . n 
A 1 28 THR 28 569 569 THR THR A . n 
A 1 29 VAL 29 570 570 VAL VAL A . n 
A 1 30 TRP 30 571 571 TRP TRP A . n 
A 1 31 GLY 31 572 572 GLY GLY A . n 
A 1 32 ILE 32 573 573 ILE ILE A . n 
A 1 33 LYS 33 574 574 LYS LYS A . n 
A 1 34 GLN 34 575 575 GLN GLN A . n 
A 1 35 LEU 35 576 576 LEU LEU A . n 
A 1 36 GLN 36 577 577 GLN GLN A . n 
A 1 37 ALA 37 578 578 ALA ALA A . n 
A 1 38 ARG 38 579 579 ARG ARG A . n 
A 1 39 ILE 39 617 ?   ?   ?   A . n 
A 1 40 LEU 40 618 ?   ?   ?   A . n 
A 1 41 ALA 41 619 ?   ?   ?   A . n 
A 1 42 GLY 42 620 ?   ?   ?   A . n 
A 1 43 GLY 43 621 ?   ?   ?   A . n 
A 1 44 ARG 44 622 ?   ?   ?   A . n 
A 1 45 GLY 45 623 623 GLY GLY A . n 
A 1 46 GLY 46 624 624 GLY GLY A . n 
A 1 47 HIS 47 625 625 HIS HIS A . n 
A 1 48 THR 48 626 626 THR THR A . n 
A 1 49 THR 49 627 627 THR THR A . n 
A 1 50 TRP 50 628 628 TRP TRP A . n 
A 1 51 MET 51 629 629 MET MET A . n 
A 1 52 GLU 52 630 630 GLU GLU A . n 
A 1 53 TRP 53 631 631 TRP TRP A . n 
A 1 54 ASP 54 632 632 ASP ASP A . n 
A 1 55 ARG 55 633 633 ARG ARG A . n 
A 1 56 GLU 56 634 634 GLU GLU A . n 
A 1 57 ILE 57 635 635 ILE ILE A . n 
A 1 58 ASN 58 636 636 ASN ASN A . n 
A 1 59 ASN 59 637 637 ASN ASN A . n 
A 1 60 TYR 60 638 638 TYR TYR A . n 
A 1 61 THR 61 639 639 THR THR A . n 
A 1 62 SER 62 640 640 SER SER A . n 
A 1 63 LEU 63 641 641 LEU LEU A . n 
A 1 64 ILE 64 642 642 ILE ILE A . n 
A 1 65 HIS 65 643 643 HIS HIS A . n 
A 1 66 SER 66 644 644 SER SER A . n 
A 1 67 LEU 67 645 645 LEU LEU A . n 
A 1 68 ILE 68 646 646 ILE ILE A . n 
A 1 69 GLU 69 647 647 GLU GLU A . n 
A 1 70 GLU 70 648 648 GLU GLU A . n 
A 1 71 SER 71 649 649 SER SER A . n 
A 1 72 GLN 72 650 650 GLN GLN A . n 
A 1 73 ASN 73 651 651 ASN ASN A . n 
A 1 74 GLN 74 652 652 GLN GLN A . n 
A 1 75 GLN 75 653 653 GLN GLN A . n 
A 1 76 GLU 76 654 654 GLU GLU A . n 
A 1 77 LYS 77 655 655 LYS LYS A . n 
A 1 78 ASN 78 656 656 ASN ASN A . n 
A 1 79 GLU 79 657 657 GLU GLU A . n 
A 1 80 GLN 80 658 658 GLN GLN A . n 
A 1 81 GLU 81 659 659 GLU GLU A . n 
A 1 82 LEU 82 660 660 LEU LEU A . n 
A 1 83 LEU 83 661 661 LEU LEU A . n 
A 1 84 GLY 84 662 662 GLY GLY A . n 
A 1 85 GLY 85 663 663 GLY GLY A . n 
A 1 86 HIS 86 664 ?   ?   ?   A . n 
A 1 87 HIS 87 665 ?   ?   ?   A . n 
A 1 88 HIS 88 666 ?   ?   ?   A . n 
A 1 89 HIS 89 667 ?   ?   ?   A . n 
A 1 90 HIS 90 668 ?   ?   ?   A . n 
A 1 91 HIS 91 669 ?   ?   ?   A . n 
# 
loop_
_pdbx_nonpoly_scheme.asym_id 
_pdbx_nonpoly_scheme.entity_id 
_pdbx_nonpoly_scheme.mon_id 
_pdbx_nonpoly_scheme.ndb_seq_num 
_pdbx_nonpoly_scheme.pdb_seq_num 
_pdbx_nonpoly_scheme.auth_seq_num 
_pdbx_nonpoly_scheme.pdb_mon_id 
_pdbx_nonpoly_scheme.auth_mon_id 
_pdbx_nonpoly_scheme.pdb_strand_id 
_pdbx_nonpoly_scheme.pdb_ins_code 
B 2 HOH 1  701 2  HOH HOH A . 
B 2 HOH 2  702 1  HOH HOH A . 
B 2 HOH 3  703 6  HOH HOH A . 
B 2 HOH 4  704 20 HOH HOH A . 
B 2 HOH 5  705 16 HOH HOH A . 
B 2 HOH 6  706 24 HOH HOH A . 
B 2 HOH 7  707 11 HOH HOH A . 
B 2 HOH 8  708 12 HOH HOH A . 
B 2 HOH 9  709 15 HOH HOH A . 
B 2 HOH 10 710 22 HOH HOH A . 
B 2 HOH 11 711 28 HOH HOH A . 
B 2 HOH 12 712 30 HOH HOH A . 
B 2 HOH 13 713 8  HOH HOH A . 
B 2 HOH 14 714 21 HOH HOH A . 
B 2 HOH 15 715 4  HOH HOH A . 
B 2 HOH 16 716 10 HOH HOH A . 
B 2 HOH 17 717 13 HOH HOH A . 
B 2 HOH 18 718 29 HOH HOH A . 
B 2 HOH 19 719 32 HOH HOH A . 
B 2 HOH 20 720 3  HOH HOH A . 
B 2 HOH 21 721 9  HOH HOH A . 
B 2 HOH 22 722 7  HOH HOH A . 
B 2 HOH 23 723 27 HOH HOH A . 
B 2 HOH 24 724 14 HOH HOH A . 
B 2 HOH 25 725 18 HOH HOH A . 
B 2 HOH 26 726 31 HOH HOH A . 
B 2 HOH 27 727 5  HOH HOH A . 
B 2 HOH 28 728 25 HOH HOH A . 
B 2 HOH 29 729 26 HOH HOH A . 
B 2 HOH 30 730 19 HOH HOH A . 
B 2 HOH 31 731 17 HOH HOH A . 
B 2 HOH 32 732 23 HOH HOH A . 
# 
_pdbx_struct_assembly.id                   1 
_pdbx_struct_assembly.details              author_and_software_defined_assembly 
_pdbx_struct_assembly.method_details       PISA 
_pdbx_struct_assembly.oligomeric_details   trimeric 
_pdbx_struct_assembly.oligomeric_count     3 
# 
_pdbx_struct_assembly_gen.assembly_id       1 
_pdbx_struct_assembly_gen.oper_expression   1,2,3 
_pdbx_struct_assembly_gen.asym_id_list      A,B 
# 
loop_
_pdbx_struct_assembly_prop.biol_id 
_pdbx_struct_assembly_prop.type 
_pdbx_struct_assembly_prop.value 
_pdbx_struct_assembly_prop.details 
1 'ABSA (A^2)' 6340  ? 
1 MORE         -57   ? 
1 'SSA (A^2)'  12470 ? 
# 
loop_
_pdbx_struct_oper_list.id 
_pdbx_struct_oper_list.type 
_pdbx_struct_oper_list.name 
_pdbx_struct_oper_list.symmetry_operation 
_pdbx_struct_oper_list.matrix[1][1] 
_pdbx_struct_oper_list.matrix[1][2] 
_pdbx_struct_oper_list.matrix[1][3] 
_pdbx_struct_oper_list.vector[1] 
_pdbx_struct_oper_list.matrix[2][1] 
_pdbx_struct_oper_list.matrix[2][2] 
_pdbx_struct_oper_list.matrix[2][3] 
_pdbx_struct_oper_list.vector[2] 
_pdbx_struct_oper_list.matrix[3][1] 
_pdbx_struct_oper_list.matrix[3][2] 
_pdbx_struct_oper_list.matrix[3][3] 
_pdbx_struct_oper_list.vector[3] 
1 'identity operation'         1_555 x,y,z       1.0000000000  0.0000000000  0.0000000000  0.0000000000   0.0000000000  1.0000000000  0.0000000000  0.0000000000  0.0000000000  0.0000000000  1.0000000000 0.0000000000  
2 'crystal symmetry operation' 2_545 -y,x-y-1,z  -0.0346753887 0.9268070101  -0.3739336619 -10.3908035071 -0.4069841372 -0.3548240236 -0.8417029312 8.0827096768  -0.9127768235 0.1229986925  0.3894994123 -4.2500748255 
3 'crystal symmetry operation' 3_655 -x+y+1,-x,z -0.0346753887 -0.4069841372 -0.9127768235 -0.9501403256  0.9268070101  -0.3548240236 0.1229986925  13.0209627462 -0.3739336619 -0.8417029312 0.3894994123 4.5731708682 
# 
loop_
_pdbx_struct_special_symmetry.id 
_pdbx_struct_special_symmetry.PDB_model_num 
_pdbx_struct_special_symmetry.auth_asym_id 
_pdbx_struct_special_symmetry.auth_comp_id 
_pdbx_struct_special_symmetry.auth_seq_id 
_pdbx_struct_special_symmetry.PDB_ins_code 
_pdbx_struct_special_symmetry.label_asym_id 
_pdbx_struct_special_symmetry.label_comp_id 
_pdbx_struct_special_symmetry.label_seq_id 
1 1 A HOH 701 ? B HOH . 
2 1 A HOH 720 ? B HOH . 
# 
loop_
_pdbx_audit_revision_history.ordinal 
_pdbx_audit_revision_history.data_content_type 
_pdbx_audit_revision_history.major_revision 
_pdbx_audit_revision_history.minor_revision 
_pdbx_audit_revision_history.revision_date 
1 'Structure model' 1 0 2016-12-14 
2 'Structure model' 1 1 2017-01-18 
3 'Structure model' 1 2 2017-09-13 
4 'Structure model' 1 3 2019-12-25 
5 'Structure model' 1 4 2023-09-27 
# 
_pdbx_audit_revision_details.ordinal             1 
_pdbx_audit_revision_details.revision_ordinal    1 
_pdbx_audit_revision_details.data_content_type   'Structure model' 
_pdbx_audit_revision_details.provider            repository 
_pdbx_audit_revision_details.type                'Initial release' 
_pdbx_audit_revision_details.description         ? 
_pdbx_audit_revision_details.details             ? 
# 
loop_
_pdbx_audit_revision_group.ordinal 
_pdbx_audit_revision_group.revision_ordinal 
_pdbx_audit_revision_group.data_content_type 
_pdbx_audit_revision_group.group 
1 2 'Structure model' 'Database references'        
2 3 'Structure model' 'Author supporting evidence' 
3 4 'Structure model' 'Author supporting evidence' 
4 5 'Structure model' 'Data collection'            
5 5 'Structure model' 'Database references'        
6 5 'Structure model' 'Refinement description'     
# 
loop_
_pdbx_audit_revision_category.ordinal 
_pdbx_audit_revision_category.revision_ordinal 
_pdbx_audit_revision_category.data_content_type 
_pdbx_audit_revision_category.category 
1 3 'Structure model' pdbx_audit_support            
2 4 'Structure model' pdbx_audit_support            
3 5 'Structure model' chem_comp_atom                
4 5 'Structure model' chem_comp_bond                
5 5 'Structure model' database_2                    
6 5 'Structure model' pdbx_initial_refinement_model 
# 
loop_
_pdbx_audit_revision_item.ordinal 
_pdbx_audit_revision_item.revision_ordinal 
_pdbx_audit_revision_item.data_content_type 
_pdbx_audit_revision_item.item 
1 3 'Structure model' '_pdbx_audit_support.funding_organization' 
2 4 'Structure model' '_pdbx_audit_support.funding_organization' 
3 5 'Structure model' '_database_2.pdbx_DOI'                     
4 5 'Structure model' '_database_2.pdbx_database_accession'      
# 
loop_
_pdbx_refine_tls.pdbx_refine_id 
_pdbx_refine_tls.id 
_pdbx_refine_tls.details 
_pdbx_refine_tls.method 
_pdbx_refine_tls.origin_x 
_pdbx_refine_tls.origin_y 
_pdbx_refine_tls.origin_z 
_pdbx_refine_tls.T[1][1] 
_pdbx_refine_tls.T[2][2] 
_pdbx_refine_tls.T[3][3] 
_pdbx_refine_tls.T[1][2] 
_pdbx_refine_tls.T[1][3] 
_pdbx_refine_tls.T[2][3] 
_pdbx_refine_tls.L[1][1] 
_pdbx_refine_tls.L[2][2] 
_pdbx_refine_tls.L[3][3] 
_pdbx_refine_tls.L[1][2] 
_pdbx_refine_tls.L[1][3] 
_pdbx_refine_tls.L[2][3] 
_pdbx_refine_tls.S[1][1] 
_pdbx_refine_tls.S[1][2] 
_pdbx_refine_tls.S[1][3] 
_pdbx_refine_tls.S[2][1] 
_pdbx_refine_tls.S[2][2] 
_pdbx_refine_tls.S[2][3] 
_pdbx_refine_tls.S[3][1] 
_pdbx_refine_tls.S[3][2] 
_pdbx_refine_tls.S[3][3] 
'X-RAY DIFFRACTION' 1 ? refined -4.7560 0.8517  -1.3267 0.2290 0.2036 0.2684 0.0054 0.0055  -0.0284 3.5472 0.7481 4.4572 1.1784 -3.3536 -1.3720 -0.1741 0.1534  -0.1408 -0.0227 0.0422  -0.0517 0.1617 -0.1507 0.0838 
'X-RAY DIFFRACTION' 2 ? refined 3.9584  -1.5429 1.5350  0.2020 0.2108 0.3156 0.0052 -0.0019 0.0579  3.8707 3.8829 0.6866 3.8648 -1.5361 -1.5208 -0.0696 -0.1667 -0.3162 0.0604  -0.2493 -0.3233 0.0625 0.1422  0.0814 
# 
loop_
_pdbx_refine_tls_group.pdbx_refine_id 
_pdbx_refine_tls_group.id 
_pdbx_refine_tls_group.refine_tls_id 
_pdbx_refine_tls_group.beg_auth_asym_id 
_pdbx_refine_tls_group.beg_auth_seq_id 
_pdbx_refine_tls_group.beg_label_asym_id 
_pdbx_refine_tls_group.beg_label_seq_id 
_pdbx_refine_tls_group.end_auth_asym_id 
_pdbx_refine_tls_group.end_auth_seq_id 
_pdbx_refine_tls_group.end_label_asym_id 
_pdbx_refine_tls_group.end_label_seq_id 
_pdbx_refine_tls_group.selection 
_pdbx_refine_tls_group.selection_details 
'X-RAY DIFFRACTION' 1 1 ? ? ? ? ? ? ? ? ? 
;chain 'A' and (resid 542 through 624 )
;
'X-RAY DIFFRACTION' 2 2 ? ? ? ? ? ? ? ? ? 
;chain 'A' and (resid 625 through 663 )
;
# 
loop_
_software.citation_id 
_software.classification 
_software.compiler_name 
_software.compiler_version 
_software.contact_author 
_software.contact_author_email 
_software.date 
_software.description 
_software.dependencies 
_software.hardware 
_software.language 
_software.location 
_software.mods 
_software.name 
_software.os 
_software.os_version 
_software.type 
_software.version 
_software.pdbx_ordinal 
? refinement       ? ? ? ? ? ? ? ? ? ? ? PHENIX  ? ? ? '(1.10.1_2155: ???)' 1 
? 'data reduction' ? ? ? ? ? ? ? ? ? ? ? DIALS   ? ? ? .                    2 
? 'data scaling'   ? ? ? ? ? ? ? ? ? ? ? Aimless ? ? ? .                    3 
? phasing          ? ? ? ? ? ? ? ? ? ? ? PHASER  ? ? ? .                    4 
# 
loop_
_pdbx_unobs_or_zero_occ_residues.id 
_pdbx_unobs_or_zero_occ_residues.PDB_model_num 
_pdbx_unobs_or_zero_occ_residues.polymer_flag 
_pdbx_unobs_or_zero_occ_residues.occupancy_flag 
_pdbx_unobs_or_zero_occ_residues.auth_asym_id 
_pdbx_unobs_or_zero_occ_residues.auth_comp_id 
_pdbx_unobs_or_zero_occ_residues.auth_seq_id 
_pdbx_unobs_or_zero_occ_residues.PDB_ins_code 
_pdbx_unobs_or_zero_occ_residues.label_asym_id 
_pdbx_unobs_or_zero_occ_residues.label_comp_id 
_pdbx_unobs_or_zero_occ_residues.label_seq_id 
1  1 Y 1 A ILE 617 ? A ILE 39 
2  1 Y 1 A LEU 618 ? A LEU 40 
3  1 Y 1 A ALA 619 ? A ALA 41 
4  1 Y 1 A GLY 620 ? A GLY 42 
5  1 Y 1 A GLY 621 ? A GLY 43 
6  1 Y 1 A ARG 622 ? A ARG 44 
7  1 Y 1 A HIS 664 ? A HIS 86 
8  1 Y 1 A HIS 665 ? A HIS 87 
9  1 Y 1 A HIS 666 ? A HIS 88 
10 1 Y 1 A HIS 667 ? A HIS 89 
11 1 Y 1 A HIS 668 ? A HIS 90 
12 1 Y 1 A HIS 669 ? A HIS 91 
# 
loop_
_chem_comp_atom.comp_id 
_chem_comp_atom.atom_id 
_chem_comp_atom.type_symbol 
_chem_comp_atom.pdbx_aromatic_flag 
_chem_comp_atom.pdbx_stereo_config 
_chem_comp_atom.pdbx_ordinal 
ALA N    N N N 1   
ALA CA   C N S 2   
ALA C    C N N 3   
ALA O    O N N 4   
ALA CB   C N N 5   
ALA OXT  O N N 6   
ALA H    H N N 7   
ALA H2   H N N 8   
ALA HA   H N N 9   
ALA HB1  H N N 10  
ALA HB2  H N N 11  
ALA HB3  H N N 12  
ALA HXT  H N N 13  
ARG N    N N N 14  
ARG CA   C N S 15  
ARG C    C N N 16  
ARG O    O N N 17  
ARG CB   C N N 18  
ARG CG   C N N 19  
ARG CD   C N N 20  
ARG NE   N N N 21  
ARG CZ   C N N 22  
ARG NH1  N N N 23  
ARG NH2  N N N 24  
ARG OXT  O N N 25  
ARG H    H N N 26  
ARG H2   H N N 27  
ARG HA   H N N 28  
ARG HB2  H N N 29  
ARG HB3  H N N 30  
ARG HG2  H N N 31  
ARG HG3  H N N 32  
ARG HD2  H N N 33  
ARG HD3  H N N 34  
ARG HE   H N N 35  
ARG HH11 H N N 36  
ARG HH12 H N N 37  
ARG HH21 H N N 38  
ARG HH22 H N N 39  
ARG HXT  H N N 40  
ASN N    N N N 41  
ASN CA   C N S 42  
ASN C    C N N 43  
ASN O    O N N 44  
ASN CB   C N N 45  
ASN CG   C N N 46  
ASN OD1  O N N 47  
ASN ND2  N N N 48  
ASN OXT  O N N 49  
ASN H    H N N 50  
ASN H2   H N N 51  
ASN HA   H N N 52  
ASN HB2  H N N 53  
ASN HB3  H N N 54  
ASN HD21 H N N 55  
ASN HD22 H N N 56  
ASN HXT  H N N 57  
ASP N    N N N 58  
ASP CA   C N S 59  
ASP C    C N N 60  
ASP O    O N N 61  
ASP CB   C N N 62  
ASP CG   C N N 63  
ASP OD1  O N N 64  
ASP OD2  O N N 65  
ASP OXT  O N N 66  
ASP H    H N N 67  
ASP H2   H N N 68  
ASP HA   H N N 69  
ASP HB2  H N N 70  
ASP HB3  H N N 71  
ASP HD2  H N N 72  
ASP HXT  H N N 73  
GLN N    N N N 74  
GLN CA   C N S 75  
GLN C    C N N 76  
GLN O    O N N 77  
GLN CB   C N N 78  
GLN CG   C N N 79  
GLN CD   C N N 80  
GLN OE1  O N N 81  
GLN NE2  N N N 82  
GLN OXT  O N N 83  
GLN H    H N N 84  
GLN H2   H N N 85  
GLN HA   H N N 86  
GLN HB2  H N N 87  
GLN HB3  H N N 88  
GLN HG2  H N N 89  
GLN HG3  H N N 90  
GLN HE21 H N N 91  
GLN HE22 H N N 92  
GLN HXT  H N N 93  
GLU N    N N N 94  
GLU CA   C N S 95  
GLU C    C N N 96  
GLU O    O N N 97  
GLU CB   C N N 98  
GLU CG   C N N 99  
GLU CD   C N N 100 
GLU OE1  O N N 101 
GLU OE2  O N N 102 
GLU OXT  O N N 103 
GLU H    H N N 104 
GLU H2   H N N 105 
GLU HA   H N N 106 
GLU HB2  H N N 107 
GLU HB3  H N N 108 
GLU HG2  H N N 109 
GLU HG3  H N N 110 
GLU HE2  H N N 111 
GLU HXT  H N N 112 
GLY N    N N N 113 
GLY CA   C N N 114 
GLY C    C N N 115 
GLY O    O N N 116 
GLY OXT  O N N 117 
GLY H    H N N 118 
GLY H2   H N N 119 
GLY HA2  H N N 120 
GLY HA3  H N N 121 
GLY HXT  H N N 122 
HIS N    N N N 123 
HIS CA   C N S 124 
HIS C    C N N 125 
HIS O    O N N 126 
HIS CB   C N N 127 
HIS CG   C Y N 128 
HIS ND1  N Y N 129 
HIS CD2  C Y N 130 
HIS CE1  C Y N 131 
HIS NE2  N Y N 132 
HIS OXT  O N N 133 
HIS H    H N N 134 
HIS H2   H N N 135 
HIS HA   H N N 136 
HIS HB2  H N N 137 
HIS HB3  H N N 138 
HIS HD1  H N N 139 
HIS HD2  H N N 140 
HIS HE1  H N N 141 
HIS HE2  H N N 142 
HIS HXT  H N N 143 
HOH O    O N N 144 
HOH H1   H N N 145 
HOH H2   H N N 146 
ILE N    N N N 147 
ILE CA   C N S 148 
ILE C    C N N 149 
ILE O    O N N 150 
ILE CB   C N S 151 
ILE CG1  C N N 152 
ILE CG2  C N N 153 
ILE CD1  C N N 154 
ILE OXT  O N N 155 
ILE H    H N N 156 
ILE H2   H N N 157 
ILE HA   H N N 158 
ILE HB   H N N 159 
ILE HG12 H N N 160 
ILE HG13 H N N 161 
ILE HG21 H N N 162 
ILE HG22 H N N 163 
ILE HG23 H N N 164 
ILE HD11 H N N 165 
ILE HD12 H N N 166 
ILE HD13 H N N 167 
ILE HXT  H N N 168 
LEU N    N N N 169 
LEU CA   C N S 170 
LEU C    C N N 171 
LEU O    O N N 172 
LEU CB   C N N 173 
LEU CG   C N N 174 
LEU CD1  C N N 175 
LEU CD2  C N N 176 
LEU OXT  O N N 177 
LEU H    H N N 178 
LEU H2   H N N 179 
LEU HA   H N N 180 
LEU HB2  H N N 181 
LEU HB3  H N N 182 
LEU HG   H N N 183 
LEU HD11 H N N 184 
LEU HD12 H N N 185 
LEU HD13 H N N 186 
LEU HD21 H N N 187 
LEU HD22 H N N 188 
LEU HD23 H N N 189 
LEU HXT  H N N 190 
LYS N    N N N 191 
LYS CA   C N S 192 
LYS C    C N N 193 
LYS O    O N N 194 
LYS CB   C N N 195 
LYS CG   C N N 196 
LYS CD   C N N 197 
LYS CE   C N N 198 
LYS NZ   N N N 199 
LYS OXT  O N N 200 
LYS H    H N N 201 
LYS H2   H N N 202 
LYS HA   H N N 203 
LYS HB2  H N N 204 
LYS HB3  H N N 205 
LYS HG2  H N N 206 
LYS HG3  H N N 207 
LYS HD2  H N N 208 
LYS HD3  H N N 209 
LYS HE2  H N N 210 
LYS HE3  H N N 211 
LYS HZ1  H N N 212 
LYS HZ2  H N N 213 
LYS HZ3  H N N 214 
LYS HXT  H N N 215 
MET N    N N N 216 
MET CA   C N S 217 
MET C    C N N 218 
MET O    O N N 219 
MET CB   C N N 220 
MET CG   C N N 221 
MET SD   S N N 222 
MET CE   C N N 223 
MET OXT  O N N 224 
MET H    H N N 225 
MET H2   H N N 226 
MET HA   H N N 227 
MET HB2  H N N 228 
MET HB3  H N N 229 
MET HG2  H N N 230 
MET HG3  H N N 231 
MET HE1  H N N 232 
MET HE2  H N N 233 
MET HE3  H N N 234 
MET HXT  H N N 235 
SER N    N N N 236 
SER CA   C N S 237 
SER C    C N N 238 
SER O    O N N 239 
SER CB   C N N 240 
SER OG   O N N 241 
SER OXT  O N N 242 
SER H    H N N 243 
SER H2   H N N 244 
SER HA   H N N 245 
SER HB2  H N N 246 
SER HB3  H N N 247 
SER HG   H N N 248 
SER HXT  H N N 249 
THR N    N N N 250 
THR CA   C N S 251 
THR C    C N N 252 
THR O    O N N 253 
THR CB   C N R 254 
THR OG1  O N N 255 
THR CG2  C N N 256 
THR OXT  O N N 257 
THR H    H N N 258 
THR H2   H N N 259 
THR HA   H N N 260 
THR HB   H N N 261 
THR HG1  H N N 262 
THR HG21 H N N 263 
THR HG22 H N N 264 
THR HG23 H N N 265 
THR HXT  H N N 266 
TRP N    N N N 267 
TRP CA   C N S 268 
TRP C    C N N 269 
TRP O    O N N 270 
TRP CB   C N N 271 
TRP CG   C Y N 272 
TRP CD1  C Y N 273 
TRP CD2  C Y N 274 
TRP NE1  N Y N 275 
TRP CE2  C Y N 276 
TRP CE3  C Y N 277 
TRP CZ2  C Y N 278 
TRP CZ3  C Y N 279 
TRP CH2  C Y N 280 
TRP OXT  O N N 281 
TRP H    H N N 282 
TRP H2   H N N 283 
TRP HA   H N N 284 
TRP HB2  H N N 285 
TRP HB3  H N N 286 
TRP HD1  H N N 287 
TRP HE1  H N N 288 
TRP HE3  H N N 289 
TRP HZ2  H N N 290 
TRP HZ3  H N N 291 
TRP HH2  H N N 292 
TRP HXT  H N N 293 
TYR N    N N N 294 
TYR CA   C N S 295 
TYR C    C N N 296 
TYR O    O N N 297 
TYR CB   C N N 298 
TYR CG   C Y N 299 
TYR CD1  C Y N 300 
TYR CD2  C Y N 301 
TYR CE1  C Y N 302 
TYR CE2  C Y N 303 
TYR CZ   C Y N 304 
TYR OH   O N N 305 
TYR OXT  O N N 306 
TYR H    H N N 307 
TYR H2   H N N 308 
TYR HA   H N N 309 
TYR HB2  H N N 310 
TYR HB3  H N N 311 
TYR HD1  H N N 312 
TYR HD2  H N N 313 
TYR HE1  H N N 314 
TYR HE2  H N N 315 
TYR HH   H N N 316 
TYR HXT  H N N 317 
VAL N    N N N 318 
VAL CA   C N S 319 
VAL C    C N N 320 
VAL O    O N N 321 
VAL CB   C N N 322 
VAL CG1  C N N 323 
VAL CG2  C N N 324 
VAL OXT  O N N 325 
VAL H    H N N 326 
VAL H2   H N N 327 
VAL HA   H N N 328 
VAL HB   H N N 329 
VAL HG11 H N N 330 
VAL HG12 H N N 331 
VAL HG13 H N N 332 
VAL HG21 H N N 333 
VAL HG22 H N N 334 
VAL HG23 H N N 335 
VAL HXT  H N N 336 
# 
loop_
_chem_comp_bond.comp_id 
_chem_comp_bond.atom_id_1 
_chem_comp_bond.atom_id_2 
_chem_comp_bond.value_order 
_chem_comp_bond.pdbx_aromatic_flag 
_chem_comp_bond.pdbx_stereo_config 
_chem_comp_bond.pdbx_ordinal 
ALA N   CA   sing N N 1   
ALA N   H    sing N N 2   
ALA N   H2   sing N N 3   
ALA CA  C    sing N N 4   
ALA CA  CB   sing N N 5   
ALA CA  HA   sing N N 6   
ALA C   O    doub N N 7   
ALA C   OXT  sing N N 8   
ALA CB  HB1  sing N N 9   
ALA CB  HB2  sing N N 10  
ALA CB  HB3  sing N N 11  
ALA OXT HXT  sing N N 12  
ARG N   CA   sing N N 13  
ARG N   H    sing N N 14  
ARG N   H2   sing N N 15  
ARG CA  C    sing N N 16  
ARG CA  CB   sing N N 17  
ARG CA  HA   sing N N 18  
ARG C   O    doub N N 19  
ARG C   OXT  sing N N 20  
ARG CB  CG   sing N N 21  
ARG CB  HB2  sing N N 22  
ARG CB  HB3  sing N N 23  
ARG CG  CD   sing N N 24  
ARG CG  HG2  sing N N 25  
ARG CG  HG3  sing N N 26  
ARG CD  NE   sing N N 27  
ARG CD  HD2  sing N N 28  
ARG CD  HD3  sing N N 29  
ARG NE  CZ   sing N N 30  
ARG NE  HE   sing N N 31  
ARG CZ  NH1  sing N N 32  
ARG CZ  NH2  doub N N 33  
ARG NH1 HH11 sing N N 34  
ARG NH1 HH12 sing N N 35  
ARG NH2 HH21 sing N N 36  
ARG NH2 HH22 sing N N 37  
ARG OXT HXT  sing N N 38  
ASN N   CA   sing N N 39  
ASN N   H    sing N N 40  
ASN N   H2   sing N N 41  
ASN CA  C    sing N N 42  
ASN CA  CB   sing N N 43  
ASN CA  HA   sing N N 44  
ASN C   O    doub N N 45  
ASN C   OXT  sing N N 46  
ASN CB  CG   sing N N 47  
ASN CB  HB2  sing N N 48  
ASN CB  HB3  sing N N 49  
ASN CG  OD1  doub N N 50  
ASN CG  ND2  sing N N 51  
ASN ND2 HD21 sing N N 52  
ASN ND2 HD22 sing N N 53  
ASN OXT HXT  sing N N 54  
ASP N   CA   sing N N 55  
ASP N   H    sing N N 56  
ASP N   H2   sing N N 57  
ASP CA  C    sing N N 58  
ASP CA  CB   sing N N 59  
ASP CA  HA   sing N N 60  
ASP C   O    doub N N 61  
ASP C   OXT  sing N N 62  
ASP CB  CG   sing N N 63  
ASP CB  HB2  sing N N 64  
ASP CB  HB3  sing N N 65  
ASP CG  OD1  doub N N 66  
ASP CG  OD2  sing N N 67  
ASP OD2 HD2  sing N N 68  
ASP OXT HXT  sing N N 69  
GLN N   CA   sing N N 70  
GLN N   H    sing N N 71  
GLN N   H2   sing N N 72  
GLN CA  C    sing N N 73  
GLN CA  CB   sing N N 74  
GLN CA  HA   sing N N 75  
GLN C   O    doub N N 76  
GLN C   OXT  sing N N 77  
GLN CB  CG   sing N N 78  
GLN CB  HB2  sing N N 79  
GLN CB  HB3  sing N N 80  
GLN CG  CD   sing N N 81  
GLN CG  HG2  sing N N 82  
GLN CG  HG3  sing N N 83  
GLN CD  OE1  doub N N 84  
GLN CD  NE2  sing N N 85  
GLN NE2 HE21 sing N N 86  
GLN NE2 HE22 sing N N 87  
GLN OXT HXT  sing N N 88  
GLU N   CA   sing N N 89  
GLU N   H    sing N N 90  
GLU N   H2   sing N N 91  
GLU CA  C    sing N N 92  
GLU CA  CB   sing N N 93  
GLU CA  HA   sing N N 94  
GLU C   O    doub N N 95  
GLU C   OXT  sing N N 96  
GLU CB  CG   sing N N 97  
GLU CB  HB2  sing N N 98  
GLU CB  HB3  sing N N 99  
GLU CG  CD   sing N N 100 
GLU CG  HG2  sing N N 101 
GLU CG  HG3  sing N N 102 
GLU CD  OE1  doub N N 103 
GLU CD  OE2  sing N N 104 
GLU OE2 HE2  sing N N 105 
GLU OXT HXT  sing N N 106 
GLY N   CA   sing N N 107 
GLY N   H    sing N N 108 
GLY N   H2   sing N N 109 
GLY CA  C    sing N N 110 
GLY CA  HA2  sing N N 111 
GLY CA  HA3  sing N N 112 
GLY C   O    doub N N 113 
GLY C   OXT  sing N N 114 
GLY OXT HXT  sing N N 115 
HIS N   CA   sing N N 116 
HIS N   H    sing N N 117 
HIS N   H2   sing N N 118 
HIS CA  C    sing N N 119 
HIS CA  CB   sing N N 120 
HIS CA  HA   sing N N 121 
HIS C   O    doub N N 122 
HIS C   OXT  sing N N 123 
HIS CB  CG   sing N N 124 
HIS CB  HB2  sing N N 125 
HIS CB  HB3  sing N N 126 
HIS CG  ND1  sing Y N 127 
HIS CG  CD2  doub Y N 128 
HIS ND1 CE1  doub Y N 129 
HIS ND1 HD1  sing N N 130 
HIS CD2 NE2  sing Y N 131 
HIS CD2 HD2  sing N N 132 
HIS CE1 NE2  sing Y N 133 
HIS CE1 HE1  sing N N 134 
HIS NE2 HE2  sing N N 135 
HIS OXT HXT  sing N N 136 
HOH O   H1   sing N N 137 
HOH O   H2   sing N N 138 
ILE N   CA   sing N N 139 
ILE N   H    sing N N 140 
ILE N   H2   sing N N 141 
ILE CA  C    sing N N 142 
ILE CA  CB   sing N N 143 
ILE CA  HA   sing N N 144 
ILE C   O    doub N N 145 
ILE C   OXT  sing N N 146 
ILE CB  CG1  sing N N 147 
ILE CB  CG2  sing N N 148 
ILE CB  HB   sing N N 149 
ILE CG1 CD1  sing N N 150 
ILE CG1 HG12 sing N N 151 
ILE CG1 HG13 sing N N 152 
ILE CG2 HG21 sing N N 153 
ILE CG2 HG22 sing N N 154 
ILE CG2 HG23 sing N N 155 
ILE CD1 HD11 sing N N 156 
ILE CD1 HD12 sing N N 157 
ILE CD1 HD13 sing N N 158 
ILE OXT HXT  sing N N 159 
LEU N   CA   sing N N 160 
LEU N   H    sing N N 161 
LEU N   H2   sing N N 162 
LEU CA  C    sing N N 163 
LEU CA  CB   sing N N 164 
LEU CA  HA   sing N N 165 
LEU C   O    doub N N 166 
LEU C   OXT  sing N N 167 
LEU CB  CG   sing N N 168 
LEU CB  HB2  sing N N 169 
LEU CB  HB3  sing N N 170 
LEU CG  CD1  sing N N 171 
LEU CG  CD2  sing N N 172 
LEU CG  HG   sing N N 173 
LEU CD1 HD11 sing N N 174 
LEU CD1 HD12 sing N N 175 
LEU CD1 HD13 sing N N 176 
LEU CD2 HD21 sing N N 177 
LEU CD2 HD22 sing N N 178 
LEU CD2 HD23 sing N N 179 
LEU OXT HXT  sing N N 180 
LYS N   CA   sing N N 181 
LYS N   H    sing N N 182 
LYS N   H2   sing N N 183 
LYS CA  C    sing N N 184 
LYS CA  CB   sing N N 185 
LYS CA  HA   sing N N 186 
LYS C   O    doub N N 187 
LYS C   OXT  sing N N 188 
LYS CB  CG   sing N N 189 
LYS CB  HB2  sing N N 190 
LYS CB  HB3  sing N N 191 
LYS CG  CD   sing N N 192 
LYS CG  HG2  sing N N 193 
LYS CG  HG3  sing N N 194 
LYS CD  CE   sing N N 195 
LYS CD  HD2  sing N N 196 
LYS CD  HD3  sing N N 197 
LYS CE  NZ   sing N N 198 
LYS CE  HE2  sing N N 199 
LYS CE  HE3  sing N N 200 
LYS NZ  HZ1  sing N N 201 
LYS NZ  HZ2  sing N N 202 
LYS NZ  HZ3  sing N N 203 
LYS OXT HXT  sing N N 204 
MET N   CA   sing N N 205 
MET N   H    sing N N 206 
MET N   H2   sing N N 207 
MET CA  C    sing N N 208 
MET CA  CB   sing N N 209 
MET CA  HA   sing N N 210 
MET C   O    doub N N 211 
MET C   OXT  sing N N 212 
MET CB  CG   sing N N 213 
MET CB  HB2  sing N N 214 
MET CB  HB3  sing N N 215 
MET CG  SD   sing N N 216 
MET CG  HG2  sing N N 217 
MET CG  HG3  sing N N 218 
MET SD  CE   sing N N 219 
MET CE  HE1  sing N N 220 
MET CE  HE2  sing N N 221 
MET CE  HE3  sing N N 222 
MET OXT HXT  sing N N 223 
SER N   CA   sing N N 224 
SER N   H    sing N N 225 
SER N   H2   sing N N 226 
SER CA  C    sing N N 227 
SER CA  CB   sing N N 228 
SER CA  HA   sing N N 229 
SER C   O    doub N N 230 
SER C   OXT  sing N N 231 
SER CB  OG   sing N N 232 
SER CB  HB2  sing N N 233 
SER CB  HB3  sing N N 234 
SER OG  HG   sing N N 235 
SER OXT HXT  sing N N 236 
THR N   CA   sing N N 237 
THR N   H    sing N N 238 
THR N   H2   sing N N 239 
THR CA  C    sing N N 240 
THR CA  CB   sing N N 241 
THR CA  HA   sing N N 242 
THR C   O    doub N N 243 
THR C   OXT  sing N N 244 
THR CB  OG1  sing N N 245 
THR CB  CG2  sing N N 246 
THR CB  HB   sing N N 247 
THR OG1 HG1  sing N N 248 
THR CG2 HG21 sing N N 249 
THR CG2 HG22 sing N N 250 
THR CG2 HG23 sing N N 251 
THR OXT HXT  sing N N 252 
TRP N   CA   sing N N 253 
TRP N   H    sing N N 254 
TRP N   H2   sing N N 255 
TRP CA  C    sing N N 256 
TRP CA  CB   sing N N 257 
TRP CA  HA   sing N N 258 
TRP C   O    doub N N 259 
TRP C   OXT  sing N N 260 
TRP CB  CG   sing N N 261 
TRP CB  HB2  sing N N 262 
TRP CB  HB3  sing N N 263 
TRP CG  CD1  doub Y N 264 
TRP CG  CD2  sing Y N 265 
TRP CD1 NE1  sing Y N 266 
TRP CD1 HD1  sing N N 267 
TRP CD2 CE2  doub Y N 268 
TRP CD2 CE3  sing Y N 269 
TRP NE1 CE2  sing Y N 270 
TRP NE1 HE1  sing N N 271 
TRP CE2 CZ2  sing Y N 272 
TRP CE3 CZ3  doub Y N 273 
TRP CE3 HE3  sing N N 274 
TRP CZ2 CH2  doub Y N 275 
TRP CZ2 HZ2  sing N N 276 
TRP CZ3 CH2  sing Y N 277 
TRP CZ3 HZ3  sing N N 278 
TRP CH2 HH2  sing N N 279 
TRP OXT HXT  sing N N 280 
TYR N   CA   sing N N 281 
TYR N   H    sing N N 282 
TYR N   H2   sing N N 283 
TYR CA  C    sing N N 284 
TYR CA  CB   sing N N 285 
TYR CA  HA   sing N N 286 
TYR C   O    doub N N 287 
TYR C   OXT  sing N N 288 
TYR CB  CG   sing N N 289 
TYR CB  HB2  sing N N 290 
TYR CB  HB3  sing N N 291 
TYR CG  CD1  doub Y N 292 
TYR CG  CD2  sing Y N 293 
TYR CD1 CE1  sing Y N 294 
TYR CD1 HD1  sing N N 295 
TYR CD2 CE2  doub Y N 296 
TYR CD2 HD2  sing N N 297 
TYR CE1 CZ   doub Y N 298 
TYR CE1 HE1  sing N N 299 
TYR CE2 CZ   sing Y N 300 
TYR CE2 HE2  sing N N 301 
TYR CZ  OH   sing N N 302 
TYR OH  HH   sing N N 303 
TYR OXT HXT  sing N N 304 
VAL N   CA   sing N N 305 
VAL N   H    sing N N 306 
VAL N   H2   sing N N 307 
VAL CA  C    sing N N 308 
VAL CA  CB   sing N N 309 
VAL CA  HA   sing N N 310 
VAL C   O    doub N N 311 
VAL C   OXT  sing N N 312 
VAL CB  CG1  sing N N 313 
VAL CB  CG2  sing N N 314 
VAL CB  HB   sing N N 315 
VAL CG1 HG11 sing N N 316 
VAL CG1 HG12 sing N N 317 
VAL CG1 HG13 sing N N 318 
VAL CG2 HG21 sing N N 319 
VAL CG2 HG22 sing N N 320 
VAL CG2 HG23 sing N N 321 
VAL OXT HXT  sing N N 322 
# 
_pdbx_audit_support.funding_organization   
'National Institutes of Health/National Institute of General Medical Sciences (NIH/NIGMS)' 
_pdbx_audit_support.country                'United States' 
_pdbx_audit_support.grant_number           5R01GM066682 
_pdbx_audit_support.ordinal                1 
# 
_pdbx_entity_nonpoly.entity_id   2 
_pdbx_entity_nonpoly.name        water 
_pdbx_entity_nonpoly.comp_id     HOH 
# 
_pdbx_initial_refinement_model.id               1 
_pdbx_initial_refinement_model.entity_id_list   ? 
_pdbx_initial_refinement_model.type             'experimental model' 
_pdbx_initial_refinement_model.source_name      PDB 
_pdbx_initial_refinement_model.accession_code   1AIK 
_pdbx_initial_refinement_model.details          ? 
# 
